data_3KQ0
# 
_entry.id   3KQ0 
# 
_audit_conform.dict_name       mmcif_pdbx.dic 
_audit_conform.dict_version    5.399 
_audit_conform.dict_location   http://mmcif.pdb.org/dictionaries/ascii/mmcif_pdbx.dic 
# 
loop_
_database_2.database_id 
_database_2.database_code 
_database_2.pdbx_database_accession 
_database_2.pdbx_DOI 
PDB   3KQ0         pdb_00003kq0 10.2210/pdb3kq0/pdb 
RCSB  RCSB056302   ?            ?                   
WWPDB D_1000056302 ?            ?                   
# 
loop_
_pdbx_audit_revision_history.ordinal 
_pdbx_audit_revision_history.data_content_type 
_pdbx_audit_revision_history.major_revision 
_pdbx_audit_revision_history.minor_revision 
_pdbx_audit_revision_history.revision_date 
1 'Structure model' 1 0 2010-02-02 
2 'Structure model' 1 1 2011-07-13 
3 'Structure model' 2 0 2019-12-25 
4 'Structure model' 2 1 2024-11-20 
# 
_pdbx_audit_revision_details.ordinal             1 
_pdbx_audit_revision_details.revision_ordinal    1 
_pdbx_audit_revision_details.data_content_type   'Structure model' 
_pdbx_audit_revision_details.provider            repository 
_pdbx_audit_revision_details.type                'Initial release' 
_pdbx_audit_revision_details.description         ? 
_pdbx_audit_revision_details.details             ? 
# 
loop_
_pdbx_audit_revision_group.ordinal 
_pdbx_audit_revision_group.revision_ordinal 
_pdbx_audit_revision_group.data_content_type 
_pdbx_audit_revision_group.group 
1  2 'Structure model' 'Version format compliance' 
2  3 'Structure model' Advisory                    
3  3 'Structure model' 'Database references'       
4  3 'Structure model' 'Derived calculations'      
5  3 'Structure model' 'Polymer sequence'          
6  4 'Structure model' Advisory                    
7  4 'Structure model' 'Data collection'           
8  4 'Structure model' 'Database references'       
9  4 'Structure model' 'Derived calculations'      
10 4 'Structure model' 'Structure summary'         
# 
loop_
_pdbx_audit_revision_category.ordinal 
_pdbx_audit_revision_category.revision_ordinal 
_pdbx_audit_revision_category.data_content_type 
_pdbx_audit_revision_category.category 
1  3 'Structure model' entity_poly                  
2  3 'Structure model' pdbx_struct_mod_residue      
3  3 'Structure model' pdbx_unobs_or_zero_occ_atoms 
4  3 'Structure model' struct_conn                  
5  3 'Structure model' struct_ref_seq_dif           
6  4 'Structure model' chem_comp_atom               
7  4 'Structure model' chem_comp_bond               
8  4 'Structure model' database_2                   
9  4 'Structure model' pdbx_entry_details           
10 4 'Structure model' pdbx_modification_feature    
11 4 'Structure model' pdbx_unobs_or_zero_occ_atoms 
12 4 'Structure model' struct_site                  
# 
loop_
_pdbx_audit_revision_item.ordinal 
_pdbx_audit_revision_item.revision_ordinal 
_pdbx_audit_revision_item.data_content_type 
_pdbx_audit_revision_item.item 
1 3 'Structure model' '_entity_poly.pdbx_seq_one_letter_code_can'    
2 3 'Structure model' '_pdbx_struct_mod_residue.parent_comp_id'      
3 3 'Structure model' '_struct_conn.pdbx_leaving_atom_flag'          
4 4 'Structure model' '_database_2.pdbx_DOI'                         
5 4 'Structure model' '_database_2.pdbx_database_accession'          
6 4 'Structure model' '_pdbx_entry_details.has_protein_modification' 
7 4 'Structure model' '_struct_site.pdbx_auth_asym_id'               
8 4 'Structure model' '_struct_site.pdbx_auth_comp_id'               
9 4 'Structure model' '_struct_site.pdbx_auth_seq_id'                
# 
_pdbx_database_PDB_obs_spr.id               SPRSDE 
_pdbx_database_PDB_obs_spr.date             2010-02-09 
_pdbx_database_PDB_obs_spr.pdb_id           3KQ0 
_pdbx_database_PDB_obs_spr.replace_pdb_id   3BX6 
_pdbx_database_PDB_obs_spr.details          ? 
# 
_pdbx_database_status.status_code                     REL 
_pdbx_database_status.entry_id                        3KQ0 
_pdbx_database_status.recvd_initial_deposition_date   2009-11-17 
_pdbx_database_status.deposit_site                    RCSB 
_pdbx_database_status.process_site                    RCSB 
_pdbx_database_status.status_code_sf                  REL 
_pdbx_database_status.status_code_mr                  ? 
_pdbx_database_status.SG_entry                        ? 
_pdbx_database_status.pdb_format_compatible           Y 
_pdbx_database_status.status_code_cs                  ? 
_pdbx_database_status.methods_development_category    ? 
_pdbx_database_status.status_code_nmr_data            ? 
# 
_pdbx_database_related.db_name        PDB 
_pdbx_database_related.db_id          3BX6 
_pdbx_database_related.details        'Crystal structure of human alpha 1 acid glycoprotein' 
_pdbx_database_related.content_type   unspecified 
# 
loop_
_audit_author.name 
_audit_author.pdbx_ordinal 
'Schiefner, A.'   1 
'Schonfeld, D.L.' 2 
'Ravelli, R.B.G.' 3 
'Mueller, U.'     4 
'Skerra, A.'      5 
# 
_citation.id                        primary 
_citation.title                     
;The 1.8-A crystal structure of alpha1-acid glycoprotein (Orosomucoid) solved by UV RIP reveals the broad drug-binding activity of this human plasma lipocalin.
;
_citation.journal_abbrev            J.Mol.Biol. 
_citation.journal_volume            384 
_citation.page_first                393 
_citation.page_last                 405 
_citation.year                      2008 
_citation.journal_id_ASTM           JMOBAK 
_citation.country                   UK 
_citation.journal_id_ISSN           0022-2836 
_citation.journal_id_CSD            0070 
_citation.book_publisher            ? 
_citation.pdbx_database_id_PubMed   18823996 
_citation.pdbx_database_id_DOI      10.1016/j.jmb.2008.09.020 
# 
loop_
_citation_author.citation_id 
_citation_author.name 
_citation_author.ordinal 
_citation_author.identifier_ORCID 
primary 'Schonfeld, D.L.' 1 ? 
primary 'Ravelli, R.B.'   2 ? 
primary 'Mueller, U.'     3 ? 
primary 'Skerra, A.'      4 ? 
# 
loop_
_entity.id 
_entity.type 
_entity.src_method 
_entity.pdbx_description 
_entity.formula_weight 
_entity.pdbx_number_of_molecules 
_entity.pdbx_ec 
_entity.pdbx_mutation 
_entity.pdbx_fragment 
_entity.details 
1 polymer     man 'Alpha-1-acid glycoprotein 1'      22681.273 1   ? ? ? ? 
2 non-polymer syn '(2R)-2,3-dihydroxypropyl acetate' 134.130   1   ? ? ? ? 
3 non-polymer syn 'CHLORIDE ION'                     35.453    1   ? ? ? ? 
4 water       nat water                              18.015    142 ? ? ? ? 
# 
_entity_name_com.entity_id   1 
_entity_name_com.name        'AGP 1, Orosomucoid-1, OMD 1' 
# 
_entity_poly.entity_id                      1 
_entity_poly.type                           'polypeptide(L)' 
_entity_poly.nstd_linkage                   no 
_entity_poly.nstd_monomer                   yes 
_entity_poly.pdbx_seq_one_letter_code       
;(PCA)IPLCANLVPVPITNATLDQITGKWFYIASAFRNEEYNKSVQEIQATFFYFTPNKTEDTIFLREYQTRQDQCIYNT
TYLNVQRENGTISRYVGGQEHFAHLLILRDTKTYMLAFDVNDEKNWGLSVYADKPETTKEQLGEFYEALDCLRIPKSDVV
YTDWKKDKCEPLEKQHEKERKQEEGESAWSHPQFEK
;
_entity_poly.pdbx_seq_one_letter_code_can   
;QIPLCANLVPVPITNATLDQITGKWFYIASAFRNEEYNKSVQEIQATFFYFTPNKTEDTIFLREYQTRQDQCIYNTTYLN
VQRENGTISRYVGGQEHFAHLLILRDTKTYMLAFDVNDEKNWGLSVYADKPETTKEQLGEFYEALDCLRIPKSDVVYTDW
KKDKCEPLEKQHEKERKQEEGESAWSHPQFEK
;
_entity_poly.pdbx_strand_id                 A 
_entity_poly.pdbx_target_identifier         ? 
# 
loop_
_pdbx_entity_nonpoly.entity_id 
_pdbx_entity_nonpoly.name 
_pdbx_entity_nonpoly.comp_id 
2 '(2R)-2,3-dihydroxypropyl acetate' JIM 
3 'CHLORIDE ION'                     CL  
4 water                              HOH 
# 
loop_
_entity_poly_seq.entity_id 
_entity_poly_seq.num 
_entity_poly_seq.mon_id 
_entity_poly_seq.hetero 
1 1   PCA n 
1 2   ILE n 
1 3   PRO n 
1 4   LEU n 
1 5   CYS n 
1 6   ALA n 
1 7   ASN n 
1 8   LEU n 
1 9   VAL n 
1 10  PRO n 
1 11  VAL n 
1 12  PRO n 
1 13  ILE n 
1 14  THR n 
1 15  ASN n 
1 16  ALA n 
1 17  THR n 
1 18  LEU n 
1 19  ASP n 
1 20  GLN n 
1 21  ILE n 
1 22  THR n 
1 23  GLY n 
1 24  LYS n 
1 25  TRP n 
1 26  PHE n 
1 27  TYR n 
1 28  ILE n 
1 29  ALA n 
1 30  SER n 
1 31  ALA n 
1 32  PHE n 
1 33  ARG n 
1 34  ASN n 
1 35  GLU n 
1 36  GLU n 
1 37  TYR n 
1 38  ASN n 
1 39  LYS n 
1 40  SER n 
1 41  VAL n 
1 42  GLN n 
1 43  GLU n 
1 44  ILE n 
1 45  GLN n 
1 46  ALA n 
1 47  THR n 
1 48  PHE n 
1 49  PHE n 
1 50  TYR n 
1 51  PHE n 
1 52  THR n 
1 53  PRO n 
1 54  ASN n 
1 55  LYS n 
1 56  THR n 
1 57  GLU n 
1 58  ASP n 
1 59  THR n 
1 60  ILE n 
1 61  PHE n 
1 62  LEU n 
1 63  ARG n 
1 64  GLU n 
1 65  TYR n 
1 66  GLN n 
1 67  THR n 
1 68  ARG n 
1 69  GLN n 
1 70  ASP n 
1 71  GLN n 
1 72  CYS n 
1 73  ILE n 
1 74  TYR n 
1 75  ASN n 
1 76  THR n 
1 77  THR n 
1 78  TYR n 
1 79  LEU n 
1 80  ASN n 
1 81  VAL n 
1 82  GLN n 
1 83  ARG n 
1 84  GLU n 
1 85  ASN n 
1 86  GLY n 
1 87  THR n 
1 88  ILE n 
1 89  SER n 
1 90  ARG n 
1 91  TYR n 
1 92  VAL n 
1 93  GLY n 
1 94  GLY n 
1 95  GLN n 
1 96  GLU n 
1 97  HIS n 
1 98  PHE n 
1 99  ALA n 
1 100 HIS n 
1 101 LEU n 
1 102 LEU n 
1 103 ILE n 
1 104 LEU n 
1 105 ARG n 
1 106 ASP n 
1 107 THR n 
1 108 LYS n 
1 109 THR n 
1 110 TYR n 
1 111 MET n 
1 112 LEU n 
1 113 ALA n 
1 114 PHE n 
1 115 ASP n 
1 116 VAL n 
1 117 ASN n 
1 118 ASP n 
1 119 GLU n 
1 120 LYS n 
1 121 ASN n 
1 122 TRP n 
1 123 GLY n 
1 124 LEU n 
1 125 SER n 
1 126 VAL n 
1 127 TYR n 
1 128 ALA n 
1 129 ASP n 
1 130 LYS n 
1 131 PRO n 
1 132 GLU n 
1 133 THR n 
1 134 THR n 
1 135 LYS n 
1 136 GLU n 
1 137 GLN n 
1 138 LEU n 
1 139 GLY n 
1 140 GLU n 
1 141 PHE n 
1 142 TYR n 
1 143 GLU n 
1 144 ALA n 
1 145 LEU n 
1 146 ASP n 
1 147 CYS n 
1 148 LEU n 
1 149 ARG n 
1 150 ILE n 
1 151 PRO n 
1 152 LYS n 
1 153 SER n 
1 154 ASP n 
1 155 VAL n 
1 156 VAL n 
1 157 TYR n 
1 158 THR n 
1 159 ASP n 
1 160 TRP n 
1 161 LYS n 
1 162 LYS n 
1 163 ASP n 
1 164 LYS n 
1 165 CYS n 
1 166 GLU n 
1 167 PRO n 
1 168 LEU n 
1 169 GLU n 
1 170 LYS n 
1 171 GLN n 
1 172 HIS n 
1 173 GLU n 
1 174 LYS n 
1 175 GLU n 
1 176 ARG n 
1 177 LYS n 
1 178 GLN n 
1 179 GLU n 
1 180 GLU n 
1 181 GLY n 
1 182 GLU n 
1 183 SER n 
1 184 ALA n 
1 185 TRP n 
1 186 SER n 
1 187 HIS n 
1 188 PRO n 
1 189 GLN n 
1 190 PHE n 
1 191 GLU n 
1 192 LYS n 
# 
_entity_src_gen.entity_id                          1 
_entity_src_gen.pdbx_src_id                        1 
_entity_src_gen.pdbx_alt_source_flag               sample 
_entity_src_gen.pdbx_seq_type                      ? 
_entity_src_gen.pdbx_beg_seq_num                   ? 
_entity_src_gen.pdbx_end_seq_num                   ? 
_entity_src_gen.gene_src_common_name               human 
_entity_src_gen.gene_src_genus                     ? 
_entity_src_gen.pdbx_gene_src_gene                 'AGP-A, AGP1, ORM, ORM1' 
_entity_src_gen.gene_src_species                   ? 
_entity_src_gen.gene_src_strain                    ? 
_entity_src_gen.gene_src_tissue                    ? 
_entity_src_gen.gene_src_tissue_fraction           ? 
_entity_src_gen.gene_src_details                   ? 
_entity_src_gen.pdbx_gene_src_fragment             ? 
_entity_src_gen.pdbx_gene_src_scientific_name      'Homo sapiens' 
_entity_src_gen.pdbx_gene_src_ncbi_taxonomy_id     9606 
_entity_src_gen.pdbx_gene_src_variant              ? 
_entity_src_gen.pdbx_gene_src_cell_line            ? 
_entity_src_gen.pdbx_gene_src_atcc                 ? 
_entity_src_gen.pdbx_gene_src_organ                ? 
_entity_src_gen.pdbx_gene_src_organelle            ? 
_entity_src_gen.pdbx_gene_src_cell                 ? 
_entity_src_gen.pdbx_gene_src_cellular_location    ? 
_entity_src_gen.host_org_common_name               ? 
_entity_src_gen.pdbx_host_org_scientific_name      'Escherichia coli' 
_entity_src_gen.pdbx_host_org_ncbi_taxonomy_id     562 
_entity_src_gen.host_org_genus                     ? 
_entity_src_gen.pdbx_host_org_gene                 ? 
_entity_src_gen.pdbx_host_org_organ                ? 
_entity_src_gen.host_org_species                   ? 
_entity_src_gen.pdbx_host_org_tissue               ? 
_entity_src_gen.pdbx_host_org_tissue_fraction      ? 
_entity_src_gen.pdbx_host_org_strain               'MC4100(DELTA)SKP' 
_entity_src_gen.pdbx_host_org_variant              ? 
_entity_src_gen.pdbx_host_org_cell_line            ? 
_entity_src_gen.pdbx_host_org_atcc                 ? 
_entity_src_gen.pdbx_host_org_culture_collection   ? 
_entity_src_gen.pdbx_host_org_cell                 ? 
_entity_src_gen.pdbx_host_org_organelle            ? 
_entity_src_gen.pdbx_host_org_cellular_location    ? 
_entity_src_gen.pdbx_host_org_vector_type          Plasmid 
_entity_src_gen.pdbx_host_org_vector               ? 
_entity_src_gen.host_org_details                   ? 
_entity_src_gen.expression_system_id               ? 
_entity_src_gen.plasmid_name                       pAGP1 
_entity_src_gen.plasmid_details                    ? 
_entity_src_gen.pdbx_description                   ? 
# 
loop_
_chem_comp.id 
_chem_comp.type 
_chem_comp.mon_nstd_flag 
_chem_comp.name 
_chem_comp.pdbx_synonyms 
_chem_comp.formula 
_chem_comp.formula_weight 
ALA 'L-peptide linking' y ALANINE                            ?                         'C3 H7 N O2'     89.093  
ARG 'L-peptide linking' y ARGININE                           ?                         'C6 H15 N4 O2 1' 175.209 
ASN 'L-peptide linking' y ASPARAGINE                         ?                         'C4 H8 N2 O3'    132.118 
ASP 'L-peptide linking' y 'ASPARTIC ACID'                    ?                         'C4 H7 N O4'     133.103 
CL  non-polymer         . 'CHLORIDE ION'                     ?                         'Cl -1'          35.453  
CYS 'L-peptide linking' y CYSTEINE                           ?                         'C3 H7 N O2 S'   121.158 
GLN 'L-peptide linking' y GLUTAMINE                          ?                         'C5 H10 N2 O3'   146.144 
GLU 'L-peptide linking' y 'GLUTAMIC ACID'                    ?                         'C5 H9 N O4'     147.129 
GLY 'peptide linking'   y GLYCINE                            ?                         'C2 H5 N O2'     75.067  
HIS 'L-peptide linking' y HISTIDINE                          ?                         'C6 H10 N3 O2 1' 156.162 
HOH non-polymer         . WATER                              ?                         'H2 O'           18.015  
ILE 'L-peptide linking' y ISOLEUCINE                         ?                         'C6 H13 N O2'    131.173 
JIM non-polymer         . '(2R)-2,3-dihydroxypropyl acetate' '(1R)-1-glycerol acetate' 'C5 H10 O4'      134.130 
LEU 'L-peptide linking' y LEUCINE                            ?                         'C6 H13 N O2'    131.173 
LYS 'L-peptide linking' y LYSINE                             ?                         'C6 H15 N2 O2 1' 147.195 
MET 'L-peptide linking' y METHIONINE                         ?                         'C5 H11 N O2 S'  149.211 
PCA 'L-peptide linking' n 'PYROGLUTAMIC ACID'                ?                         'C5 H7 N O3'     129.114 
PHE 'L-peptide linking' y PHENYLALANINE                      ?                         'C9 H11 N O2'    165.189 
PRO 'L-peptide linking' y PROLINE                            ?                         'C5 H9 N O2'     115.130 
SER 'L-peptide linking' y SERINE                             ?                         'C3 H7 N O3'     105.093 
THR 'L-peptide linking' y THREONINE                          ?                         'C4 H9 N O3'     119.119 
TRP 'L-peptide linking' y TRYPTOPHAN                         ?                         'C11 H12 N2 O2'  204.225 
TYR 'L-peptide linking' y TYROSINE                           ?                         'C9 H11 N O3'    181.189 
VAL 'L-peptide linking' y VALINE                             ?                         'C5 H11 N O2'    117.146 
# 
loop_
_pdbx_poly_seq_scheme.asym_id 
_pdbx_poly_seq_scheme.entity_id 
_pdbx_poly_seq_scheme.seq_id 
_pdbx_poly_seq_scheme.mon_id 
_pdbx_poly_seq_scheme.ndb_seq_num 
_pdbx_poly_seq_scheme.pdb_seq_num 
_pdbx_poly_seq_scheme.auth_seq_num 
_pdbx_poly_seq_scheme.pdb_mon_id 
_pdbx_poly_seq_scheme.auth_mon_id 
_pdbx_poly_seq_scheme.pdb_strand_id 
_pdbx_poly_seq_scheme.pdb_ins_code 
_pdbx_poly_seq_scheme.hetero 
A 1 1   PCA 1   1   1   PCA PCA A . n 
A 1 2   ILE 2   2   2   ILE ILE A . n 
A 1 3   PRO 3   3   3   PRO PRO A . n 
A 1 4   LEU 4   4   4   LEU LEU A . n 
A 1 5   CYS 5   5   5   CYS CYS A . n 
A 1 6   ALA 6   6   6   ALA ALA A . n 
A 1 7   ASN 7   7   7   ASN ASN A . n 
A 1 8   LEU 8   8   8   LEU LEU A . n 
A 1 9   VAL 9   9   9   VAL VAL A . n 
A 1 10  PRO 10  10  10  PRO PRO A . n 
A 1 11  VAL 11  11  11  VAL VAL A . n 
A 1 12  PRO 12  12  12  PRO PRO A . n 
A 1 13  ILE 13  13  13  ILE ILE A . n 
A 1 14  THR 14  14  14  THR THR A . n 
A 1 15  ASN 15  15  15  ASN ASN A . n 
A 1 16  ALA 16  16  16  ALA ALA A . n 
A 1 17  THR 17  17  17  THR THR A . n 
A 1 18  LEU 18  18  18  LEU LEU A . n 
A 1 19  ASP 19  19  19  ASP ASP A . n 
A 1 20  GLN 20  20  20  GLN GLN A . n 
A 1 21  ILE 21  21  21  ILE ILE A . n 
A 1 22  THR 22  22  22  THR THR A . n 
A 1 23  GLY 23  23  23  GLY GLY A . n 
A 1 24  LYS 24  24  24  LYS LYS A . n 
A 1 25  TRP 25  25  25  TRP TRP A . n 
A 1 26  PHE 26  26  26  PHE PHE A . n 
A 1 27  TYR 27  27  27  TYR TYR A . n 
A 1 28  ILE 28  28  28  ILE ILE A . n 
A 1 29  ALA 29  29  29  ALA ALA A . n 
A 1 30  SER 30  30  30  SER SER A . n 
A 1 31  ALA 31  31  31  ALA ALA A . n 
A 1 32  PHE 32  32  32  PHE PHE A . n 
A 1 33  ARG 33  33  33  ARG ARG A . n 
A 1 34  ASN 34  34  34  ASN ASN A . n 
A 1 35  GLU 35  35  35  GLU GLU A . n 
A 1 36  GLU 36  36  36  GLU GLU A . n 
A 1 37  TYR 37  37  37  TYR TYR A . n 
A 1 38  ASN 38  38  38  ASN ASN A . n 
A 1 39  LYS 39  39  39  LYS LYS A . n 
A 1 40  SER 40  40  40  SER SER A . n 
A 1 41  VAL 41  41  41  VAL VAL A . n 
A 1 42  GLN 42  42  42  GLN GLN A . n 
A 1 43  GLU 43  43  43  GLU GLU A . n 
A 1 44  ILE 44  44  44  ILE ILE A . n 
A 1 45  GLN 45  45  45  GLN GLN A . n 
A 1 46  ALA 46  46  46  ALA ALA A . n 
A 1 47  THR 47  47  47  THR THR A . n 
A 1 48  PHE 48  48  48  PHE PHE A . n 
A 1 49  PHE 49  49  49  PHE PHE A . n 
A 1 50  TYR 50  50  50  TYR TYR A . n 
A 1 51  PHE 51  51  51  PHE PHE A . n 
A 1 52  THR 52  52  52  THR THR A . n 
A 1 53  PRO 53  53  53  PRO PRO A . n 
A 1 54  ASN 54  54  54  ASN ASN A . n 
A 1 55  LYS 55  55  55  LYS LYS A . n 
A 1 56  THR 56  56  56  THR THR A . n 
A 1 57  GLU 57  57  57  GLU GLU A . n 
A 1 58  ASP 58  58  58  ASP ASP A . n 
A 1 59  THR 59  59  59  THR THR A . n 
A 1 60  ILE 60  60  60  ILE ILE A . n 
A 1 61  PHE 61  61  61  PHE PHE A . n 
A 1 62  LEU 62  62  62  LEU LEU A . n 
A 1 63  ARG 63  63  63  ARG ARG A . n 
A 1 64  GLU 64  64  64  GLU GLU A . n 
A 1 65  TYR 65  65  65  TYR TYR A . n 
A 1 66  GLN 66  66  66  GLN GLN A . n 
A 1 67  THR 67  67  67  THR THR A . n 
A 1 68  ARG 68  68  68  ARG ARG A . n 
A 1 69  GLN 69  69  69  GLN GLN A . n 
A 1 70  ASP 70  70  70  ASP ASP A . n 
A 1 71  GLN 71  71  71  GLN GLN A . n 
A 1 72  CYS 72  72  72  CYS CYS A . n 
A 1 73  ILE 73  73  73  ILE ILE A . n 
A 1 74  TYR 74  74  74  TYR TYR A . n 
A 1 75  ASN 75  75  75  ASN ASN A . n 
A 1 76  THR 76  76  76  THR THR A . n 
A 1 77  THR 77  77  77  THR THR A . n 
A 1 78  TYR 78  78  78  TYR TYR A . n 
A 1 79  LEU 79  79  79  LEU LEU A . n 
A 1 80  ASN 80  80  80  ASN ASN A . n 
A 1 81  VAL 81  81  81  VAL VAL A . n 
A 1 82  GLN 82  82  82  GLN GLN A . n 
A 1 83  ARG 83  83  83  ARG ARG A . n 
A 1 84  GLU 84  84  84  GLU GLU A . n 
A 1 85  ASN 85  85  85  ASN ASN A . n 
A 1 86  GLY 86  86  86  GLY GLY A . n 
A 1 87  THR 87  87  87  THR THR A . n 
A 1 88  ILE 88  88  88  ILE ILE A . n 
A 1 89  SER 89  89  89  SER SER A . n 
A 1 90  ARG 90  90  90  ARG ARG A . n 
A 1 91  TYR 91  91  91  TYR TYR A . n 
A 1 92  VAL 92  92  92  VAL VAL A . n 
A 1 93  GLY 93  93  93  GLY GLY A . n 
A 1 94  GLY 94  94  94  GLY GLY A . n 
A 1 95  GLN 95  95  95  GLN GLN A . n 
A 1 96  GLU 96  96  96  GLU GLU A . n 
A 1 97  HIS 97  97  97  HIS HIS A . n 
A 1 98  PHE 98  98  98  PHE PHE A . n 
A 1 99  ALA 99  99  99  ALA ALA A . n 
A 1 100 HIS 100 100 100 HIS HIS A . n 
A 1 101 LEU 101 101 101 LEU LEU A . n 
A 1 102 LEU 102 102 102 LEU LEU A . n 
A 1 103 ILE 103 103 103 ILE ILE A . n 
A 1 104 LEU 104 104 104 LEU LEU A . n 
A 1 105 ARG 105 105 105 ARG ARG A . n 
A 1 106 ASP 106 106 106 ASP ASP A . n 
A 1 107 THR 107 107 107 THR THR A . n 
A 1 108 LYS 108 108 108 LYS LYS A . n 
A 1 109 THR 109 109 109 THR THR A . n 
A 1 110 TYR 110 110 110 TYR TYR A . n 
A 1 111 MET 111 111 111 MET MET A . n 
A 1 112 LEU 112 112 112 LEU LEU A . n 
A 1 113 ALA 113 113 113 ALA ALA A . n 
A 1 114 PHE 114 114 114 PHE PHE A . n 
A 1 115 ASP 115 115 115 ASP ASP A . n 
A 1 116 VAL 116 116 116 VAL VAL A . n 
A 1 117 ASN 117 117 117 ASN ASN A . n 
A 1 118 ASP 118 118 118 ASP ASP A . n 
A 1 119 GLU 119 119 119 GLU GLU A . n 
A 1 120 LYS 120 120 120 LYS LYS A . n 
A 1 121 ASN 121 121 121 ASN ASN A . n 
A 1 122 TRP 122 122 122 TRP TRP A . n 
A 1 123 GLY 123 123 123 GLY GLY A . n 
A 1 124 LEU 124 124 124 LEU LEU A . n 
A 1 125 SER 125 125 125 SER SER A . n 
A 1 126 VAL 126 126 126 VAL VAL A . n 
A 1 127 TYR 127 127 127 TYR TYR A . n 
A 1 128 ALA 128 128 128 ALA ALA A . n 
A 1 129 ASP 129 129 129 ASP ASP A . n 
A 1 130 LYS 130 130 130 LYS LYS A . n 
A 1 131 PRO 131 131 131 PRO PRO A . n 
A 1 132 GLU 132 132 132 GLU GLU A . n 
A 1 133 THR 133 133 133 THR THR A . n 
A 1 134 THR 134 134 134 THR THR A . n 
A 1 135 LYS 135 135 135 LYS LYS A . n 
A 1 136 GLU 136 136 136 GLU GLU A . n 
A 1 137 GLN 137 137 137 GLN GLN A . n 
A 1 138 LEU 138 138 138 LEU LEU A . n 
A 1 139 GLY 139 139 139 GLY GLY A . n 
A 1 140 GLU 140 140 140 GLU GLU A . n 
A 1 141 PHE 141 141 141 PHE PHE A . n 
A 1 142 TYR 142 142 142 TYR TYR A . n 
A 1 143 GLU 143 143 143 GLU GLU A . n 
A 1 144 ALA 144 144 144 ALA ALA A . n 
A 1 145 LEU 145 145 145 LEU LEU A . n 
A 1 146 ASP 146 146 146 ASP ASP A . n 
A 1 147 CYS 147 147 147 CYS CYS A . n 
A 1 148 LEU 148 148 148 LEU LEU A . n 
A 1 149 ARG 149 149 149 ARG ARG A . n 
A 1 150 ILE 150 150 150 ILE ILE A . n 
A 1 151 PRO 151 151 151 PRO PRO A . n 
A 1 152 LYS 152 152 152 LYS LYS A . n 
A 1 153 SER 153 153 153 SER SER A . n 
A 1 154 ASP 154 154 154 ASP ASP A . n 
A 1 155 VAL 155 155 155 VAL VAL A . n 
A 1 156 VAL 156 156 156 VAL VAL A . n 
A 1 157 TYR 157 157 157 TYR TYR A . n 
A 1 158 THR 158 158 158 THR THR A . n 
A 1 159 ASP 159 159 159 ASP ASP A . n 
A 1 160 TRP 160 160 160 TRP TRP A . n 
A 1 161 LYS 161 161 161 LYS LYS A . n 
A 1 162 LYS 162 162 162 LYS LYS A . n 
A 1 163 ASP 163 163 163 ASP ASP A . n 
A 1 164 LYS 164 164 164 LYS LYS A . n 
A 1 165 CYS 165 165 165 CYS CYS A . n 
A 1 166 GLU 166 166 166 GLU GLU A . n 
A 1 167 PRO 167 167 167 PRO PRO A . n 
A 1 168 LEU 168 168 168 LEU LEU A . n 
A 1 169 GLU 169 169 169 GLU GLU A . n 
A 1 170 LYS 170 170 170 LYS LYS A . n 
A 1 171 GLN 171 171 171 GLN GLN A . n 
A 1 172 HIS 172 172 172 HIS HIS A . n 
A 1 173 GLU 173 173 173 GLU GLU A . n 
A 1 174 LYS 174 174 174 LYS LYS A . n 
A 1 175 GLU 175 175 175 GLU GLU A . n 
A 1 176 ARG 176 176 ?   ?   ?   A . n 
A 1 177 LYS 177 177 ?   ?   ?   A . n 
A 1 178 GLN 178 178 ?   ?   ?   A . n 
A 1 179 GLU 179 179 ?   ?   ?   A . n 
A 1 180 GLU 180 180 ?   ?   ?   A . n 
A 1 181 GLY 181 181 ?   ?   ?   A . n 
A 1 182 GLU 182 182 ?   ?   ?   A . n 
A 1 183 SER 183 183 ?   ?   ?   A . n 
A 1 184 ALA 184 184 ?   ?   ?   A . n 
A 1 185 TRP 185 185 ?   ?   ?   A . n 
A 1 186 SER 186 186 ?   ?   ?   A . n 
A 1 187 HIS 187 187 ?   ?   ?   A . n 
A 1 188 PRO 188 188 ?   ?   ?   A . n 
A 1 189 GLN 189 189 ?   ?   ?   A . n 
A 1 190 PHE 190 190 ?   ?   ?   A . n 
A 1 191 GLU 191 191 ?   ?   ?   A . n 
A 1 192 LYS 192 192 ?   ?   ?   A . n 
# 
loop_
_pdbx_nonpoly_scheme.asym_id 
_pdbx_nonpoly_scheme.entity_id 
_pdbx_nonpoly_scheme.mon_id 
_pdbx_nonpoly_scheme.ndb_seq_num 
_pdbx_nonpoly_scheme.pdb_seq_num 
_pdbx_nonpoly_scheme.auth_seq_num 
_pdbx_nonpoly_scheme.pdb_mon_id 
_pdbx_nonpoly_scheme.auth_mon_id 
_pdbx_nonpoly_scheme.pdb_strand_id 
_pdbx_nonpoly_scheme.pdb_ins_code 
B 2 JIM 1   193 193 JIM JIM A . 
C 3 CL  1   194 194 CL  CL  A . 
D 4 HOH 1   195 195 HOH HOH A . 
D 4 HOH 2   196 196 HOH HOH A . 
D 4 HOH 3   197 197 HOH HOH A . 
D 4 HOH 4   198 198 HOH HOH A . 
D 4 HOH 5   199 199 HOH HOH A . 
D 4 HOH 6   200 200 HOH HOH A . 
D 4 HOH 7   201 201 HOH HOH A . 
D 4 HOH 8   202 202 HOH HOH A . 
D 4 HOH 9   203 203 HOH HOH A . 
D 4 HOH 10  204 204 HOH HOH A . 
D 4 HOH 11  205 205 HOH HOH A . 
D 4 HOH 12  206 206 HOH HOH A . 
D 4 HOH 13  207 207 HOH HOH A . 
D 4 HOH 14  208 208 HOH HOH A . 
D 4 HOH 15  209 209 HOH HOH A . 
D 4 HOH 16  210 210 HOH HOH A . 
D 4 HOH 17  211 211 HOH HOH A . 
D 4 HOH 18  212 212 HOH HOH A . 
D 4 HOH 19  213 213 HOH HOH A . 
D 4 HOH 20  214 214 HOH HOH A . 
D 4 HOH 21  215 215 HOH HOH A . 
D 4 HOH 22  216 216 HOH HOH A . 
D 4 HOH 23  217 217 HOH HOH A . 
D 4 HOH 24  218 218 HOH HOH A . 
D 4 HOH 25  219 219 HOH HOH A . 
D 4 HOH 26  220 220 HOH HOH A . 
D 4 HOH 27  221 221 HOH HOH A . 
D 4 HOH 28  222 222 HOH HOH A . 
D 4 HOH 29  223 223 HOH HOH A . 
D 4 HOH 30  224 224 HOH HOH A . 
D 4 HOH 31  225 225 HOH HOH A . 
D 4 HOH 32  226 226 HOH HOH A . 
D 4 HOH 33  227 227 HOH HOH A . 
D 4 HOH 34  228 228 HOH HOH A . 
D 4 HOH 35  229 229 HOH HOH A . 
D 4 HOH 36  230 230 HOH HOH A . 
D 4 HOH 37  231 231 HOH HOH A . 
D 4 HOH 38  232 232 HOH HOH A . 
D 4 HOH 39  233 233 HOH HOH A . 
D 4 HOH 40  234 234 HOH HOH A . 
D 4 HOH 41  235 235 HOH HOH A . 
D 4 HOH 42  236 236 HOH HOH A . 
D 4 HOH 43  237 237 HOH HOH A . 
D 4 HOH 44  238 238 HOH HOH A . 
D 4 HOH 45  239 239 HOH HOH A . 
D 4 HOH 46  240 240 HOH HOH A . 
D 4 HOH 47  241 241 HOH HOH A . 
D 4 HOH 48  242 242 HOH HOH A . 
D 4 HOH 49  243 243 HOH HOH A . 
D 4 HOH 50  244 244 HOH HOH A . 
D 4 HOH 51  245 245 HOH HOH A . 
D 4 HOH 52  246 246 HOH HOH A . 
D 4 HOH 53  247 247 HOH HOH A . 
D 4 HOH 54  248 248 HOH HOH A . 
D 4 HOH 55  249 249 HOH HOH A . 
D 4 HOH 56  250 250 HOH HOH A . 
D 4 HOH 57  251 251 HOH HOH A . 
D 4 HOH 58  252 252 HOH HOH A . 
D 4 HOH 59  253 253 HOH HOH A . 
D 4 HOH 60  254 254 HOH HOH A . 
D 4 HOH 61  255 255 HOH HOH A . 
D 4 HOH 62  256 256 HOH HOH A . 
D 4 HOH 63  258 258 HOH HOH A . 
D 4 HOH 64  259 259 HOH HOH A . 
D 4 HOH 65  260 260 HOH HOH A . 
D 4 HOH 66  261 261 HOH HOH A . 
D 4 HOH 67  262 262 HOH HOH A . 
D 4 HOH 68  263 263 HOH HOH A . 
D 4 HOH 69  264 264 HOH HOH A . 
D 4 HOH 70  265 265 HOH HOH A . 
D 4 HOH 71  266 266 HOH HOH A . 
D 4 HOH 72  267 267 HOH HOH A . 
D 4 HOH 73  268 268 HOH HOH A . 
D 4 HOH 74  269 269 HOH HOH A . 
D 4 HOH 75  270 270 HOH HOH A . 
D 4 HOH 76  271 271 HOH HOH A . 
D 4 HOH 77  272 272 HOH HOH A . 
D 4 HOH 78  273 273 HOH HOH A . 
D 4 HOH 79  274 274 HOH HOH A . 
D 4 HOH 80  275 275 HOH HOH A . 
D 4 HOH 81  276 276 HOH HOH A . 
D 4 HOH 82  277 277 HOH HOH A . 
D 4 HOH 83  278 278 HOH HOH A . 
D 4 HOH 84  279 279 HOH HOH A . 
D 4 HOH 85  280 280 HOH HOH A . 
D 4 HOH 86  281 281 HOH HOH A . 
D 4 HOH 87  282 282 HOH HOH A . 
D 4 HOH 88  283 283 HOH HOH A . 
D 4 HOH 89  284 284 HOH HOH A . 
D 4 HOH 90  285 285 HOH HOH A . 
D 4 HOH 91  286 286 HOH HOH A . 
D 4 HOH 92  287 287 HOH HOH A . 
D 4 HOH 93  288 288 HOH HOH A . 
D 4 HOH 94  289 289 HOH HOH A . 
D 4 HOH 95  290 290 HOH HOH A . 
D 4 HOH 96  291 291 HOH HOH A . 
D 4 HOH 97  292 292 HOH HOH A . 
D 4 HOH 98  293 293 HOH HOH A . 
D 4 HOH 99  294 294 HOH HOH A . 
D 4 HOH 100 295 295 HOH HOH A . 
D 4 HOH 101 296 296 HOH HOH A . 
D 4 HOH 102 297 297 HOH HOH A . 
D 4 HOH 103 298 298 HOH HOH A . 
D 4 HOH 104 299 299 HOH HOH A . 
D 4 HOH 105 301 301 HOH HOH A . 
D 4 HOH 106 302 302 HOH HOH A . 
D 4 HOH 107 303 303 HOH HOH A . 
D 4 HOH 108 304 304 HOH HOH A . 
D 4 HOH 109 305 305 HOH HOH A . 
D 4 HOH 110 306 306 HOH HOH A . 
D 4 HOH 111 307 307 HOH HOH A . 
D 4 HOH 112 308 308 HOH HOH A . 
D 4 HOH 113 309 309 HOH HOH A . 
D 4 HOH 114 310 310 HOH HOH A . 
D 4 HOH 115 311 311 HOH HOH A . 
D 4 HOH 116 312 312 HOH HOH A . 
D 4 HOH 117 313 313 HOH HOH A . 
D 4 HOH 118 314 314 HOH HOH A . 
D 4 HOH 119 315 315 HOH HOH A . 
D 4 HOH 120 316 316 HOH HOH A . 
D 4 HOH 121 317 317 HOH HOH A . 
D 4 HOH 122 318 318 HOH HOH A . 
D 4 HOH 123 319 319 HOH HOH A . 
D 4 HOH 124 320 320 HOH HOH A . 
D 4 HOH 125 321 321 HOH HOH A . 
D 4 HOH 126 322 322 HOH HOH A . 
D 4 HOH 127 323 323 HOH HOH A . 
D 4 HOH 128 324 324 HOH HOH A . 
D 4 HOH 129 325 325 HOH HOH A . 
D 4 HOH 130 326 326 HOH HOH A . 
D 4 HOH 131 327 327 HOH HOH A . 
D 4 HOH 132 328 328 HOH HOH A . 
D 4 HOH 133 329 329 HOH HOH A . 
D 4 HOH 134 330 330 HOH HOH A . 
D 4 HOH 135 331 331 HOH HOH A . 
D 4 HOH 136 332 332 HOH HOH A . 
D 4 HOH 137 333 333 HOH HOH A . 
D 4 HOH 138 334 334 HOH HOH A . 
D 4 HOH 139 335 335 HOH HOH A . 
D 4 HOH 140 336 336 HOH HOH A . 
D 4 HOH 141 337 337 HOH HOH A . 
D 4 HOH 142 338 338 HOH HOH A . 
# 
loop_
_pdbx_unobs_or_zero_occ_atoms.id 
_pdbx_unobs_or_zero_occ_atoms.PDB_model_num 
_pdbx_unobs_or_zero_occ_atoms.polymer_flag 
_pdbx_unobs_or_zero_occ_atoms.occupancy_flag 
_pdbx_unobs_or_zero_occ_atoms.auth_asym_id 
_pdbx_unobs_or_zero_occ_atoms.auth_comp_id 
_pdbx_unobs_or_zero_occ_atoms.auth_seq_id 
_pdbx_unobs_or_zero_occ_atoms.PDB_ins_code 
_pdbx_unobs_or_zero_occ_atoms.auth_atom_id 
_pdbx_unobs_or_zero_occ_atoms.label_alt_id 
_pdbx_unobs_or_zero_occ_atoms.label_asym_id 
_pdbx_unobs_or_zero_occ_atoms.label_comp_id 
_pdbx_unobs_or_zero_occ_atoms.label_seq_id 
_pdbx_unobs_or_zero_occ_atoms.label_atom_id 
1  1 Y 0 A LYS 39  ? CD  ? A LYS 39  CD  
2  1 Y 0 A LYS 39  ? CE  ? A LYS 39  CE  
3  1 Y 0 A LYS 39  ? NZ  ? A LYS 39  NZ  
4  1 Y 0 A GLU 173 ? CG  ? A GLU 173 CG  
5  1 Y 0 A GLU 173 ? CD  ? A GLU 173 CD  
6  1 Y 0 A GLU 173 ? OE1 ? A GLU 173 OE1 
7  1 Y 0 A GLU 173 ? OE2 ? A GLU 173 OE2 
8  1 Y 0 A LYS 174 ? CD  ? A LYS 174 CD  
9  1 Y 0 A LYS 174 ? CE  ? A LYS 174 CE  
10 1 Y 0 A LYS 174 ? NZ  ? A LYS 174 NZ  
# 
loop_
_software.name 
_software.classification 
_software.version 
_software.citation_id 
_software.pdbx_ordinal 
ADSC     'data collection' Quantum  ? 1 
SHELXD   phasing           .        ? 2 
REFMAC   refinement        5.5.0072 ? 3 
HKL-2000 'data reduction'  .        ? 4 
HKL-2000 'data scaling'    .        ? 5 
# 
_cell.entry_id           3KQ0 
_cell.length_a           78.894 
_cell.length_b           78.894 
_cell.length_c           93.384 
_cell.angle_alpha        90.00 
_cell.angle_beta         90.00 
_cell.angle_gamma        90.00 
_cell.Z_PDB              8 
_cell.pdbx_unique_axis   ? 
_cell.length_a_esd       ? 
_cell.length_b_esd       ? 
_cell.length_c_esd       ? 
_cell.angle_alpha_esd    ? 
_cell.angle_beta_esd     ? 
_cell.angle_gamma_esd    ? 
# 
_symmetry.entry_id                         3KQ0 
_symmetry.space_group_name_H-M             'P 41 21 2' 
_symmetry.pdbx_full_space_group_name_H-M   ? 
_symmetry.cell_setting                     ? 
_symmetry.Int_Tables_number                92 
_symmetry.space_group_name_Hall            ? 
# 
_exptl.entry_id          3KQ0 
_exptl.method            'X-RAY DIFFRACTION' 
_exptl.crystals_number   2 
# 
loop_
_exptl_crystal.id 
_exptl_crystal.density_meas 
_exptl_crystal.density_Matthews 
_exptl_crystal.density_percent_sol 
_exptl_crystal.description 
_exptl_crystal.F_000 
_exptl_crystal.preparation 
1 ? 3.20 61.60 
'The structure factor file contains both the native Fobs and the Fobs with UV-radiation damage (crystal condition no 2).' ? ? 
2 ? ?    ?     ? ? ? 
# 
loop_
_exptl_crystal_grow.crystal_id 
_exptl_crystal_grow.method 
_exptl_crystal_grow.temp 
_exptl_crystal_grow.temp_details 
_exptl_crystal_grow.pH 
_exptl_crystal_grow.pdbx_pH_range 
_exptl_crystal_grow.pdbx_details 
1 'VAPOR DIFFUSION, HANGING DROP' 293 ? 6.4 ? 
'1.9 M SODIUM/POTASSIUM PHOSPHATE, pH 6.4, VAPOR DIFFUSION, HANGING DROP, temperature 293K' 
2 'VAPOR DIFFUSION, HANGING DROP' 293 ? 6.9 ? 
'2.2 M SODIUM/POTASSIUM PHOSPHATE, pH 6.9, VAPOR DIFFUSION, HANGING DROP, temperature 293K' 
# 
loop_
_diffrn.id 
_diffrn.ambient_temp 
_diffrn.ambient_temp_details 
_diffrn.crystal_id 
1 100 ? 1 
2 100 ? 1 
# 
loop_
_diffrn_detector.diffrn_id 
_diffrn_detector.detector 
_diffrn_detector.type 
_diffrn_detector.pdbx_collection_date 
_diffrn_detector.details 
1 CCD 'ADSC QUANTUM 315'     2006-03-13 ? 
2 CCD 'MARMOSAIC 225 mm CCD' 2007-03-09 ? 
# 
loop_
_diffrn_radiation.diffrn_id 
_diffrn_radiation.wavelength_id 
_diffrn_radiation.pdbx_monochromatic_or_laue_m_l 
_diffrn_radiation.monochromator 
_diffrn_radiation.pdbx_diffrn_protocol 
_diffrn_radiation.pdbx_scattering_type 
1 1 M 'Single crystal' 'SINGLE WAVELENGTH' x-ray 
2 1 M 'Double crystal' 'SINGLE WAVELENGTH' x-ray 
# 
loop_
_diffrn_radiation_wavelength.id 
_diffrn_radiation_wavelength.wavelength 
_diffrn_radiation_wavelength.wt 
1 1.0054 1.0 
2 0.9184 1.0 
# 
loop_
_diffrn_source.diffrn_id 
_diffrn_source.source 
_diffrn_source.type 
_diffrn_source.pdbx_synchrotron_site 
_diffrn_source.pdbx_synchrotron_beamline 
_diffrn_source.pdbx_wavelength 
_diffrn_source.pdbx_wavelength_list 
1 SYNCHROTRON 'ESRF BEAMLINE ID23-1' ESRF  ID23-1 ? 1.0054 
2 SYNCHROTRON 'BESSY BEAMLINE 14.1'  BESSY 14.1   ? 0.9184 
# 
_reflns.entry_id                     3KQ0 
_reflns.observed_criterion_sigma_I   ? 
_reflns.observed_criterion_sigma_F   ? 
_reflns.d_resolution_low             20.0 
_reflns.d_resolution_high            1.80 
_reflns.number_obs                   26679 
_reflns.number_all                   ? 
_reflns.percent_possible_obs         97.7 
_reflns.pdbx_Rmerge_I_obs            ? 
_reflns.pdbx_Rsym_value              0.059 
_reflns.pdbx_netI_over_sigmaI        31.5 
_reflns.B_iso_Wilson_estimate        ? 
_reflns.pdbx_redundancy              9.5 
_reflns.R_free_details               ? 
_reflns.limit_h_max                  ? 
_reflns.limit_h_min                  ? 
_reflns.limit_k_max                  ? 
_reflns.limit_k_min                  ? 
_reflns.limit_l_max                  ? 
_reflns.limit_l_min                  ? 
_reflns.observed_criterion_F_max     ? 
_reflns.observed_criterion_F_min     ? 
_reflns.pdbx_chi_squared             ? 
_reflns.pdbx_scaling_rejects         ? 
_reflns.pdbx_diffrn_id               1,2 
_reflns.pdbx_ordinal                 1 
# 
_reflns_shell.d_res_high             1.80 
_reflns_shell.d_res_low              1.86 
_reflns_shell.percent_possible_all   82.3 
_reflns_shell.Rmerge_I_obs           ? 
_reflns_shell.pdbx_Rsym_value        0.406 
_reflns_shell.meanI_over_sigI_obs    3.0 
_reflns_shell.pdbx_redundancy        ? 
_reflns_shell.percent_possible_obs   ? 
_reflns_shell.number_unique_all      ? 
_reflns_shell.number_measured_all    ? 
_reflns_shell.number_measured_obs    ? 
_reflns_shell.number_unique_obs      ? 
_reflns_shell.pdbx_chi_squared       ? 
_reflns_shell.pdbx_diffrn_id         ? 
_reflns_shell.pdbx_ordinal           1 
# 
_refine.pdbx_refine_id                           'X-RAY DIFFRACTION' 
_refine.entry_id                                 3KQ0 
_refine.ls_number_reflns_obs                     25898 
_refine.ls_number_reflns_all                     ? 
_refine.pdbx_ls_sigma_I                          ? 
_refine.pdbx_ls_sigma_F                          . 
_refine.pdbx_data_cutoff_high_absF               ? 
_refine.pdbx_data_cutoff_low_absF                ? 
_refine.pdbx_data_cutoff_high_rms_absF           ? 
_refine.ls_d_res_low                             19.72 
_refine.ls_d_res_high                            1.80 
_refine.ls_percent_reflns_obs                    97.69 
_refine.ls_R_factor_obs                          0.20364 
_refine.ls_R_factor_all                          ? 
_refine.ls_R_factor_R_work                       0.20178 
_refine.ls_R_factor_R_free                       0.23963 
_refine.ls_R_factor_R_free_error                 ? 
_refine.ls_R_factor_R_free_error_details         ? 
_refine.ls_percent_reflns_R_free                 5.0 
_refine.ls_number_reflns_R_free                  1374 
_refine.ls_number_parameters                     ? 
_refine.ls_number_restraints                     ? 
_refine.occupancy_min                            ? 
_refine.occupancy_max                            ? 
_refine.correlation_coeff_Fo_to_Fc               0.954 
_refine.correlation_coeff_Fo_to_Fc_free          0.937 
_refine.B_iso_mean                               31.066 
_refine.aniso_B[1][1]                            -0.77 
_refine.aniso_B[2][2]                            -0.77 
_refine.aniso_B[3][3]                            1.54 
_refine.aniso_B[1][2]                            0.00 
_refine.aniso_B[1][3]                            0.00 
_refine.aniso_B[2][3]                            0.00 
_refine.solvent_model_details                    MASK 
_refine.solvent_model_param_ksol                 ? 
_refine.solvent_model_param_bsol                 ? 
_refine.pdbx_solvent_vdw_probe_radii             1.40 
_refine.pdbx_solvent_ion_probe_radii             0.80 
_refine.pdbx_solvent_shrinkage_radii             0.80 
_refine.pdbx_ls_cross_valid_method               THROUGHOUT 
_refine.details                                  'HYDROGENS HAVE BEEN ADDED IN THE RIDING POSITIONS' 
_refine.pdbx_starting_model                      ? 
_refine.pdbx_method_to_determine_struct          UV-RIP 
_refine.pdbx_isotropic_thermal_model             ? 
_refine.pdbx_stereochemistry_target_values       'MAXIMUM LIKELIHOOD' 
_refine.pdbx_stereochem_target_val_spec_case     ? 
_refine.pdbx_R_Free_selection_details            RANDOM 
_refine.pdbx_overall_ESU_R                       0.107 
_refine.pdbx_overall_ESU_R_Free                  0.110 
_refine.overall_SU_ML                            0.070 
_refine.pdbx_overall_phase_error                 ? 
_refine.overall_SU_B                             2.222 
_refine.ls_redundancy_reflns_obs                 ? 
_refine.B_iso_min                                ? 
_refine.B_iso_max                                ? 
_refine.overall_SU_R_Cruickshank_DPI             ? 
_refine.overall_SU_R_free                        ? 
_refine.ls_wR_factor_R_free                      ? 
_refine.ls_wR_factor_R_work                      ? 
_refine.overall_FOM_free_R_set                   ? 
_refine.overall_FOM_work_R_set                   ? 
_refine.pdbx_diffrn_id                           1 
_refine.pdbx_TLS_residual_ADP_flag               ? 
_refine.pdbx_overall_SU_R_free_Cruickshank_DPI   ? 
_refine.pdbx_overall_SU_R_Blow_DPI               ? 
_refine.pdbx_overall_SU_R_free_Blow_DPI          ? 
# 
_refine_hist.pdbx_refine_id                   'X-RAY DIFFRACTION' 
_refine_hist.cycle_id                         LAST 
_refine_hist.pdbx_number_atoms_protein        1454 
_refine_hist.pdbx_number_atoms_nucleic_acid   0 
_refine_hist.pdbx_number_atoms_ligand         10 
_refine_hist.number_atoms_solvent             142 
_refine_hist.number_atoms_total               1606 
_refine_hist.d_res_high                       1.80 
_refine_hist.d_res_low                        19.72 
# 
loop_
_refine_ls_restr.type 
_refine_ls_restr.dev_ideal 
_refine_ls_restr.dev_ideal_target 
_refine_ls_restr.weight 
_refine_ls_restr.number 
_refine_ls_restr.pdbx_refine_id 
_refine_ls_restr.pdbx_restraint_function 
r_bond_refined_d             0.028  0.022  ? 1500 'X-RAY DIFFRACTION' ? 
r_bond_other_d               ?      ?      ? ?    'X-RAY DIFFRACTION' ? 
r_angle_refined_deg          2.157  1.953  ? 2036 'X-RAY DIFFRACTION' ? 
r_angle_other_deg            ?      ?      ? ?    'X-RAY DIFFRACTION' ? 
r_dihedral_angle_1_deg       5.702  5.000  ? 174  'X-RAY DIFFRACTION' ? 
r_dihedral_angle_2_deg       37.818 25.000 ? 80   'X-RAY DIFFRACTION' ? 
r_dihedral_angle_3_deg       14.103 15.000 ? 257  'X-RAY DIFFRACTION' ? 
r_dihedral_angle_4_deg       15.740 15.000 ? 7    'X-RAY DIFFRACTION' ? 
r_chiral_restr               0.181  0.200  ? 219  'X-RAY DIFFRACTION' ? 
r_gen_planes_refined         0.012  0.021  ? 1154 'X-RAY DIFFRACTION' ? 
r_gen_planes_other           ?      ?      ? ?    'X-RAY DIFFRACTION' ? 
r_nbd_refined                ?      ?      ? ?    'X-RAY DIFFRACTION' ? 
r_nbd_other                  ?      ?      ? ?    'X-RAY DIFFRACTION' ? 
r_nbtor_refined              ?      ?      ? ?    'X-RAY DIFFRACTION' ? 
r_nbtor_other                ?      ?      ? ?    'X-RAY DIFFRACTION' ? 
r_xyhbond_nbd_refined        ?      ?      ? ?    'X-RAY DIFFRACTION' ? 
r_xyhbond_nbd_other          ?      ?      ? ?    'X-RAY DIFFRACTION' ? 
r_metal_ion_refined          ?      ?      ? ?    'X-RAY DIFFRACTION' ? 
r_metal_ion_other            ?      ?      ? ?    'X-RAY DIFFRACTION' ? 
r_symmetry_vdw_refined       ?      ?      ? ?    'X-RAY DIFFRACTION' ? 
r_symmetry_vdw_other         ?      ?      ? ?    'X-RAY DIFFRACTION' ? 
r_symmetry_hbond_refined     ?      ?      ? ?    'X-RAY DIFFRACTION' ? 
r_symmetry_hbond_other       ?      ?      ? ?    'X-RAY DIFFRACTION' ? 
r_symmetry_metal_ion_refined ?      ?      ? ?    'X-RAY DIFFRACTION' ? 
r_symmetry_metal_ion_other   ?      ?      ? ?    'X-RAY DIFFRACTION' ? 
r_mcbond_it                  1.611  1.500  ? 876  'X-RAY DIFFRACTION' ? 
r_mcbond_other               ?      ?      ? ?    'X-RAY DIFFRACTION' ? 
r_mcangle_it                 2.771  2.000  ? 1429 'X-RAY DIFFRACTION' ? 
r_scbond_it                  3.930  3.000  ? 624  'X-RAY DIFFRACTION' ? 
r_scangle_it                 6.216  4.500  ? 607  'X-RAY DIFFRACTION' ? 
r_rigid_bond_restr           ?      ?      ? ?    'X-RAY DIFFRACTION' ? 
r_sphericity_free            ?      ?      ? ?    'X-RAY DIFFRACTION' ? 
r_sphericity_bonded          ?      ?      ? ?    'X-RAY DIFFRACTION' ? 
# 
_refine_ls_shell.pdbx_refine_id                   'X-RAY DIFFRACTION' 
_refine_ls_shell.pdbx_total_number_of_bins_used   20 
_refine_ls_shell.d_res_high                       1.800 
_refine_ls_shell.d_res_low                        1.846 
_refine_ls_shell.number_reflns_R_work             1519 
_refine_ls_shell.R_factor_R_work                  0.320 
_refine_ls_shell.percent_reflns_obs               80.96 
_refine_ls_shell.R_factor_R_free                  0.424 
_refine_ls_shell.R_factor_R_free_error            ? 
_refine_ls_shell.percent_reflns_R_free            ? 
_refine_ls_shell.number_reflns_R_free             84 
_refine_ls_shell.number_reflns_all                ? 
_refine_ls_shell.R_factor_all                     ? 
_refine_ls_shell.redundancy_reflns_obs            ? 
_refine_ls_shell.number_reflns_obs                ? 
# 
_struct.entry_id                  3KQ0 
_struct.title                     'Crystal structure of human alpha1-acid glycoprotein' 
_struct.pdbx_model_details        ? 
_struct.pdbx_CASP_flag            ? 
_struct.pdbx_model_type_details   ? 
# 
_struct_keywords.entry_id        3KQ0 
_struct_keywords.pdbx_keywords   'SIGNALING PROTEIN' 
_struct_keywords.text            
;PLASMA PROTEIN, GLYCOPROTEIN, POLYMORPHISM, ACUTE PHASE PROTEIN, SECRETED, PYRROLIDONE CARBOXYLIC ACID, LIPOCALIN, SIGNALING PROTEIN
;
# 
loop_
_struct_asym.id 
_struct_asym.pdbx_blank_PDB_chainid_flag 
_struct_asym.pdbx_modified 
_struct_asym.entity_id 
_struct_asym.details 
A N N 1 ? 
B N N 2 ? 
C N N 3 ? 
D N N 4 ? 
# 
_struct_ref.id                         1 
_struct_ref.db_name                    UNP 
_struct_ref.db_code                    A1AG1_HUMAN 
_struct_ref.pdbx_db_accession          P02763 
_struct_ref.entity_id                  1 
_struct_ref.pdbx_seq_one_letter_code   
;QIPLCANLVPVPITNATLDQITGKWFYIASAFRNEEYNKSVQEIQATFFYFTPNKTEDTIFLREYQTRQDQCIYNTTYLN
VQRENGTISRYVGGQEHFAHLLILRDTKTYMLAFDVNDEKNWGLSVYADKPETTKEQLGEFYEALDCLRIPKSDVVYTDW
KKDKCEPLEKQHEKERKQEEGES
;
_struct_ref.pdbx_align_begin           19 
_struct_ref.pdbx_db_isoform            ? 
# 
_struct_ref_seq.align_id                      1 
_struct_ref_seq.ref_id                        1 
_struct_ref_seq.pdbx_PDB_id_code              3KQ0 
_struct_ref_seq.pdbx_strand_id                A 
_struct_ref_seq.seq_align_beg                 1 
_struct_ref_seq.pdbx_seq_align_beg_ins_code   ? 
_struct_ref_seq.seq_align_end                 183 
_struct_ref_seq.pdbx_seq_align_end_ins_code   ? 
_struct_ref_seq.pdbx_db_accession             P02763 
_struct_ref_seq.db_align_beg                  19 
_struct_ref_seq.pdbx_db_align_beg_ins_code    ? 
_struct_ref_seq.db_align_end                  201 
_struct_ref_seq.pdbx_db_align_end_ins_code    ? 
_struct_ref_seq.pdbx_auth_seq_align_beg       1 
_struct_ref_seq.pdbx_auth_seq_align_end       183 
# 
loop_
_struct_ref_seq_dif.align_id 
_struct_ref_seq_dif.pdbx_pdb_id_code 
_struct_ref_seq_dif.mon_id 
_struct_ref_seq_dif.pdbx_pdb_strand_id 
_struct_ref_seq_dif.seq_num 
_struct_ref_seq_dif.pdbx_pdb_ins_code 
_struct_ref_seq_dif.pdbx_seq_db_name 
_struct_ref_seq_dif.pdbx_seq_db_accession_code 
_struct_ref_seq_dif.db_mon_id 
_struct_ref_seq_dif.pdbx_seq_db_seq_num 
_struct_ref_seq_dif.details 
_struct_ref_seq_dif.pdbx_auth_seq_num 
_struct_ref_seq_dif.pdbx_ordinal 
1 3KQ0 ALA A 184 ? UNP P02763 ? ? 'expression tag' 184 1 
1 3KQ0 TRP A 185 ? UNP P02763 ? ? 'expression tag' 185 2 
1 3KQ0 SER A 186 ? UNP P02763 ? ? 'expression tag' 186 3 
1 3KQ0 HIS A 187 ? UNP P02763 ? ? 'expression tag' 187 4 
1 3KQ0 PRO A 188 ? UNP P02763 ? ? 'expression tag' 188 5 
1 3KQ0 GLN A 189 ? UNP P02763 ? ? 'expression tag' 189 6 
1 3KQ0 PHE A 190 ? UNP P02763 ? ? 'expression tag' 190 7 
1 3KQ0 GLU A 191 ? UNP P02763 ? ? 'expression tag' 191 8 
1 3KQ0 LYS A 192 ? UNP P02763 ? ? 'expression tag' 192 9 
# 
_pdbx_struct_assembly.id                   1 
_pdbx_struct_assembly.details              author_and_software_defined_assembly 
_pdbx_struct_assembly.method_details       PISA 
_pdbx_struct_assembly.oligomeric_details   monomeric 
_pdbx_struct_assembly.oligomeric_count     1 
# 
_pdbx_struct_assembly_gen.assembly_id       1 
_pdbx_struct_assembly_gen.oper_expression   1 
_pdbx_struct_assembly_gen.asym_id_list      A,B,C,D 
# 
_pdbx_struct_oper_list.id                   1 
_pdbx_struct_oper_list.type                 'identity operation' 
_pdbx_struct_oper_list.name                 1_555 
_pdbx_struct_oper_list.symmetry_operation   x,y,z 
_pdbx_struct_oper_list.matrix[1][1]         1.0000000000 
_pdbx_struct_oper_list.matrix[1][2]         0.0000000000 
_pdbx_struct_oper_list.matrix[1][3]         0.0000000000 
_pdbx_struct_oper_list.vector[1]            0.0000000000 
_pdbx_struct_oper_list.matrix[2][1]         0.0000000000 
_pdbx_struct_oper_list.matrix[2][2]         1.0000000000 
_pdbx_struct_oper_list.matrix[2][3]         0.0000000000 
_pdbx_struct_oper_list.vector[2]            0.0000000000 
_pdbx_struct_oper_list.matrix[3][1]         0.0000000000 
_pdbx_struct_oper_list.matrix[3][2]         0.0000000000 
_pdbx_struct_oper_list.matrix[3][3]         1.0000000000 
_pdbx_struct_oper_list.vector[3]            0.0000000000 
# 
_struct_biol.id        1 
_struct_biol.details   ? 
# 
loop_
_struct_conf.conf_type_id 
_struct_conf.id 
_struct_conf.pdbx_PDB_helix_id 
_struct_conf.beg_label_comp_id 
_struct_conf.beg_label_asym_id 
_struct_conf.beg_label_seq_id 
_struct_conf.pdbx_beg_PDB_ins_code 
_struct_conf.end_label_comp_id 
_struct_conf.end_label_asym_id 
_struct_conf.end_label_seq_id 
_struct_conf.pdbx_end_PDB_ins_code 
_struct_conf.beg_auth_comp_id 
_struct_conf.beg_auth_asym_id 
_struct_conf.beg_auth_seq_id 
_struct_conf.end_auth_comp_id 
_struct_conf.end_auth_asym_id 
_struct_conf.end_auth_seq_id 
_struct_conf.pdbx_PDB_helix_class 
_struct_conf.details 
_struct_conf.pdbx_PDB_helix_length 
HELX_P HELX_P1 1 CYS A 5   ? VAL A 9   ? CYS A 5   VAL A 9   5 ? 5  
HELX_P HELX_P2 2 THR A 14  ? THR A 22  ? THR A 14  THR A 22  1 ? 9  
HELX_P HELX_P3 3 ASN A 34  ? GLN A 42  ? ASN A 34  GLN A 42  1 ? 9  
HELX_P HELX_P4 4 ASP A 118 ? ASN A 121 ? ASP A 118 ASN A 121 5 ? 4  
HELX_P HELX_P5 5 LEU A 138 ? ARG A 149 ? LEU A 138 ARG A 149 1 ? 12 
HELX_P HELX_P6 6 PRO A 151 ? VAL A 155 ? PRO A 151 VAL A 155 5 ? 5  
HELX_P HELX_P7 7 ASP A 159 ? ASP A 163 ? ASP A 159 ASP A 163 5 ? 5  
HELX_P HELX_P8 8 CYS A 165 ? GLU A 175 ? CYS A 165 GLU A 175 1 ? 11 
# 
_struct_conf_type.id          HELX_P 
_struct_conf_type.criteria    ? 
_struct_conf_type.reference   ? 
# 
loop_
_struct_conn.id 
_struct_conn.conn_type_id 
_struct_conn.pdbx_leaving_atom_flag 
_struct_conn.pdbx_PDB_id 
_struct_conn.ptnr1_label_asym_id 
_struct_conn.ptnr1_label_comp_id 
_struct_conn.ptnr1_label_seq_id 
_struct_conn.ptnr1_label_atom_id 
_struct_conn.pdbx_ptnr1_label_alt_id 
_struct_conn.pdbx_ptnr1_PDB_ins_code 
_struct_conn.pdbx_ptnr1_standard_comp_id 
_struct_conn.ptnr1_symmetry 
_struct_conn.ptnr2_label_asym_id 
_struct_conn.ptnr2_label_comp_id 
_struct_conn.ptnr2_label_seq_id 
_struct_conn.ptnr2_label_atom_id 
_struct_conn.pdbx_ptnr2_label_alt_id 
_struct_conn.pdbx_ptnr2_PDB_ins_code 
_struct_conn.ptnr1_auth_asym_id 
_struct_conn.ptnr1_auth_comp_id 
_struct_conn.ptnr1_auth_seq_id 
_struct_conn.ptnr2_auth_asym_id 
_struct_conn.ptnr2_auth_comp_id 
_struct_conn.ptnr2_auth_seq_id 
_struct_conn.ptnr2_symmetry 
_struct_conn.pdbx_ptnr3_label_atom_id 
_struct_conn.pdbx_ptnr3_label_seq_id 
_struct_conn.pdbx_ptnr3_label_comp_id 
_struct_conn.pdbx_ptnr3_label_asym_id 
_struct_conn.pdbx_ptnr3_label_alt_id 
_struct_conn.pdbx_ptnr3_PDB_ins_code 
_struct_conn.details 
_struct_conn.pdbx_dist_value 
_struct_conn.pdbx_value_order 
_struct_conn.pdbx_role 
disulf1 disulf ?    ? A CYS 5  SG ? ? ? 1_555 A CYS 147 SG ? ? A CYS 5  A CYS 147 1_555 ? ? ? ? ? ? ? 2.006 ? ? 
disulf2 disulf ?    ? A CYS 72 SG ? ? ? 1_555 A CYS 165 SG ? ? A CYS 72 A CYS 165 1_555 ? ? ? ? ? ? ? 2.160 ? ? 
covale1 covale both ? A PCA 1  C  ? ? ? 1_555 A ILE 2   N  ? ? A PCA 1  A ILE 2   1_555 ? ? ? ? ? ? ? 1.322 ? ? 
# 
loop_
_struct_conn_type.id 
_struct_conn_type.criteria 
_struct_conn_type.reference 
disulf ? ? 
covale ? ? 
# 
loop_
_pdbx_modification_feature.ordinal 
_pdbx_modification_feature.label_comp_id 
_pdbx_modification_feature.label_asym_id 
_pdbx_modification_feature.label_seq_id 
_pdbx_modification_feature.label_alt_id 
_pdbx_modification_feature.modified_residue_label_comp_id 
_pdbx_modification_feature.modified_residue_label_asym_id 
_pdbx_modification_feature.modified_residue_label_seq_id 
_pdbx_modification_feature.modified_residue_label_alt_id 
_pdbx_modification_feature.auth_comp_id 
_pdbx_modification_feature.auth_asym_id 
_pdbx_modification_feature.auth_seq_id 
_pdbx_modification_feature.PDB_ins_code 
_pdbx_modification_feature.symmetry 
_pdbx_modification_feature.modified_residue_auth_comp_id 
_pdbx_modification_feature.modified_residue_auth_asym_id 
_pdbx_modification_feature.modified_residue_auth_seq_id 
_pdbx_modification_feature.modified_residue_PDB_ins_code 
_pdbx_modification_feature.modified_residue_symmetry 
_pdbx_modification_feature.comp_id_linking_atom 
_pdbx_modification_feature.modified_residue_id_linking_atom 
_pdbx_modification_feature.modified_residue_id 
_pdbx_modification_feature.ref_pcm_id 
_pdbx_modification_feature.ref_comp_id 
_pdbx_modification_feature.type 
_pdbx_modification_feature.category 
1 PCA A 1  ? .   . .   . PCA A 1  ? 1_555 .   . .   . .     .  .  GLN 1 PCA 'Pyrrolidone carboxylic acid' 
'Named protein modification' 
2 CYS A 5  ? CYS A 147 ? CYS A 5  ? 1_555 CYS A 147 ? 1_555 SG SG .   . .   None                          'Disulfide bridge' 
3 CYS A 72 ? CYS A 165 ? CYS A 72 ? 1_555 CYS A 165 ? 1_555 SG SG .   . .   None                          'Disulfide bridge' 
# 
_struct_sheet.id               A 
_struct_sheet.type             ? 
_struct_sheet.number_strands   10 
_struct_sheet.details          ? 
# 
loop_
_struct_sheet_order.sheet_id 
_struct_sheet_order.range_id_1 
_struct_sheet_order.range_id_2 
_struct_sheet_order.offset 
_struct_sheet_order.sense 
A 1 2  ? anti-parallel 
A 2 3  ? anti-parallel 
A 3 4  ? anti-parallel 
A 4 5  ? anti-parallel 
A 5 6  ? anti-parallel 
A 6 7  ? anti-parallel 
A 7 8  ? anti-parallel 
A 8 9  ? anti-parallel 
A 9 10 ? anti-parallel 
# 
loop_
_struct_sheet_range.sheet_id 
_struct_sheet_range.id 
_struct_sheet_range.beg_label_comp_id 
_struct_sheet_range.beg_label_asym_id 
_struct_sheet_range.beg_label_seq_id 
_struct_sheet_range.pdbx_beg_PDB_ins_code 
_struct_sheet_range.end_label_comp_id 
_struct_sheet_range.end_label_asym_id 
_struct_sheet_range.end_label_seq_id 
_struct_sheet_range.pdbx_end_PDB_ins_code 
_struct_sheet_range.beg_auth_comp_id 
_struct_sheet_range.beg_auth_asym_id 
_struct_sheet_range.beg_auth_seq_id 
_struct_sheet_range.end_auth_comp_id 
_struct_sheet_range.end_auth_asym_id 
_struct_sheet_range.end_auth_seq_id 
A 1  VAL A 156 ? TYR A 157 ? VAL A 156 TYR A 157 
A 2  GLY A 23  ? PHE A 32  ? GLY A 23  PHE A 32  
A 3  GLY A 123 ? ALA A 128 ? GLY A 123 ALA A 128 
A 4  THR A 109 ? PHE A 114 ? THR A 109 PHE A 114 
A 5  GLN A 95  ? ILE A 103 ? GLN A 95  ILE A 103 
A 6  THR A 87  ? VAL A 92  ? THR A 87  VAL A 92  
A 7  GLN A 71  ? GLN A 82  ? GLN A 71  GLN A 82  
A 8  THR A 59  ? ARG A 68  ? THR A 59  ARG A 68  
A 9  ILE A 44  ? ASN A 54  ? ILE A 44  ASN A 54  
A 10 GLY A 23  ? PHE A 32  ? GLY A 23  PHE A 32  
# 
loop_
_pdbx_struct_sheet_hbond.sheet_id 
_pdbx_struct_sheet_hbond.range_id_1 
_pdbx_struct_sheet_hbond.range_id_2 
_pdbx_struct_sheet_hbond.range_1_label_atom_id 
_pdbx_struct_sheet_hbond.range_1_label_comp_id 
_pdbx_struct_sheet_hbond.range_1_label_asym_id 
_pdbx_struct_sheet_hbond.range_1_label_seq_id 
_pdbx_struct_sheet_hbond.range_1_PDB_ins_code 
_pdbx_struct_sheet_hbond.range_1_auth_atom_id 
_pdbx_struct_sheet_hbond.range_1_auth_comp_id 
_pdbx_struct_sheet_hbond.range_1_auth_asym_id 
_pdbx_struct_sheet_hbond.range_1_auth_seq_id 
_pdbx_struct_sheet_hbond.range_2_label_atom_id 
_pdbx_struct_sheet_hbond.range_2_label_comp_id 
_pdbx_struct_sheet_hbond.range_2_label_asym_id 
_pdbx_struct_sheet_hbond.range_2_label_seq_id 
_pdbx_struct_sheet_hbond.range_2_PDB_ins_code 
_pdbx_struct_sheet_hbond.range_2_auth_atom_id 
_pdbx_struct_sheet_hbond.range_2_auth_comp_id 
_pdbx_struct_sheet_hbond.range_2_auth_asym_id 
_pdbx_struct_sheet_hbond.range_2_auth_seq_id 
A 1 2  O VAL A 156 ? O VAL A 156 N SER A 30  ? N SER A 30  
A 2 3  N PHE A 26  ? N PHE A 26  O ALA A 128 ? O ALA A 128 
A 3 4  O TYR A 127 ? O TYR A 127 N TYR A 110 ? N TYR A 110 
A 4 5  O MET A 111 ? O MET A 111 N LEU A 102 ? N LEU A 102 
A 5 6  O GLN A 95  ? O GLN A 95  N VAL A 92  ? N VAL A 92  
A 6 7  O THR A 87  ? O THR A 87  N GLN A 82  ? N GLN A 82  
A 7 8  O ASN A 75  ? O ASN A 75  N GLU A 64  ? N GLU A 64  
A 8 9  O TYR A 65  ? O TYR A 65  N PHE A 48  ? N PHE A 48  
A 9 10 O THR A 47  ? O THR A 47  N TYR A 27  ? N TYR A 27  
# 
loop_
_struct_site.id 
_struct_site.pdbx_evidence_code 
_struct_site.pdbx_auth_asym_id 
_struct_site.pdbx_auth_comp_id 
_struct_site.pdbx_auth_seq_id 
_struct_site.pdbx_auth_ins_code 
_struct_site.pdbx_num_residues 
_struct_site.details 
AC1 Software A JIM 193 ? 6 'BINDING SITE FOR RESIDUE JIM A 193' 
AC2 Software A CL  194 ? 4 'BINDING SITE FOR RESIDUE CL A 194'  
# 
loop_
_struct_site_gen.id 
_struct_site_gen.site_id 
_struct_site_gen.pdbx_num_res 
_struct_site_gen.label_comp_id 
_struct_site_gen.label_asym_id 
_struct_site_gen.label_seq_id 
_struct_site_gen.pdbx_auth_ins_code 
_struct_site_gen.auth_comp_id 
_struct_site_gen.auth_asym_id 
_struct_site_gen.auth_seq_id 
_struct_site_gen.label_atom_id 
_struct_site_gen.label_alt_id 
_struct_site_gen.symmetry 
_struct_site_gen.details 
1  AC1 6 PHE A 49  ? PHE A 49  . ? 1_555 ? 
2  AC1 6 ILE A 88  ? ILE A 88  . ? 1_555 ? 
3  AC1 6 ARG A 90  ? ARG A 90  . ? 1_555 ? 
4  AC1 6 LEU A 112 ? LEU A 112 . ? 1_555 ? 
5  AC1 6 PHE A 114 ? PHE A 114 . ? 1_555 ? 
6  AC1 6 HOH D .   ? HOH A 297 . ? 1_555 ? 
7  AC2 4 CYS A 5   ? CYS A 5   . ? 1_555 ? 
8  AC2 4 ALA A 6   ? ALA A 6   . ? 1_555 ? 
9  AC2 4 ASN A 7   ? ASN A 7   . ? 1_555 ? 
10 AC2 4 ALA A 144 ? ALA A 144 . ? 1_555 ? 
# 
_pdbx_entry_details.entry_id                   3KQ0 
_pdbx_entry_details.nonpolymer_details         ? 
_pdbx_entry_details.sequence_details           ? 
_pdbx_entry_details.compound_details           
'THE LIGAND JIM HAS BEEN MODELLED ACCORDING TO THE FOBS BUT WAS NOT VERIFIED BY BIOCHEMICAL METHODS' 
_pdbx_entry_details.source_details             ? 
_pdbx_entry_details.has_ligand_of_interest     ? 
_pdbx_entry_details.has_protein_modification   Y 
# 
loop_
_pdbx_validate_torsion.id 
_pdbx_validate_torsion.PDB_model_num 
_pdbx_validate_torsion.auth_comp_id 
_pdbx_validate_torsion.auth_asym_id 
_pdbx_validate_torsion.auth_seq_id 
_pdbx_validate_torsion.PDB_ins_code 
_pdbx_validate_torsion.label_alt_id 
_pdbx_validate_torsion.phi 
_pdbx_validate_torsion.psi 
1 1 THR A 107 ? ? -67.17 9.39    
2 1 ASN A 117 ? ? -94.59 -153.30 
# 
_pdbx_struct_mod_residue.id               1 
_pdbx_struct_mod_residue.label_asym_id    A 
_pdbx_struct_mod_residue.label_comp_id    PCA 
_pdbx_struct_mod_residue.label_seq_id     1 
_pdbx_struct_mod_residue.auth_asym_id     A 
_pdbx_struct_mod_residue.auth_comp_id     PCA 
_pdbx_struct_mod_residue.auth_seq_id      1 
_pdbx_struct_mod_residue.PDB_ins_code     ? 
_pdbx_struct_mod_residue.parent_comp_id   GLN 
_pdbx_struct_mod_residue.details          'PYROGLUTAMIC ACID' 
# 
loop_
_pdbx_unobs_or_zero_occ_residues.id 
_pdbx_unobs_or_zero_occ_residues.PDB_model_num 
_pdbx_unobs_or_zero_occ_residues.polymer_flag 
_pdbx_unobs_or_zero_occ_residues.occupancy_flag 
_pdbx_unobs_or_zero_occ_residues.auth_asym_id 
_pdbx_unobs_or_zero_occ_residues.auth_comp_id 
_pdbx_unobs_or_zero_occ_residues.auth_seq_id 
_pdbx_unobs_or_zero_occ_residues.PDB_ins_code 
_pdbx_unobs_or_zero_occ_residues.label_asym_id 
_pdbx_unobs_or_zero_occ_residues.label_comp_id 
_pdbx_unobs_or_zero_occ_residues.label_seq_id 
1  1 Y 1 A ARG 176 ? A ARG 176 
2  1 Y 1 A LYS 177 ? A LYS 177 
3  1 Y 1 A GLN 178 ? A GLN 178 
4  1 Y 1 A GLU 179 ? A GLU 179 
5  1 Y 1 A GLU 180 ? A GLU 180 
6  1 Y 1 A GLY 181 ? A GLY 181 
7  1 Y 1 A GLU 182 ? A GLU 182 
8  1 Y 1 A SER 183 ? A SER 183 
9  1 Y 1 A ALA 184 ? A ALA 184 
10 1 Y 1 A TRP 185 ? A TRP 185 
11 1 Y 1 A SER 186 ? A SER 186 
12 1 Y 1 A HIS 187 ? A HIS 187 
13 1 Y 1 A PRO 188 ? A PRO 188 
14 1 Y 1 A GLN 189 ? A GLN 189 
15 1 Y 1 A PHE 190 ? A PHE 190 
16 1 Y 1 A GLU 191 ? A GLU 191 
17 1 Y 1 A LYS 192 ? A LYS 192 
# 
loop_
_chem_comp_atom.comp_id 
_chem_comp_atom.atom_id 
_chem_comp_atom.type_symbol 
_chem_comp_atom.pdbx_aromatic_flag 
_chem_comp_atom.pdbx_stereo_config 
_chem_comp_atom.pdbx_ordinal 
ALA N    N  N N 1   
ALA CA   C  N S 2   
ALA C    C  N N 3   
ALA O    O  N N 4   
ALA CB   C  N N 5   
ALA OXT  O  N N 6   
ALA H    H  N N 7   
ALA H2   H  N N 8   
ALA HA   H  N N 9   
ALA HB1  H  N N 10  
ALA HB2  H  N N 11  
ALA HB3  H  N N 12  
ALA HXT  H  N N 13  
ARG N    N  N N 14  
ARG CA   C  N S 15  
ARG C    C  N N 16  
ARG O    O  N N 17  
ARG CB   C  N N 18  
ARG CG   C  N N 19  
ARG CD   C  N N 20  
ARG NE   N  N N 21  
ARG CZ   C  N N 22  
ARG NH1  N  N N 23  
ARG NH2  N  N N 24  
ARG OXT  O  N N 25  
ARG H    H  N N 26  
ARG H2   H  N N 27  
ARG HA   H  N N 28  
ARG HB2  H  N N 29  
ARG HB3  H  N N 30  
ARG HG2  H  N N 31  
ARG HG3  H  N N 32  
ARG HD2  H  N N 33  
ARG HD3  H  N N 34  
ARG HE   H  N N 35  
ARG HH11 H  N N 36  
ARG HH12 H  N N 37  
ARG HH21 H  N N 38  
ARG HH22 H  N N 39  
ARG HXT  H  N N 40  
ASN N    N  N N 41  
ASN CA   C  N S 42  
ASN C    C  N N 43  
ASN O    O  N N 44  
ASN CB   C  N N 45  
ASN CG   C  N N 46  
ASN OD1  O  N N 47  
ASN ND2  N  N N 48  
ASN OXT  O  N N 49  
ASN H    H  N N 50  
ASN H2   H  N N 51  
ASN HA   H  N N 52  
ASN HB2  H  N N 53  
ASN HB3  H  N N 54  
ASN HD21 H  N N 55  
ASN HD22 H  N N 56  
ASN HXT  H  N N 57  
ASP N    N  N N 58  
ASP CA   C  N S 59  
ASP C    C  N N 60  
ASP O    O  N N 61  
ASP CB   C  N N 62  
ASP CG   C  N N 63  
ASP OD1  O  N N 64  
ASP OD2  O  N N 65  
ASP OXT  O  N N 66  
ASP H    H  N N 67  
ASP H2   H  N N 68  
ASP HA   H  N N 69  
ASP HB2  H  N N 70  
ASP HB3  H  N N 71  
ASP HD2  H  N N 72  
ASP HXT  H  N N 73  
CL  CL   CL N N 74  
CYS N    N  N N 75  
CYS CA   C  N R 76  
CYS C    C  N N 77  
CYS O    O  N N 78  
CYS CB   C  N N 79  
CYS SG   S  N N 80  
CYS OXT  O  N N 81  
CYS H    H  N N 82  
CYS H2   H  N N 83  
CYS HA   H  N N 84  
CYS HB2  H  N N 85  
CYS HB3  H  N N 86  
CYS HG   H  N N 87  
CYS HXT  H  N N 88  
GLN N    N  N N 89  
GLN CA   C  N S 90  
GLN C    C  N N 91  
GLN O    O  N N 92  
GLN CB   C  N N 93  
GLN CG   C  N N 94  
GLN CD   C  N N 95  
GLN OE1  O  N N 96  
GLN NE2  N  N N 97  
GLN OXT  O  N N 98  
GLN H    H  N N 99  
GLN H2   H  N N 100 
GLN HA   H  N N 101 
GLN HB2  H  N N 102 
GLN HB3  H  N N 103 
GLN HG2  H  N N 104 
GLN HG3  H  N N 105 
GLN HE21 H  N N 106 
GLN HE22 H  N N 107 
GLN HXT  H  N N 108 
GLU N    N  N N 109 
GLU CA   C  N S 110 
GLU C    C  N N 111 
GLU O    O  N N 112 
GLU CB   C  N N 113 
GLU CG   C  N N 114 
GLU CD   C  N N 115 
GLU OE1  O  N N 116 
GLU OE2  O  N N 117 
GLU OXT  O  N N 118 
GLU H    H  N N 119 
GLU H2   H  N N 120 
GLU HA   H  N N 121 
GLU HB2  H  N N 122 
GLU HB3  H  N N 123 
GLU HG2  H  N N 124 
GLU HG3  H  N N 125 
GLU HE2  H  N N 126 
GLU HXT  H  N N 127 
GLY N    N  N N 128 
GLY CA   C  N N 129 
GLY C    C  N N 130 
GLY O    O  N N 131 
GLY OXT  O  N N 132 
GLY H    H  N N 133 
GLY H2   H  N N 134 
GLY HA2  H  N N 135 
GLY HA3  H  N N 136 
GLY HXT  H  N N 137 
HIS N    N  N N 138 
HIS CA   C  N S 139 
HIS C    C  N N 140 
HIS O    O  N N 141 
HIS CB   C  N N 142 
HIS CG   C  Y N 143 
HIS ND1  N  Y N 144 
HIS CD2  C  Y N 145 
HIS CE1  C  Y N 146 
HIS NE2  N  Y N 147 
HIS OXT  O  N N 148 
HIS H    H  N N 149 
HIS H2   H  N N 150 
HIS HA   H  N N 151 
HIS HB2  H  N N 152 
HIS HB3  H  N N 153 
HIS HD1  H  N N 154 
HIS HD2  H  N N 155 
HIS HE1  H  N N 156 
HIS HE2  H  N N 157 
HIS HXT  H  N N 158 
HOH O    O  N N 159 
HOH H1   H  N N 160 
HOH H2   H  N N 161 
ILE N    N  N N 162 
ILE CA   C  N S 163 
ILE C    C  N N 164 
ILE O    O  N N 165 
ILE CB   C  N S 166 
ILE CG1  C  N N 167 
ILE CG2  C  N N 168 
ILE CD1  C  N N 169 
ILE OXT  O  N N 170 
ILE H    H  N N 171 
ILE H2   H  N N 172 
ILE HA   H  N N 173 
ILE HB   H  N N 174 
ILE HG12 H  N N 175 
ILE HG13 H  N N 176 
ILE HG21 H  N N 177 
ILE HG22 H  N N 178 
ILE HG23 H  N N 179 
ILE HD11 H  N N 180 
ILE HD12 H  N N 181 
ILE HD13 H  N N 182 
ILE HXT  H  N N 183 
JIM OAA  O  N N 184 
JIM CAB  C  N N 185 
JIM CAC  C  N R 186 
JIM CAD  C  N N 187 
JIM OAE  O  N N 188 
JIM CAF  C  N N 189 
JIM OAG  O  N N 190 
JIM OAH  O  N N 191 
JIM CAI  C  N N 192 
JIM HOAA H  N N 193 
JIM HAB  H  N N 194 
JIM HABA H  N N 195 
JIM HAC  H  N N 196 
JIM HAD  H  N N 197 
JIM HADA H  N N 198 
JIM HOAH H  N N 199 
JIM HAI  H  N N 200 
JIM HAIA H  N N 201 
JIM HAIB H  N N 202 
LEU N    N  N N 203 
LEU CA   C  N S 204 
LEU C    C  N N 205 
LEU O    O  N N 206 
LEU CB   C  N N 207 
LEU CG   C  N N 208 
LEU CD1  C  N N 209 
LEU CD2  C  N N 210 
LEU OXT  O  N N 211 
LEU H    H  N N 212 
LEU H2   H  N N 213 
LEU HA   H  N N 214 
LEU HB2  H  N N 215 
LEU HB3  H  N N 216 
LEU HG   H  N N 217 
LEU HD11 H  N N 218 
LEU HD12 H  N N 219 
LEU HD13 H  N N 220 
LEU HD21 H  N N 221 
LEU HD22 H  N N 222 
LEU HD23 H  N N 223 
LEU HXT  H  N N 224 
LYS N    N  N N 225 
LYS CA   C  N S 226 
LYS C    C  N N 227 
LYS O    O  N N 228 
LYS CB   C  N N 229 
LYS CG   C  N N 230 
LYS CD   C  N N 231 
LYS CE   C  N N 232 
LYS NZ   N  N N 233 
LYS OXT  O  N N 234 
LYS H    H  N N 235 
LYS H2   H  N N 236 
LYS HA   H  N N 237 
LYS HB2  H  N N 238 
LYS HB3  H  N N 239 
LYS HG2  H  N N 240 
LYS HG3  H  N N 241 
LYS HD2  H  N N 242 
LYS HD3  H  N N 243 
LYS HE2  H  N N 244 
LYS HE3  H  N N 245 
LYS HZ1  H  N N 246 
LYS HZ2  H  N N 247 
LYS HZ3  H  N N 248 
LYS HXT  H  N N 249 
MET N    N  N N 250 
MET CA   C  N S 251 
MET C    C  N N 252 
MET O    O  N N 253 
MET CB   C  N N 254 
MET CG   C  N N 255 
MET SD   S  N N 256 
MET CE   C  N N 257 
MET OXT  O  N N 258 
MET H    H  N N 259 
MET H2   H  N N 260 
MET HA   H  N N 261 
MET HB2  H  N N 262 
MET HB3  H  N N 263 
MET HG2  H  N N 264 
MET HG3  H  N N 265 
MET HE1  H  N N 266 
MET HE2  H  N N 267 
MET HE3  H  N N 268 
MET HXT  H  N N 269 
PCA N    N  N N 270 
PCA CA   C  N S 271 
PCA CB   C  N N 272 
PCA CG   C  N N 273 
PCA CD   C  N N 274 
PCA OE   O  N N 275 
PCA C    C  N N 276 
PCA O    O  N N 277 
PCA OXT  O  N N 278 
PCA H    H  N N 279 
PCA HA   H  N N 280 
PCA HB2  H  N N 281 
PCA HB3  H  N N 282 
PCA HG2  H  N N 283 
PCA HG3  H  N N 284 
PCA HXT  H  N N 285 
PHE N    N  N N 286 
PHE CA   C  N S 287 
PHE C    C  N N 288 
PHE O    O  N N 289 
PHE CB   C  N N 290 
PHE CG   C  Y N 291 
PHE CD1  C  Y N 292 
PHE CD2  C  Y N 293 
PHE CE1  C  Y N 294 
PHE CE2  C  Y N 295 
PHE CZ   C  Y N 296 
PHE OXT  O  N N 297 
PHE H    H  N N 298 
PHE H2   H  N N 299 
PHE HA   H  N N 300 
PHE HB2  H  N N 301 
PHE HB3  H  N N 302 
PHE HD1  H  N N 303 
PHE HD2  H  N N 304 
PHE HE1  H  N N 305 
PHE HE2  H  N N 306 
PHE HZ   H  N N 307 
PHE HXT  H  N N 308 
PRO N    N  N N 309 
PRO CA   C  N S 310 
PRO C    C  N N 311 
PRO O    O  N N 312 
PRO CB   C  N N 313 
PRO CG   C  N N 314 
PRO CD   C  N N 315 
PRO OXT  O  N N 316 
PRO H    H  N N 317 
PRO HA   H  N N 318 
PRO HB2  H  N N 319 
PRO HB3  H  N N 320 
PRO HG2  H  N N 321 
PRO HG3  H  N N 322 
PRO HD2  H  N N 323 
PRO HD3  H  N N 324 
PRO HXT  H  N N 325 
SER N    N  N N 326 
SER CA   C  N S 327 
SER C    C  N N 328 
SER O    O  N N 329 
SER CB   C  N N 330 
SER OG   O  N N 331 
SER OXT  O  N N 332 
SER H    H  N N 333 
SER H2   H  N N 334 
SER HA   H  N N 335 
SER HB2  H  N N 336 
SER HB3  H  N N 337 
SER HG   H  N N 338 
SER HXT  H  N N 339 
THR N    N  N N 340 
THR CA   C  N S 341 
THR C    C  N N 342 
THR O    O  N N 343 
THR CB   C  N R 344 
THR OG1  O  N N 345 
THR CG2  C  N N 346 
THR OXT  O  N N 347 
THR H    H  N N 348 
THR H2   H  N N 349 
THR HA   H  N N 350 
THR HB   H  N N 351 
THR HG1  H  N N 352 
THR HG21 H  N N 353 
THR HG22 H  N N 354 
THR HG23 H  N N 355 
THR HXT  H  N N 356 
TRP N    N  N N 357 
TRP CA   C  N S 358 
TRP C    C  N N 359 
TRP O    O  N N 360 
TRP CB   C  N N 361 
TRP CG   C  Y N 362 
TRP CD1  C  Y N 363 
TRP CD2  C  Y N 364 
TRP NE1  N  Y N 365 
TRP CE2  C  Y N 366 
TRP CE3  C  Y N 367 
TRP CZ2  C  Y N 368 
TRP CZ3  C  Y N 369 
TRP CH2  C  Y N 370 
TRP OXT  O  N N 371 
TRP H    H  N N 372 
TRP H2   H  N N 373 
TRP HA   H  N N 374 
TRP HB2  H  N N 375 
TRP HB3  H  N N 376 
TRP HD1  H  N N 377 
TRP HE1  H  N N 378 
TRP HE3  H  N N 379 
TRP HZ2  H  N N 380 
TRP HZ3  H  N N 381 
TRP HH2  H  N N 382 
TRP HXT  H  N N 383 
TYR N    N  N N 384 
TYR CA   C  N S 385 
TYR C    C  N N 386 
TYR O    O  N N 387 
TYR CB   C  N N 388 
TYR CG   C  Y N 389 
TYR CD1  C  Y N 390 
TYR CD2  C  Y N 391 
TYR CE1  C  Y N 392 
TYR CE2  C  Y N 393 
TYR CZ   C  Y N 394 
TYR OH   O  N N 395 
TYR OXT  O  N N 396 
TYR H    H  N N 397 
TYR H2   H  N N 398 
TYR HA   H  N N 399 
TYR HB2  H  N N 400 
TYR HB3  H  N N 401 
TYR HD1  H  N N 402 
TYR HD2  H  N N 403 
TYR HE1  H  N N 404 
TYR HE2  H  N N 405 
TYR HH   H  N N 406 
TYR HXT  H  N N 407 
VAL N    N  N N 408 
VAL CA   C  N S 409 
VAL C    C  N N 410 
VAL O    O  N N 411 
VAL CB   C  N N 412 
VAL CG1  C  N N 413 
VAL CG2  C  N N 414 
VAL OXT  O  N N 415 
VAL H    H  N N 416 
VAL H2   H  N N 417 
VAL HA   H  N N 418 
VAL HB   H  N N 419 
VAL HG11 H  N N 420 
VAL HG12 H  N N 421 
VAL HG13 H  N N 422 
VAL HG21 H  N N 423 
VAL HG22 H  N N 424 
VAL HG23 H  N N 425 
VAL HXT  H  N N 426 
# 
loop_
_chem_comp_bond.comp_id 
_chem_comp_bond.atom_id_1 
_chem_comp_bond.atom_id_2 
_chem_comp_bond.value_order 
_chem_comp_bond.pdbx_aromatic_flag 
_chem_comp_bond.pdbx_stereo_config 
_chem_comp_bond.pdbx_ordinal 
ALA N   CA   sing N N 1   
ALA N   H    sing N N 2   
ALA N   H2   sing N N 3   
ALA CA  C    sing N N 4   
ALA CA  CB   sing N N 5   
ALA CA  HA   sing N N 6   
ALA C   O    doub N N 7   
ALA C   OXT  sing N N 8   
ALA CB  HB1  sing N N 9   
ALA CB  HB2  sing N N 10  
ALA CB  HB3  sing N N 11  
ALA OXT HXT  sing N N 12  
ARG N   CA   sing N N 13  
ARG N   H    sing N N 14  
ARG N   H2   sing N N 15  
ARG CA  C    sing N N 16  
ARG CA  CB   sing N N 17  
ARG CA  HA   sing N N 18  
ARG C   O    doub N N 19  
ARG C   OXT  sing N N 20  
ARG CB  CG   sing N N 21  
ARG CB  HB2  sing N N 22  
ARG CB  HB3  sing N N 23  
ARG CG  CD   sing N N 24  
ARG CG  HG2  sing N N 25  
ARG CG  HG3  sing N N 26  
ARG CD  NE   sing N N 27  
ARG CD  HD2  sing N N 28  
ARG CD  HD3  sing N N 29  
ARG NE  CZ   sing N N 30  
ARG NE  HE   sing N N 31  
ARG CZ  NH1  sing N N 32  
ARG CZ  NH2  doub N N 33  
ARG NH1 HH11 sing N N 34  
ARG NH1 HH12 sing N N 35  
ARG NH2 HH21 sing N N 36  
ARG NH2 HH22 sing N N 37  
ARG OXT HXT  sing N N 38  
ASN N   CA   sing N N 39  
ASN N   H    sing N N 40  
ASN N   H2   sing N N 41  
ASN CA  C    sing N N 42  
ASN CA  CB   sing N N 43  
ASN CA  HA   sing N N 44  
ASN C   O    doub N N 45  
ASN C   OXT  sing N N 46  
ASN CB  CG   sing N N 47  
ASN CB  HB2  sing N N 48  
ASN CB  HB3  sing N N 49  
ASN CG  OD1  doub N N 50  
ASN CG  ND2  sing N N 51  
ASN ND2 HD21 sing N N 52  
ASN ND2 HD22 sing N N 53  
ASN OXT HXT  sing N N 54  
ASP N   CA   sing N N 55  
ASP N   H    sing N N 56  
ASP N   H2   sing N N 57  
ASP CA  C    sing N N 58  
ASP CA  CB   sing N N 59  
ASP CA  HA   sing N N 60  
ASP C   O    doub N N 61  
ASP C   OXT  sing N N 62  
ASP CB  CG   sing N N 63  
ASP CB  HB2  sing N N 64  
ASP CB  HB3  sing N N 65  
ASP CG  OD1  doub N N 66  
ASP CG  OD2  sing N N 67  
ASP OD2 HD2  sing N N 68  
ASP OXT HXT  sing N N 69  
CYS N   CA   sing N N 70  
CYS N   H    sing N N 71  
CYS N   H2   sing N N 72  
CYS CA  C    sing N N 73  
CYS CA  CB   sing N N 74  
CYS CA  HA   sing N N 75  
CYS C   O    doub N N 76  
CYS C   OXT  sing N N 77  
CYS CB  SG   sing N N 78  
CYS CB  HB2  sing N N 79  
CYS CB  HB3  sing N N 80  
CYS SG  HG   sing N N 81  
CYS OXT HXT  sing N N 82  
GLN N   CA   sing N N 83  
GLN N   H    sing N N 84  
GLN N   H2   sing N N 85  
GLN CA  C    sing N N 86  
GLN CA  CB   sing N N 87  
GLN CA  HA   sing N N 88  
GLN C   O    doub N N 89  
GLN C   OXT  sing N N 90  
GLN CB  CG   sing N N 91  
GLN CB  HB2  sing N N 92  
GLN CB  HB3  sing N N 93  
GLN CG  CD   sing N N 94  
GLN CG  HG2  sing N N 95  
GLN CG  HG3  sing N N 96  
GLN CD  OE1  doub N N 97  
GLN CD  NE2  sing N N 98  
GLN NE2 HE21 sing N N 99  
GLN NE2 HE22 sing N N 100 
GLN OXT HXT  sing N N 101 
GLU N   CA   sing N N 102 
GLU N   H    sing N N 103 
GLU N   H2   sing N N 104 
GLU CA  C    sing N N 105 
GLU CA  CB   sing N N 106 
GLU CA  HA   sing N N 107 
GLU C   O    doub N N 108 
GLU C   OXT  sing N N 109 
GLU CB  CG   sing N N 110 
GLU CB  HB2  sing N N 111 
GLU CB  HB3  sing N N 112 
GLU CG  CD   sing N N 113 
GLU CG  HG2  sing N N 114 
GLU CG  HG3  sing N N 115 
GLU CD  OE1  doub N N 116 
GLU CD  OE2  sing N N 117 
GLU OE2 HE2  sing N N 118 
GLU OXT HXT  sing N N 119 
GLY N   CA   sing N N 120 
GLY N   H    sing N N 121 
GLY N   H2   sing N N 122 
GLY CA  C    sing N N 123 
GLY CA  HA2  sing N N 124 
GLY CA  HA3  sing N N 125 
GLY C   O    doub N N 126 
GLY C   OXT  sing N N 127 
GLY OXT HXT  sing N N 128 
HIS N   CA   sing N N 129 
HIS N   H    sing N N 130 
HIS N   H2   sing N N 131 
HIS CA  C    sing N N 132 
HIS CA  CB   sing N N 133 
HIS CA  HA   sing N N 134 
HIS C   O    doub N N 135 
HIS C   OXT  sing N N 136 
HIS CB  CG   sing N N 137 
HIS CB  HB2  sing N N 138 
HIS CB  HB3  sing N N 139 
HIS CG  ND1  sing Y N 140 
HIS CG  CD2  doub Y N 141 
HIS ND1 CE1  doub Y N 142 
HIS ND1 HD1  sing N N 143 
HIS CD2 NE2  sing Y N 144 
HIS CD2 HD2  sing N N 145 
HIS CE1 NE2  sing Y N 146 
HIS CE1 HE1  sing N N 147 
HIS NE2 HE2  sing N N 148 
HIS OXT HXT  sing N N 149 
HOH O   H1   sing N N 150 
HOH O   H2   sing N N 151 
ILE N   CA   sing N N 152 
ILE N   H    sing N N 153 
ILE N   H2   sing N N 154 
ILE CA  C    sing N N 155 
ILE CA  CB   sing N N 156 
ILE CA  HA   sing N N 157 
ILE C   O    doub N N 158 
ILE C   OXT  sing N N 159 
ILE CB  CG1  sing N N 160 
ILE CB  CG2  sing N N 161 
ILE CB  HB   sing N N 162 
ILE CG1 CD1  sing N N 163 
ILE CG1 HG12 sing N N 164 
ILE CG1 HG13 sing N N 165 
ILE CG2 HG21 sing N N 166 
ILE CG2 HG22 sing N N 167 
ILE CG2 HG23 sing N N 168 
ILE CD1 HD11 sing N N 169 
ILE CD1 HD12 sing N N 170 
ILE CD1 HD13 sing N N 171 
ILE OXT HXT  sing N N 172 
JIM CAB OAA  sing N N 173 
JIM OAA HOAA sing N N 174 
JIM CAB CAC  sing N N 175 
JIM CAB HAB  sing N N 176 
JIM CAB HABA sing N N 177 
JIM CAD CAC  sing N N 178 
JIM OAH CAC  sing N N 179 
JIM CAC HAC  sing N N 180 
JIM OAE CAD  sing N N 181 
JIM CAD HAD  sing N N 182 
JIM CAD HADA sing N N 183 
JIM CAF OAE  sing N N 184 
JIM OAG CAF  doub N N 185 
JIM CAF CAI  sing N N 186 
JIM OAH HOAH sing N N 187 
JIM CAI HAI  sing N N 188 
JIM CAI HAIA sing N N 189 
JIM CAI HAIB sing N N 190 
LEU N   CA   sing N N 191 
LEU N   H    sing N N 192 
LEU N   H2   sing N N 193 
LEU CA  C    sing N N 194 
LEU CA  CB   sing N N 195 
LEU CA  HA   sing N N 196 
LEU C   O    doub N N 197 
LEU C   OXT  sing N N 198 
LEU CB  CG   sing N N 199 
LEU CB  HB2  sing N N 200 
LEU CB  HB3  sing N N 201 
LEU CG  CD1  sing N N 202 
LEU CG  CD2  sing N N 203 
LEU CG  HG   sing N N 204 
LEU CD1 HD11 sing N N 205 
LEU CD1 HD12 sing N N 206 
LEU CD1 HD13 sing N N 207 
LEU CD2 HD21 sing N N 208 
LEU CD2 HD22 sing N N 209 
LEU CD2 HD23 sing N N 210 
LEU OXT HXT  sing N N 211 
LYS N   CA   sing N N 212 
LYS N   H    sing N N 213 
LYS N   H2   sing N N 214 
LYS CA  C    sing N N 215 
LYS CA  CB   sing N N 216 
LYS CA  HA   sing N N 217 
LYS C   O    doub N N 218 
LYS C   OXT  sing N N 219 
LYS CB  CG   sing N N 220 
LYS CB  HB2  sing N N 221 
LYS CB  HB3  sing N N 222 
LYS CG  CD   sing N N 223 
LYS CG  HG2  sing N N 224 
LYS CG  HG3  sing N N 225 
LYS CD  CE   sing N N 226 
LYS CD  HD2  sing N N 227 
LYS CD  HD3  sing N N 228 
LYS CE  NZ   sing N N 229 
LYS CE  HE2  sing N N 230 
LYS CE  HE3  sing N N 231 
LYS NZ  HZ1  sing N N 232 
LYS NZ  HZ2  sing N N 233 
LYS NZ  HZ3  sing N N 234 
LYS OXT HXT  sing N N 235 
MET N   CA   sing N N 236 
MET N   H    sing N N 237 
MET N   H2   sing N N 238 
MET CA  C    sing N N 239 
MET CA  CB   sing N N 240 
MET CA  HA   sing N N 241 
MET C   O    doub N N 242 
MET C   OXT  sing N N 243 
MET CB  CG   sing N N 244 
MET CB  HB2  sing N N 245 
MET CB  HB3  sing N N 246 
MET CG  SD   sing N N 247 
MET CG  HG2  sing N N 248 
MET CG  HG3  sing N N 249 
MET SD  CE   sing N N 250 
MET CE  HE1  sing N N 251 
MET CE  HE2  sing N N 252 
MET CE  HE3  sing N N 253 
MET OXT HXT  sing N N 254 
PCA N   CA   sing N N 255 
PCA N   CD   sing N N 256 
PCA N   H    sing N N 257 
PCA CA  CB   sing N N 258 
PCA CA  C    sing N N 259 
PCA CA  HA   sing N N 260 
PCA CB  CG   sing N N 261 
PCA CB  HB2  sing N N 262 
PCA CB  HB3  sing N N 263 
PCA CG  CD   sing N N 264 
PCA CG  HG2  sing N N 265 
PCA CG  HG3  sing N N 266 
PCA CD  OE   doub N N 267 
PCA C   O    doub N N 268 
PCA C   OXT  sing N N 269 
PCA OXT HXT  sing N N 270 
PHE N   CA   sing N N 271 
PHE N   H    sing N N 272 
PHE N   H2   sing N N 273 
PHE CA  C    sing N N 274 
PHE CA  CB   sing N N 275 
PHE CA  HA   sing N N 276 
PHE C   O    doub N N 277 
PHE C   OXT  sing N N 278 
PHE CB  CG   sing N N 279 
PHE CB  HB2  sing N N 280 
PHE CB  HB3  sing N N 281 
PHE CG  CD1  doub Y N 282 
PHE CG  CD2  sing Y N 283 
PHE CD1 CE1  sing Y N 284 
PHE CD1 HD1  sing N N 285 
PHE CD2 CE2  doub Y N 286 
PHE CD2 HD2  sing N N 287 
PHE CE1 CZ   doub Y N 288 
PHE CE1 HE1  sing N N 289 
PHE CE2 CZ   sing Y N 290 
PHE CE2 HE2  sing N N 291 
PHE CZ  HZ   sing N N 292 
PHE OXT HXT  sing N N 293 
PRO N   CA   sing N N 294 
PRO N   CD   sing N N 295 
PRO N   H    sing N N 296 
PRO CA  C    sing N N 297 
PRO CA  CB   sing N N 298 
PRO CA  HA   sing N N 299 
PRO C   O    doub N N 300 
PRO C   OXT  sing N N 301 
PRO CB  CG   sing N N 302 
PRO CB  HB2  sing N N 303 
PRO CB  HB3  sing N N 304 
PRO CG  CD   sing N N 305 
PRO CG  HG2  sing N N 306 
PRO CG  HG3  sing N N 307 
PRO CD  HD2  sing N N 308 
PRO CD  HD3  sing N N 309 
PRO OXT HXT  sing N N 310 
SER N   CA   sing N N 311 
SER N   H    sing N N 312 
SER N   H2   sing N N 313 
SER CA  C    sing N N 314 
SER CA  CB   sing N N 315 
SER CA  HA   sing N N 316 
SER C   O    doub N N 317 
SER C   OXT  sing N N 318 
SER CB  OG   sing N N 319 
SER CB  HB2  sing N N 320 
SER CB  HB3  sing N N 321 
SER OG  HG   sing N N 322 
SER OXT HXT  sing N N 323 
THR N   CA   sing N N 324 
THR N   H    sing N N 325 
THR N   H2   sing N N 326 
THR CA  C    sing N N 327 
THR CA  CB   sing N N 328 
THR CA  HA   sing N N 329 
THR C   O    doub N N 330 
THR C   OXT  sing N N 331 
THR CB  OG1  sing N N 332 
THR CB  CG2  sing N N 333 
THR CB  HB   sing N N 334 
THR OG1 HG1  sing N N 335 
THR CG2 HG21 sing N N 336 
THR CG2 HG22 sing N N 337 
THR CG2 HG23 sing N N 338 
THR OXT HXT  sing N N 339 
TRP N   CA   sing N N 340 
TRP N   H    sing N N 341 
TRP N   H2   sing N N 342 
TRP CA  C    sing N N 343 
TRP CA  CB   sing N N 344 
TRP CA  HA   sing N N 345 
TRP C   O    doub N N 346 
TRP C   OXT  sing N N 347 
TRP CB  CG   sing N N 348 
TRP CB  HB2  sing N N 349 
TRP CB  HB3  sing N N 350 
TRP CG  CD1  doub Y N 351 
TRP CG  CD2  sing Y N 352 
TRP CD1 NE1  sing Y N 353 
TRP CD1 HD1  sing N N 354 
TRP CD2 CE2  doub Y N 355 
TRP CD2 CE3  sing Y N 356 
TRP NE1 CE2  sing Y N 357 
TRP NE1 HE1  sing N N 358 
TRP CE2 CZ2  sing Y N 359 
TRP CE3 CZ3  doub Y N 360 
TRP CE3 HE3  sing N N 361 
TRP CZ2 CH2  doub Y N 362 
TRP CZ2 HZ2  sing N N 363 
TRP CZ3 CH2  sing Y N 364 
TRP CZ3 HZ3  sing N N 365 
TRP CH2 HH2  sing N N 366 
TRP OXT HXT  sing N N 367 
TYR N   CA   sing N N 368 
TYR N   H    sing N N 369 
TYR N   H2   sing N N 370 
TYR CA  C    sing N N 371 
TYR CA  CB   sing N N 372 
TYR CA  HA   sing N N 373 
TYR C   O    doub N N 374 
TYR C   OXT  sing N N 375 
TYR CB  CG   sing N N 376 
TYR CB  HB2  sing N N 377 
TYR CB  HB3  sing N N 378 
TYR CG  CD1  doub Y N 379 
TYR CG  CD2  sing Y N 380 
TYR CD1 CE1  sing Y N 381 
TYR CD1 HD1  sing N N 382 
TYR CD2 CE2  doub Y N 383 
TYR CD2 HD2  sing N N 384 
TYR CE1 CZ   doub Y N 385 
TYR CE1 HE1  sing N N 386 
TYR CE2 CZ   sing Y N 387 
TYR CE2 HE2  sing N N 388 
TYR CZ  OH   sing N N 389 
TYR OH  HH   sing N N 390 
TYR OXT HXT  sing N N 391 
VAL N   CA   sing N N 392 
VAL N   H    sing N N 393 
VAL N   H2   sing N N 394 
VAL CA  C    sing N N 395 
VAL CA  CB   sing N N 396 
VAL CA  HA   sing N N 397 
VAL C   O    doub N N 398 
VAL C   OXT  sing N N 399 
VAL CB  CG1  sing N N 400 
VAL CB  CG2  sing N N 401 
VAL CB  HB   sing N N 402 
VAL CG1 HG11 sing N N 403 
VAL CG1 HG12 sing N N 404 
VAL CG1 HG13 sing N N 405 
VAL CG2 HG21 sing N N 406 
VAL CG2 HG22 sing N N 407 
VAL CG2 HG23 sing N N 408 
VAL OXT HXT  sing N N 409 
# 
_atom_sites.entry_id                    3KQ0 
_atom_sites.fract_transf_matrix[1][1]   -0.00453349 
_atom_sites.fract_transf_matrix[1][2]   -0.01033830 
_atom_sites.fract_transf_matrix[1][3]   -0.00576392 
_atom_sites.fract_transf_matrix[2][1]   0.00081407 
_atom_sites.fract_transf_matrix[2][2]   -0.00642994 
_atom_sites.fract_transf_matrix[2][3]   0.01089260 
_atom_sites.fract_transf_matrix[3][1]   -0.00997596 
_atom_sites.fract_transf_matrix[3][2]   0.00297862 
_atom_sites.fract_transf_matrix[3][3]   0.00250385 
_atom_sites.fract_transf_vector[1]      0.269325 
_atom_sites.fract_transf_vector[2]      -0.032629 
_atom_sites.fract_transf_vector[3]      0.018496 
# 
loop_
_atom_type.symbol 
C  
CL 
N  
O  
S  
# 
loop_
_atom_site.group_PDB 
_atom_site.id 
_atom_site.type_symbol 
_atom_site.label_atom_id 
_atom_site.label_alt_id 
_atom_site.label_comp_id 
_atom_site.label_asym_id 
_atom_site.label_entity_id 
_atom_site.label_seq_id 
_atom_site.pdbx_PDB_ins_code 
_atom_site.Cartn_x 
_atom_site.Cartn_y 
_atom_site.Cartn_z 
_atom_site.occupancy 
_atom_site.B_iso_or_equiv 
_atom_site.pdbx_formal_charge 
_atom_site.auth_seq_id 
_atom_site.auth_comp_id 
_atom_site.auth_asym_id 
_atom_site.auth_atom_id 
_atom_site.pdbx_PDB_model_num 
HETATM 1    N  N   . PCA A 1 1   ? 18.214  -23.666 4.964   1.00 21.61 ? 1   PCA A N   1 
HETATM 2    C  CA  . PCA A 1 1   ? 18.938  -23.077 3.843   1.00 22.75 ? 1   PCA A CA  1 
HETATM 3    C  CB  . PCA A 1 1   ? 19.324  -24.190 2.817   1.00 24.20 ? 1   PCA A CB  1 
HETATM 4    C  CG  . PCA A 1 1   ? 18.521  -25.409 3.322   1.00 24.35 ? 1   PCA A CG  1 
HETATM 5    C  CD  . PCA A 1 1   ? 18.011  -25.059 4.692   1.00 24.17 ? 1   PCA A CD  1 
HETATM 6    O  OE  . PCA A 1 1   ? 17.391  -25.768 5.497   1.00 22.89 ? 1   PCA A OE  1 
HETATM 7    C  C   . PCA A 1 1   ? 18.099  -21.916 3.243   1.00 22.51 ? 1   PCA A C   1 
HETATM 8    O  O   . PCA A 1 1   ? 18.594  -21.261 2.325   1.00 25.51 ? 1   PCA A O   1 
ATOM   9    N  N   . ILE A 1 2   ? 16.877  -21.666 3.683   1.00 20.35 ? 2   ILE A N   1 
ATOM   10   C  CA  . ILE A 1 2   ? 16.075  -20.598 3.036   1.00 22.11 ? 2   ILE A CA  1 
ATOM   11   C  C   . ILE A 1 2   ? 16.185  -19.390 4.011   1.00 19.89 ? 2   ILE A C   1 
ATOM   12   O  O   . ILE A 1 2   ? 15.716  -19.517 5.131   1.00 19.48 ? 2   ILE A O   1 
ATOM   13   C  CB  . ILE A 1 2   ? 14.624  -20.944 2.937   1.00 22.00 ? 2   ILE A CB  1 
ATOM   14   C  CG1 . ILE A 1 2   ? 14.410  -22.175 1.982   1.00 27.82 ? 2   ILE A CG1 1 
ATOM   15   C  CG2 . ILE A 1 2   ? 13.790  -19.758 2.364   1.00 27.82 ? 2   ILE A CG2 1 
ATOM   16   C  CD1 . ILE A 1 2   ? 15.100  -22.047 0.675   1.00 28.65 ? 2   ILE A CD1 1 
ATOM   17   N  N   . PRO A 1 3   ? 16.767  -18.296 3.549   1.00 22.27 ? 3   PRO A N   1 
ATOM   18   C  CA  . PRO A 1 3   ? 16.921  -17.134 4.475   1.00 21.43 ? 3   PRO A CA  1 
ATOM   19   C  C   . PRO A 1 3   ? 15.551  -16.533 4.665   1.00 21.59 ? 3   PRO A C   1 
ATOM   20   O  O   . PRO A 1 3   ? 14.788  -16.358 3.684   1.00 24.30 ? 3   PRO A O   1 
ATOM   21   C  CB  . PRO A 1 3   ? 17.774  -16.149 3.631   1.00 24.92 ? 3   PRO A CB  1 
ATOM   22   C  CG  . PRO A 1 3   ? 18.604  -17.057 2.741   1.00 27.33 ? 3   PRO A CG  1 
ATOM   23   C  CD  . PRO A 1 3   ? 17.606  -18.143 2.319   1.00 21.40 ? 3   PRO A CD  1 
ATOM   24   N  N   . LEU A 1 4   ? 15.213  -16.181 5.897   1.00 21.10 ? 4   LEU A N   1 
ATOM   25   C  CA  . LEU A 1 4   ? 13.913  -15.656 6.217   1.00 20.45 ? 4   LEU A CA  1 
ATOM   26   C  C   . LEU A 1 4   ? 13.976  -14.063 6.228   1.00 23.03 ? 4   LEU A C   1 
ATOM   27   O  O   . LEU A 1 4   ? 15.055  -13.490 6.284   1.00 22.06 ? 4   LEU A O   1 
ATOM   28   C  CB  . LEU A 1 4   ? 13.472  -16.185 7.523   1.00 20.93 ? 4   LEU A CB  1 
ATOM   29   C  CG  . LEU A 1 4   ? 13.358  -17.752 7.577   1.00 22.56 ? 4   LEU A CG  1 
ATOM   30   C  CD1 . LEU A 1 4   ? 12.751  -18.032 8.881   1.00 22.05 ? 4   LEU A CD1 1 
ATOM   31   C  CD2 . LEU A 1 4   ? 12.407  -18.108 6.432   1.00 26.13 ? 4   LEU A CD2 1 
ATOM   32   N  N   . CYS A 1 5   ? 12.794  -13.425 6.298   1.00 23.48 ? 5   CYS A N   1 
ATOM   33   C  CA  . CYS A 1 5   ? 12.672  -11.976 5.965   1.00 25.21 ? 5   CYS A CA  1 
ATOM   34   C  C   . CYS A 1 5   ? 12.218  -11.255 7.224   1.00 23.37 ? 5   CYS A C   1 
ATOM   35   O  O   . CYS A 1 5   ? 11.004  -11.243 7.557   1.00 21.95 ? 5   CYS A O   1 
ATOM   36   C  CB  . CYS A 1 5   ? 11.641  -11.813 4.849   1.00 27.96 ? 5   CYS A CB  1 
ATOM   37   S  SG  . CYS A 1 5   ? 12.018  -12.961 3.395   1.00 30.98 ? 5   CYS A SG  1 
ATOM   38   N  N   . ALA A 1 6   ? 13.205  -10.661 7.923   1.00 20.70 ? 6   ALA A N   1 
ATOM   39   C  CA  . ALA A 1 6   ? 12.878  -10.020 9.210   1.00 21.66 ? 6   ALA A CA  1 
ATOM   40   C  C   . ALA A 1 6   ? 11.885  -8.833  9.058   1.00 22.76 ? 6   ALA A C   1 
ATOM   41   O  O   . ALA A 1 6   ? 11.053  -8.588  9.951   1.00 22.29 ? 6   ALA A O   1 
ATOM   42   C  CB  . ALA A 1 6   ? 14.164  -9.530  9.773   1.00 24.78 ? 6   ALA A CB  1 
ATOM   43   N  N   . ASN A 1 7   ? 11.928  -8.148  7.914   1.00 23.66 ? 7   ASN A N   1 
ATOM   44   C  CA  . ASN A 1 7   ? 11.033  -6.953  7.679   1.00 25.11 ? 7   ASN A CA  1 
ATOM   45   C  C   . ASN A 1 7   ? 9.624   -7.425  7.366   1.00 25.07 ? 7   ASN A C   1 
ATOM   46   O  O   . ASN A 1 7   ? 8.738   -6.640  7.254   1.00 27.50 ? 7   ASN A O   1 
ATOM   47   C  CB  . ASN A 1 7   ? 11.595  -6.178  6.451   1.00 25.08 ? 7   ASN A CB  1 
ATOM   48   C  CG  . ASN A 1 7   ? 12.882  -5.443  6.767   1.00 31.77 ? 7   ASN A CG  1 
ATOM   49   O  OD1 . ASN A 1 7   ? 12.984  -4.799  7.813   1.00 35.10 ? 7   ASN A OD1 1 
ATOM   50   N  ND2 . ASN A 1 7   ? 13.903  -5.627  5.933   1.00 31.53 ? 7   ASN A ND2 1 
ATOM   51   N  N   . LEU A 1 8   ? 9.403   -8.711  7.125   1.00 22.53 ? 8   LEU A N   1 
ATOM   52   C  CA  . LEU A 1 8   ? 8.034   -9.178  6.839   1.00 23.33 ? 8   LEU A CA  1 
ATOM   53   C  C   . LEU A 1 8   ? 7.351   -9.911  7.974   1.00 22.61 ? 8   LEU A C   1 
ATOM   54   O  O   . LEU A 1 8   ? 6.311   -10.560 7.781   1.00 21.25 ? 8   LEU A O   1 
ATOM   55   C  CB  . LEU A 1 8   ? 8.050   -10.095 5.597   1.00 22.89 ? 8   LEU A CB  1 
ATOM   56   C  CG  . LEU A 1 8   ? 8.653   -9.456  4.322   1.00 26.35 ? 8   LEU A CG  1 
ATOM   57   C  CD1 . LEU A 1 8   ? 8.630   -10.441 3.091   1.00 26.18 ? 8   LEU A CD1 1 
ATOM   58   C  CD2 . LEU A 1 8   ? 7.931   -8.190  3.945   1.00 25.15 ? 8   LEU A CD2 1 
ATOM   59   N  N   . VAL A 1 9   ? 7.917   -9.828  9.180   1.00 22.68 ? 9   VAL A N   1 
ATOM   60   C  CA  . VAL A 1 9   ? 7.303   -10.537 10.320  1.00 21.50 ? 9   VAL A CA  1 
ATOM   61   C  C   . VAL A 1 9   ? 6.029   -9.800  10.692  1.00 21.53 ? 9   VAL A C   1 
ATOM   62   O  O   . VAL A 1 9   ? 6.037   -8.558  10.921  1.00 21.55 ? 9   VAL A O   1 
ATOM   63   C  CB  . VAL A 1 9   ? 8.308   -10.558 11.523  1.00 23.09 ? 9   VAL A CB  1 
ATOM   64   C  CG1 . VAL A 1 9   ? 7.650   -11.020 12.829  1.00 26.51 ? 9   VAL A CG1 1 
ATOM   65   C  CG2 . VAL A 1 9   ? 9.483   -11.524 11.186  1.00 25.12 ? 9   VAL A CG2 1 
ATOM   66   N  N   . PRO A 1 10  ? 4.924   -10.516 10.764  1.00 22.98 ? 10  PRO A N   1 
ATOM   67   C  CA  . PRO A 1 10  ? 3.667   -9.818  11.147  1.00 23.46 ? 10  PRO A CA  1 
ATOM   68   C  C   . PRO A 1 10  ? 3.672   -9.181  12.519  1.00 23.59 ? 10  PRO A C   1 
ATOM   69   O  O   . PRO A 1 10  ? 4.310   -9.726  13.458  1.00 23.51 ? 10  PRO A O   1 
ATOM   70   C  CB  . PRO A 1 10  ? 2.634   -10.911 11.199  1.00 22.93 ? 10  PRO A CB  1 
ATOM   71   C  CG  . PRO A 1 10  ? 3.167   -11.988 10.259  1.00 25.52 ? 10  PRO A CG  1 
ATOM   72   C  CD  . PRO A 1 10  ? 4.706   -11.900 10.332  1.00 24.67 ? 10  PRO A CD  1 
ATOM   73   N  N   . VAL A 1 11  ? 2.906   -8.116  12.692  1.00 21.13 ? 11  VAL A N   1 
ATOM   74   C  CA  . VAL A 1 11  ? 2.914   -7.383  13.934  1.00 23.17 ? 11  VAL A CA  1 
ATOM   75   C  C   . VAL A 1 11  ? 1.470   -7.052  14.214  1.00 24.44 ? 11  VAL A C   1 
ATOM   76   O  O   . VAL A 1 11  ? 0.778   -6.489  13.335  1.00 23.21 ? 11  VAL A O   1 
ATOM   77   C  CB  . VAL A 1 11  ? 3.689   -6.055  13.780  1.00 23.93 ? 11  VAL A CB  1 
ATOM   78   C  CG1 . VAL A 1 11  ? 3.443   -5.158  15.022  1.00 25.89 ? 11  VAL A CG1 1 
ATOM   79   C  CG2 . VAL A 1 11  ? 5.176   -6.318  13.622  1.00 25.08 ? 11  VAL A CG2 1 
ATOM   80   N  N   . PRO A 1 12  ? 0.942   -7.465  15.378  1.00 24.94 ? 12  PRO A N   1 
ATOM   81   C  CA  . PRO A 1 12  ? -0.463  -7.275  15.663  1.00 24.55 ? 12  PRO A CA  1 
ATOM   82   C  C   . PRO A 1 12  ? -0.837  -5.794  15.611  1.00 22.43 ? 12  PRO A C   1 
ATOM   83   O  O   . PRO A 1 12  ? -0.045  -4.940  16.015  1.00 22.56 ? 12  PRO A O   1 
ATOM   84   C  CB  . PRO A 1 12  ? -0.570  -7.731  17.131  1.00 25.34 ? 12  PRO A CB  1 
ATOM   85   C  CG  . PRO A 1 12  ? 0.441   -8.762  17.253  1.00 30.17 ? 12  PRO A CG  1 
ATOM   86   C  CD  . PRO A 1 12  ? 1.621   -8.302  16.415  1.00 25.13 ? 12  PRO A CD  1 
ATOM   87   N  N   . ILE A 1 13  ? -2.009  -5.513  15.023  1.00 23.92 ? 13  ILE A N   1 
ATOM   88   C  CA  . ILE A 1 13  ? -2.562  -4.170  14.875  1.00 23.31 ? 13  ILE A CA  1 
ATOM   89   C  C   . ILE A 1 13  ? -3.393  -3.882  16.095  1.00 22.89 ? 13  ILE A C   1 
ATOM   90   O  O   . ILE A 1 13  ? -4.290  -4.622  16.416  1.00 25.04 ? 13  ILE A O   1 
ATOM   91   C  CB  . ILE A 1 13  ? -3.520  -4.125  13.615  1.00 22.77 ? 13  ILE A CB  1 
ATOM   92   C  CG1 . ILE A 1 13  ? -2.607  -4.405  12.415  1.00 22.56 ? 13  ILE A CG1 1 
ATOM   93   C  CG2 . ILE A 1 13  ? -4.258  -2.812  13.522  1.00 21.23 ? 13  ILE A CG2 1 
ATOM   94   C  CD1 . ILE A 1 13  ? -3.339  -4.565  11.027  1.00 20.70 ? 13  ILE A CD1 1 
ATOM   95   N  N   . THR A 1 14  ? -3.080  -2.783  16.744  1.00 21.70 ? 14  THR A N   1 
ATOM   96   C  CA  . THR A 1 14  ? -3.790  -2.324  17.938  1.00 23.10 ? 14  THR A CA  1 
ATOM   97   C  C   . THR A 1 14  ? -4.478  -1.029  17.608  1.00 22.36 ? 14  THR A C   1 
ATOM   98   O  O   . THR A 1 14  ? -4.289  -0.467  16.481  1.00 19.95 ? 14  THR A O   1 
ATOM   99   C  CB  . THR A 1 14  ? -2.774  -2.057  19.094  1.00 20.73 ? 14  THR A CB  1 
ATOM   100  O  OG1 . THR A 1 14  ? -1.844  -1.008  18.741  1.00 20.52 ? 14  THR A OG1 1 
ATOM   101  C  CG2 . THR A 1 14  ? -1.977  -3.365  19.386  1.00 23.11 ? 14  THR A CG2 1 
ATOM   102  N  N   . ASN A 1 15  ? -5.177  -0.486  18.593  1.00 19.14 ? 15  ASN A N   1 
ATOM   103  C  CA  . ASN A 1 15  ? -5.727  0.824   18.451  1.00 20.35 ? 15  ASN A CA  1 
ATOM   104  C  C   . ASN A 1 15  ? -4.616  1.861   18.196  1.00 20.79 ? 15  ASN A C   1 
ATOM   105  O  O   . ASN A 1 15  ? -4.812  2.827   17.451  1.00 20.45 ? 15  ASN A O   1 
ATOM   106  C  CB  . ASN A 1 15  ? -6.551  1.279   19.654  1.00 19.58 ? 15  ASN A CB  1 
ATOM   107  C  CG  . ASN A 1 15  ? -7.923  0.590   19.708  1.00 21.95 ? 15  ASN A CG  1 
ATOM   108  O  OD1 . ASN A 1 15  ? -8.312  -0.085  18.802  1.00 21.36 ? 15  ASN A OD1 1 
ATOM   109  N  ND2 . ASN A 1 15  ? -8.640  0.795   20.801  1.00 23.44 ? 15  ASN A ND2 1 
ATOM   110  N  N   . ALA A 1 16  ? -3.447  1.676   18.829  1.00 20.82 ? 16  ALA A N   1 
ATOM   111  C  CA  . ALA A 1 16  ? -2.328  2.616   18.618  1.00 21.97 ? 16  ALA A CA  1 
ATOM   112  C  C   . ALA A 1 16  ? -1.835  2.545   17.149  1.00 22.23 ? 16  ALA A C   1 
ATOM   113  O  O   . ALA A 1 16  ? -1.593  3.608   16.521  1.00 24.10 ? 16  ALA A O   1 
ATOM   114  C  CB  . ALA A 1 16  ? -1.145  2.310   19.622  1.00 20.96 ? 16  ALA A CB  1 
ATOM   115  N  N   . THR A 1 17  ? -1.719  1.330   16.612  1.00 20.07 ? 17  THR A N   1 
ATOM   116  C  CA  . THR A 1 17  ? -1.301  1.119   15.192  1.00 23.68 ? 17  THR A CA  1 
ATOM   117  C  C   . THR A 1 17  ? -2.341  1.790   14.266  1.00 22.27 ? 17  THR A C   1 
ATOM   118  O  O   . THR A 1 17  ? -1.979  2.475   13.255  1.00 21.78 ? 17  THR A O   1 
ATOM   119  C  CB  . THR A 1 17  ? -1.337  -0.384  14.795  1.00 23.21 ? 17  THR A CB  1 
ATOM   120  O  OG1 . THR A 1 17  ? -0.683  -1.191  15.793  1.00 28.16 ? 17  THR A OG1 1 
ATOM   121  C  CG2 . THR A 1 17  ? -0.652  -0.656  13.457  1.00 25.21 ? 17  THR A CG2 1 
ATOM   122  N  N   . LEU A 1 18  ? -3.599  1.579   14.581  1.00 20.49 ? 18  LEU A N   1 
ATOM   123  C  CA  . LEU A 1 18  ? -4.678  2.284   13.768  1.00 20.75 ? 18  LEU A CA  1 
ATOM   124  C  C   . LEU A 1 18  ? -4.527  3.787   13.850  1.00 21.93 ? 18  LEU A C   1 
ATOM   125  O  O   . LEU A 1 18  ? -4.732  4.538   12.859  1.00 22.99 ? 18  LEU A O   1 
ATOM   126  C  CB  . LEU A 1 18  ? -6.034  1.804   14.257  1.00 20.01 ? 18  LEU A CB  1 
ATOM   127  C  CG  . LEU A 1 18  ? -6.286  0.351   13.915  1.00 20.77 ? 18  LEU A CG  1 
ATOM   128  C  CD1 . LEU A 1 18  ? -7.594  -0.110  14.528  1.00 24.00 ? 18  LEU A CD1 1 
ATOM   129  C  CD2 . LEU A 1 18  ? -6.357  0.083   12.332  1.00 19.46 ? 18  LEU A CD2 1 
ATOM   130  N  N   . ASP A 1 19  ? -4.133  4.351   14.988  1.00 20.65 ? 19  ASP A N   1 
ATOM   131  C  CA  . ASP A 1 19  ? -3.918  5.802   14.989  1.00 21.39 ? 19  ASP A CA  1 
ATOM   132  C  C   . ASP A 1 19  ? -2.729  6.192   14.151  1.00 21.64 ? 19  ASP A C   1 
ATOM   133  O  O   . ASP A 1 19  ? -2.758  7.280   13.505  1.00 22.66 ? 19  ASP A O   1 
ATOM   134  C  CB  . ASP A 1 19  ? -3.693  6.317   16.436  1.00 22.82 ? 19  ASP A CB  1 
ATOM   135  C  CG  . ASP A 1 19  ? -4.994  6.328   17.252  1.00 27.69 ? 19  ASP A CG  1 
ATOM   136  O  OD1 . ASP A 1 19  ? -4.896  6.337   18.508  1.00 24.35 ? 19  ASP A OD1 1 
ATOM   137  O  OD2 . ASP A 1 19  ? -6.099  6.309   16.672  1.00 23.80 ? 19  ASP A OD2 1 
ATOM   138  N  N   . GLN A 1 20  ? -1.677  5.371   14.222  1.00 21.51 ? 20  GLN A N   1 
ATOM   139  C  CA  . GLN A 1 20  ? -0.444  5.639   13.457  1.00 24.18 ? 20  GLN A CA  1 
ATOM   140  C  C   . GLN A 1 20  ? -0.685  5.717   11.949  1.00 24.58 ? 20  GLN A C   1 
ATOM   141  O  O   . GLN A 1 20  ? 0.020   6.471   11.256  1.00 24.58 ? 20  GLN A O   1 
ATOM   142  C  CB  . GLN A 1 20  ? 0.583   4.533   13.640  1.00 25.23 ? 20  GLN A CB  1 
ATOM   143  C  CG  . GLN A 1 20  ? 1.260   4.712   15.044  1.00 29.04 ? 20  GLN A CG  1 
ATOM   144  C  CD  . GLN A 1 20  ? 2.388   3.684   15.278  1.00 36.00 ? 20  GLN A CD  1 
ATOM   145  O  OE1 . GLN A 1 20  ? 2.256   2.543   14.900  1.00 35.13 ? 20  GLN A OE1 1 
ATOM   146  N  NE2 . GLN A 1 20  ? 3.477   4.110   15.938  1.00 38.44 ? 20  GLN A NE2 1 
ATOM   147  N  N   . ILE A 1 21  ? -1.611  4.899   11.436  1.00 23.59 ? 21  ILE A N   1 
ATOM   148  C  CA  . ILE A 1 21  ? -1.901  4.957   9.968   1.00 22.86 ? 21  ILE A CA  1 
ATOM   149  C  C   . ILE A 1 21  ? -3.039  5.905   9.566   1.00 22.91 ? 21  ILE A C   1 
ATOM   150  O  O   . ILE A 1 21  ? -3.401  5.988   8.378   1.00 21.62 ? 21  ILE A O   1 
ATOM   151  C  CB  . ILE A 1 21  ? -2.112  3.564   9.395   1.00 21.06 ? 21  ILE A CB  1 
ATOM   152  C  CG1 . ILE A 1 21  ? -3.357  2.858   9.991   1.00 23.72 ? 21  ILE A CG1 1 
ATOM   153  C  CG2 . ILE A 1 21  ? -0.781  2.818   9.618   1.00 27.38 ? 21  ILE A CG2 1 
ATOM   154  C  CD1 . ILE A 1 21  ? -3.787  1.595   9.285   1.00 24.71 ? 21  ILE A CD1 1 
ATOM   155  N  N   . THR A 1 22  ? -3.637  6.593   10.521  1.00 20.64 ? 22  THR A N   1 
ATOM   156  C  CA  . THR A 1 22  ? -4.770  7.491   10.236  1.00 20.96 ? 22  THR A CA  1 
ATOM   157  C  C   . THR A 1 22  ? -4.174  8.667   9.469   1.00 22.51 ? 22  THR A C   1 
ATOM   158  O  O   . THR A 1 22  ? -3.137  9.242   9.866   1.00 24.47 ? 22  THR A O   1 
ATOM   159  C  CB  . THR A 1 22  ? -5.449  7.960   11.540  1.00 20.55 ? 22  THR A CB  1 
ATOM   160  O  OG1 . THR A 1 22  ? -6.033  6.807   12.169  1.00 21.63 ? 22  THR A OG1 1 
ATOM   161  C  CG2 . THR A 1 22  ? -6.627  8.908   11.233  1.00 21.36 ? 22  THR A CG2 1 
ATOM   162  N  N   . GLY A 1 23  ? -4.848  9.062   8.400   1.00 23.38 ? 23  GLY A N   1 
ATOM   163  C  CA  . GLY A 1 23  ? -4.393  10.275  7.648   1.00 22.35 ? 23  GLY A CA  1 
ATOM   164  C  C   . GLY A 1 23  ? -4.102  9.965   6.195   1.00 23.19 ? 23  GLY A C   1 
ATOM   165  O  O   . GLY A 1 23  ? -4.546  8.974   5.671   1.00 19.56 ? 23  GLY A O   1 
ATOM   166  N  N   . LYS A 1 24  ? -3.292  10.832  5.604   1.00 22.56 ? 24  LYS A N   1 
ATOM   167  C  CA  . LYS A 1 24  ? -3.008  10.806  4.143   1.00 20.98 ? 24  LYS A CA  1 
ATOM   168  C  C   . LYS A 1 24  ? -1.711  10.141  3.779   1.00 20.79 ? 24  LYS A C   1 
ATOM   169  O  O   . LYS A 1 24  ? -0.673  10.344  4.456   1.00 20.87 ? 24  LYS A O   1 
ATOM   170  C  CB  . LYS A 1 24  ? -2.913  12.283  3.701   1.00 22.28 ? 24  LYS A CB  1 
ATOM   171  C  CG  . LYS A 1 24  ? -2.729  12.393  2.177   1.00 19.69 ? 24  LYS A CG  1 
ATOM   172  C  CD  . LYS A 1 24  ? -2.595  13.923  1.833   1.00 26.34 ? 24  LYS A CD  1 
ATOM   173  C  CE  . LYS A 1 24  ? -2.520  14.070  0.312   1.00 29.48 ? 24  LYS A CE  1 
ATOM   174  N  NZ  . LYS A 1 24  ? -2.291  15.618  0.117   1.00 30.40 ? 24  LYS A NZ  1 
ATOM   175  N  N   . TRP A 1 25  ? -1.746  9.254   2.788   1.00 18.48 ? 25  TRP A N   1 
ATOM   176  C  CA  . TRP A 1 25  ? -0.576  8.539   2.321   1.00 19.06 ? 25  TRP A CA  1 
ATOM   177  C  C   . TRP A 1 25  ? -0.503  8.629   0.811   1.00 19.16 ? 25  TRP A C   1 
ATOM   178  O  O   . TRP A 1 25  ? -1.541  8.802   0.137   1.00 19.89 ? 25  TRP A O   1 
ATOM   179  C  CB  . TRP A 1 25  ? -0.654  7.051   2.685   1.00 18.51 ? 25  TRP A CB  1 
ATOM   180  C  CG  . TRP A 1 25  ? -0.798  6.910   4.190   1.00 19.44 ? 25  TRP A CG  1 
ATOM   181  C  CD1 . TRP A 1 25  ? -1.924  6.792   4.905   1.00 22.83 ? 25  TRP A CD1 1 
ATOM   182  C  CD2 . TRP A 1 25  ? 0.286   6.988   5.107   1.00 20.53 ? 25  TRP A CD2 1 
ATOM   183  N  NE1 . TRP A 1 25  ? -1.606  6.782   6.303   1.00 24.70 ? 25  TRP A NE1 1 
ATOM   184  C  CE2 . TRP A 1 25  ? -0.245  6.839   6.412   1.00 25.39 ? 25  TRP A CE2 1 
ATOM   185  C  CE3 . TRP A 1 25  ? 1.680   7.117   4.936   1.00 26.18 ? 25  TRP A CE3 1 
ATOM   186  C  CZ2 . TRP A 1 25  ? 0.577   6.846   7.567   1.00 27.07 ? 25  TRP A CZ2 1 
ATOM   187  C  CZ3 . TRP A 1 25  ? 2.516   7.126   6.099   1.00 28.51 ? 25  TRP A CZ3 1 
ATOM   188  C  CH2 . TRP A 1 25  ? 1.946   7.009   7.382   1.00 25.06 ? 25  TRP A CH2 1 
ATOM   189  N  N   . PHE A 1 26  ? 0.672   8.382   0.287   1.00 18.61 ? 26  PHE A N   1 
ATOM   190  C  CA  . PHE A 1 26  ? 0.890   8.284   -1.181  1.00 20.92 ? 26  PHE A CA  1 
ATOM   191  C  C   . PHE A 1 26  ? 1.392   6.919   -1.488  1.00 19.77 ? 26  PHE A C   1 
ATOM   192  O  O   . PHE A 1 26  ? 2.310   6.338   -0.827  1.00 19.85 ? 26  PHE A O   1 
ATOM   193  C  CB  . PHE A 1 26  ? 1.984   9.297   -1.641  1.00 18.47 ? 26  PHE A CB  1 
ATOM   194  C  CG  . PHE A 1 26  ? 1.578   10.725  -1.389  1.00 22.57 ? 26  PHE A CG  1 
ATOM   195  C  CD1 . PHE A 1 26  ? 1.652   11.289  -0.120  1.00 22.61 ? 26  PHE A CD1 1 
ATOM   196  C  CD2 . PHE A 1 26  ? 1.046   11.488  -2.437  1.00 23.99 ? 26  PHE A CD2 1 
ATOM   197  C  CE1 . PHE A 1 26  ? 1.222   12.614  0.171   1.00 27.24 ? 26  PHE A CE1 1 
ATOM   198  C  CE2 . PHE A 1 26  ? 0.631   12.834  -2.193  1.00 23.50 ? 26  PHE A CE2 1 
ATOM   199  C  CZ  . PHE A 1 26  ? 0.695   13.409  -0.900  1.00 22.75 ? 26  PHE A CZ  1 
ATOM   200  N  N   . TYR A 1 27  ? 0.857   6.365   -2.565  1.00 19.22 ? 27  TYR A N   1 
ATOM   201  C  CA  . TYR A 1 27  ? 1.290   5.066   -3.089  1.00 18.21 ? 27  TYR A CA  1 
ATOM   202  C  C   . TYR A 1 27  ? 2.593   5.247   -3.905  1.00 20.89 ? 27  TYR A C   1 
ATOM   203  O  O   . TYR A 1 27  ? 2.650   6.062   -4.851  1.00 21.25 ? 27  TYR A O   1 
ATOM   204  C  CB  . TYR A 1 27  ? 0.128   4.491   -3.968  1.00 17.80 ? 27  TYR A CB  1 
ATOM   205  C  CG  . TYR A 1 27  ? 0.495   3.280   -4.831  1.00 21.05 ? 27  TYR A CG  1 
ATOM   206  C  CD1 . TYR A 1 27  ? 0.092   3.218   -6.177  1.00 19.32 ? 27  TYR A CD1 1 
ATOM   207  C  CD2 . TYR A 1 27  ? 1.243   2.164   -4.299  1.00 22.36 ? 27  TYR A CD2 1 
ATOM   208  C  CE1 . TYR A 1 27  ? 0.426   2.097   -6.974  1.00 23.76 ? 27  TYR A CE1 1 
ATOM   209  C  CE2 . TYR A 1 27  ? 1.571   1.041   -5.066  1.00 19.91 ? 27  TYR A CE2 1 
ATOM   210  C  CZ  . TYR A 1 27  ? 1.166   1.041   -6.436  1.00 24.82 ? 27  TYR A CZ  1 
ATOM   211  O  OH  . TYR A 1 27  ? 1.420   0.029   -7.235  1.00 25.17 ? 27  TYR A OH  1 
ATOM   212  N  N   . ILE A 1 28  ? 3.665   4.571   -3.525  1.00 19.55 ? 28  ILE A N   1 
ATOM   213  C  CA  . ILE A 1 28  ? 4.972   4.805   -4.119  1.00 20.15 ? 28  ILE A CA  1 
ATOM   214  C  C   . ILE A 1 28  ? 5.366   3.742   -5.119  1.00 22.31 ? 28  ILE A C   1 
ATOM   215  O  O   . ILE A 1 28  ? 5.806   4.081   -6.229  1.00 20.14 ? 28  ILE A O   1 
ATOM   216  C  CB  . ILE A 1 28  ? 6.094   4.964   -2.974  1.00 17.97 ? 28  ILE A CB  1 
ATOM   217  C  CG1 . ILE A 1 28  ? 5.684   6.054   -1.978  1.00 20.13 ? 28  ILE A CG1 1 
ATOM   218  C  CG2 . ILE A 1 28  ? 7.492   5.103   -3.636  1.00 25.03 ? 28  ILE A CG2 1 
ATOM   219  C  CD1 . ILE A 1 28  ? 5.435   7.525   -2.550  1.00 21.68 ? 28  ILE A CD1 1 
ATOM   220  N  N   . ALA A 1 29  ? 5.213   2.459   -4.815  1.00 20.13 ? 29  ALA A N   1 
ATOM   221  C  CA  . ALA A 1 29  ? 5.677   1.422   -5.693  1.00 21.78 ? 29  ALA A CA  1 
ATOM   222  C  C   . ALA A 1 29  ? 5.122   0.087   -5.289  1.00 23.10 ? 29  ALA A C   1 
ATOM   223  O  O   . ALA A 1 29  ? 4.646   -0.059  -4.110  1.00 22.12 ? 29  ALA A O   1 
ATOM   224  C  CB  . ALA A 1 29  ? 7.189   1.380   -5.666  1.00 21.46 ? 29  ALA A CB  1 
ATOM   225  N  N   . SER A 1 30  ? 5.034   -0.817  -6.251  1.00 23.38 ? 30  SER A N   1 
ATOM   226  C  CA  . SER A 1 30  ? 4.761   -2.242  -5.936  1.00 25.17 ? 30  SER A CA  1 
ATOM   227  C  C   . SER A 1 30  ? 5.581   -3.162  -6.811  1.00 27.57 ? 30  SER A C   1 
ATOM   228  O  O   . SER A 1 30  ? 6.156   -2.727  -7.849  1.00 25.19 ? 30  SER A O   1 
ATOM   229  C  CB  . SER A 1 30  ? 3.228   -2.539  -5.929  1.00 26.51 ? 30  SER A CB  1 
ATOM   230  O  OG  . SER A 1 30  ? 2.703   -2.416  -7.168  1.00 38.32 ? 30  SER A OG  1 
ATOM   231  N  N   . ALA A 1 31  ? 5.685   -4.431  -6.403  1.00 25.87 ? 31  ALA A N   1 
ATOM   232  C  CA  . ALA A 1 31  ? 6.261   -5.432  -7.263  1.00 26.55 ? 31  ALA A CA  1 
ATOM   233  C  C   . ALA A 1 31  ? 5.629   -6.733  -6.879  1.00 28.25 ? 31  ALA A C   1 
ATOM   234  O  O   . ALA A 1 31  ? 5.444   -7.021  -5.682  1.00 26.74 ? 31  ALA A O   1 
ATOM   235  C  CB  . ALA A 1 31  ? 7.788   -5.483  -7.127  1.00 25.58 ? 31  ALA A CB  1 
ATOM   236  N  N   . PHE A 1 32  ? 5.246   -7.489  -7.890  1.00 29.34 ? 32  PHE A N   1 
ATOM   237  C  CA  . PHE A 1 32  ? 4.569   -8.735  -7.708  1.00 32.76 ? 32  PHE A CA  1 
ATOM   238  C  C   . PHE A 1 32  ? 5.345   -9.812  -8.471  1.00 36.08 ? 32  PHE A C   1 
ATOM   239  O  O   . PHE A 1 32  ? 6.145   -9.530  -9.407  1.00 34.22 ? 32  PHE A O   1 
ATOM   240  C  CB  . PHE A 1 32  ? 3.136   -8.693  -8.160  1.00 32.70 ? 32  PHE A CB  1 
ATOM   241  C  CG  . PHE A 1 32  ? 2.249   -7.728  -7.357  1.00 34.94 ? 32  PHE A CG  1 
ATOM   242  C  CD1 . PHE A 1 32  ? 2.152   -6.387  -7.718  1.00 33.50 ? 32  PHE A CD1 1 
ATOM   243  C  CD2 . PHE A 1 32  ? 1.529   -8.179  -6.239  1.00 33.68 ? 32  PHE A CD2 1 
ATOM   244  C  CE1 . PHE A 1 32  ? 1.342   -5.504  -6.985  1.00 34.84 ? 32  PHE A CE1 1 
ATOM   245  C  CE2 . PHE A 1 32  ? 0.721   -7.300  -5.465  1.00 34.25 ? 32  PHE A CE2 1 
ATOM   246  C  CZ  . PHE A 1 32  ? 0.613   -5.969  -5.857  1.00 36.56 ? 32  PHE A CZ  1 
ATOM   247  N  N   . ARG A 1 33  ? 5.128   -11.041 -8.011  1.00 38.36 ? 33  ARG A N   1 
ATOM   248  C  CA  . ARG A 1 33  ? 5.613   -12.249 -8.675  1.00 41.51 ? 33  ARG A CA  1 
ATOM   249  C  C   . ARG A 1 33  ? 4.813   -12.544 -9.948  1.00 44.04 ? 33  ARG A C   1 
ATOM   250  O  O   . ARG A 1 33  ? 5.385   -12.991 -10.935 1.00 45.24 ? 33  ARG A O   1 
ATOM   251  C  CB  . ARG A 1 33  ? 5.576   -13.437 -7.675  1.00 39.94 ? 33  ARG A CB  1 
ATOM   252  C  CG  . ARG A 1 33  ? 6.741   -13.403 -6.636  1.00 38.92 ? 33  ARG A CG  1 
ATOM   253  C  CD  . ARG A 1 33  ? 6.595   -14.615 -5.627  1.00 33.21 ? 33  ARG A CD  1 
ATOM   254  N  NE  . ARG A 1 33  ? 7.619   -14.614 -4.606  1.00 37.51 ? 33  ARG A NE  1 
ATOM   255  C  CZ  . ARG A 1 33  ? 7.529   -15.285 -3.466  1.00 34.65 ? 33  ARG A CZ  1 
ATOM   256  N  NH1 . ARG A 1 33  ? 6.424   -15.970 -3.179  1.00 35.43 ? 33  ARG A NH1 1 
ATOM   257  N  NH2 . ARG A 1 33  ? 8.496   -15.216 -2.592  1.00 35.14 ? 33  ARG A NH2 1 
ATOM   258  N  N   . ASN A 1 34  ? 3.515   -12.275 -9.924  1.00 46.67 ? 34  ASN A N   1 
ATOM   259  C  CA  . ASN A 1 34  ? 2.638   -12.456 -11.072 1.00 50.14 ? 34  ASN A CA  1 
ATOM   260  C  C   . ASN A 1 34  ? 2.773   -11.290 -12.074 1.00 51.31 ? 34  ASN A C   1 
ATOM   261  O  O   . ASN A 1 34  ? 2.547   -10.123 -11.738 1.00 50.27 ? 34  ASN A O   1 
ATOM   262  C  CB  . ASN A 1 34  ? 1.182   -12.643 -10.629 1.00 50.22 ? 34  ASN A CB  1 
ATOM   263  C  CG  . ASN A 1 34  ? 0.228   -12.848 -11.796 1.00 53.88 ? 34  ASN A CG  1 
ATOM   264  O  OD1 . ASN A 1 34  ? 0.434   -12.321 -12.888 1.00 59.27 ? 34  ASN A OD1 1 
ATOM   265  N  ND2 . ASN A 1 34  ? -0.845  -13.602 -11.559 1.00 54.94 ? 34  ASN A ND2 1 
ATOM   266  N  N   . GLU A 1 35  ? 3.151   -11.620 -13.310 1.00 52.88 ? 35  GLU A N   1 
ATOM   267  C  CA  . GLU A 1 35  ? 3.488   -10.594 -14.298 1.00 54.27 ? 35  GLU A CA  1 
ATOM   268  C  C   . GLU A 1 35  ? 2.284   -9.781  -14.737 1.00 53.89 ? 35  GLU A C   1 
ATOM   269  O  O   . GLU A 1 35  ? 2.412   -8.587  -15.015 1.00 54.10 ? 35  GLU A O   1 
ATOM   270  C  CB  . GLU A 1 35  ? 4.241   -11.165 -15.522 1.00 55.23 ? 35  GLU A CB  1 
ATOM   271  C  CG  . GLU A 1 35  ? 5.254   -10.140 -16.098 1.00 58.62 ? 35  GLU A CG  1 
ATOM   272  C  CD  . GLU A 1 35  ? 6.325   -9.687  -15.066 1.00 64.57 ? 35  GLU A CD  1 
ATOM   273  O  OE1 . GLU A 1 35  ? 6.560   -8.442  -14.921 1.00 62.88 ? 35  GLU A OE1 1 
ATOM   274  O  OE2 . GLU A 1 35  ? 6.935   -10.584 -14.405 1.00 64.81 ? 35  GLU A OE2 1 
ATOM   275  N  N   . GLU A 1 36  ? 1.118   -10.417 -14.775 1.00 53.78 ? 36  GLU A N   1 
ATOM   276  C  CA  . GLU A 1 36  ? -0.092  -9.720  -15.164 1.00 54.39 ? 36  GLU A CA  1 
ATOM   277  C  C   . GLU A 1 36  ? -0.445  -8.640  -14.100 1.00 52.47 ? 36  GLU A C   1 
ATOM   278  O  O   . GLU A 1 36  ? -0.976  -7.560  -14.445 1.00 51.96 ? 36  GLU A O   1 
ATOM   279  C  CB  . GLU A 1 36  ? -1.217  -10.729 -15.403 1.00 55.65 ? 36  GLU A CB  1 
ATOM   280  C  CG  . GLU A 1 36  ? -2.641  -10.227 -15.138 1.00 61.29 ? 36  GLU A CG  1 
ATOM   281  C  CD  . GLU A 1 36  ? -3.615  -11.394 -14.947 1.00 69.62 ? 36  GLU A CD  1 
ATOM   282  O  OE1 . GLU A 1 36  ? -3.897  -12.082 -15.962 1.00 71.14 ? 36  GLU A OE1 1 
ATOM   283  O  OE2 . GLU A 1 36  ? -4.076  -11.634 -13.789 1.00 71.45 ? 36  GLU A OE2 1 
ATOM   284  N  N   . TYR A 1 37  ? -0.093  -8.933  -12.839 1.00 50.08 ? 37  TYR A N   1 
ATOM   285  C  CA  . TYR A 1 37  ? -0.307  -8.008  -11.722 1.00 47.53 ? 37  TYR A CA  1 
ATOM   286  C  C   . TYR A 1 37  ? 0.568   -6.786  -11.947 1.00 45.03 ? 37  TYR A C   1 
ATOM   287  O  O   . TYR A 1 37  ? 0.104   -5.668  -11.785 1.00 42.65 ? 37  TYR A O   1 
ATOM   288  C  CB  . TYR A 1 37  ? 0.028   -8.634  -10.347 1.00 47.57 ? 37  TYR A CB  1 
ATOM   289  C  CG  . TYR A 1 37  ? -0.963  -9.644  -9.725  1.00 50.00 ? 37  TYR A CG  1 
ATOM   290  C  CD1 . TYR A 1 37  ? -2.190  -9.985  -10.345 1.00 53.67 ? 37  TYR A CD1 1 
ATOM   291  C  CD2 . TYR A 1 37  ? -0.676  -10.247 -8.482  1.00 52.07 ? 37  TYR A CD2 1 
ATOM   292  C  CE1 . TYR A 1 37  ? -3.082  -10.925 -9.735  1.00 54.38 ? 37  TYR A CE1 1 
ATOM   293  C  CE2 . TYR A 1 37  ? -1.551  -11.166 -7.875  1.00 52.08 ? 37  TYR A CE2 1 
ATOM   294  C  CZ  . TYR A 1 37  ? -2.742  -11.512 -8.504  1.00 54.65 ? 37  TYR A CZ  1 
ATOM   295  O  OH  . TYR A 1 37  ? -3.605  -12.406 -7.875  1.00 53.77 ? 37  TYR A OH  1 
ATOM   296  N  N   . ASN A 1 38  ? 1.832   -7.001  -12.313 1.00 43.62 ? 38  ASN A N   1 
ATOM   297  C  CA  . ASN A 1 38  ? 2.728   -5.874  -12.609 1.00 42.60 ? 38  ASN A CA  1 
ATOM   298  C  C   . ASN A 1 38  ? 2.208   -4.985  -13.751 1.00 42.84 ? 38  ASN A C   1 
ATOM   299  O  O   . ASN A 1 38  ? 2.305   -3.730  -13.673 1.00 41.33 ? 38  ASN A O   1 
ATOM   300  C  CB  . ASN A 1 38  ? 4.169   -6.316  -12.879 1.00 41.42 ? 38  ASN A CB  1 
ATOM   301  C  CG  . ASN A 1 38  ? 4.888   -6.862  -11.617 1.00 43.02 ? 38  ASN A CG  1 
ATOM   302  O  OD1 . ASN A 1 38  ? 4.652   -6.431  -10.475 1.00 34.76 ? 38  ASN A OD1 1 
ATOM   303  N  ND2 . ASN A 1 38  ? 5.800   -7.799  -11.839 1.00 41.74 ? 38  ASN A ND2 1 
ATOM   304  N  N   . LYS A 1 39  ? 1.642   -5.622  -14.793 1.00 43.14 ? 39  LYS A N   1 
ATOM   305  C  CA  . LYS A 1 39  ? 1.168   -4.876  -15.985 1.00 44.05 ? 39  LYS A CA  1 
ATOM   306  C  C   . LYS A 1 39  ? -0.137  -4.142  -15.679 1.00 42.65 ? 39  LYS A C   1 
ATOM   307  O  O   . LYS A 1 39  ? -0.372  -3.059  -16.166 1.00 42.56 ? 39  LYS A O   1 
ATOM   308  C  CB  . LYS A 1 39  ? 1.003   -5.803  -17.209 1.00 44.14 ? 39  LYS A CB  1 
ATOM   309  C  CG  . LYS A 1 39  ? 2.315   -6.398  -17.703 1.00 46.89 ? 39  LYS A CG  1 
ATOM   310  C  CD  . LYS A 1 39  ? 2.115   -7.201  -18.978 0.00 20.00 ? 39  LYS A CD  1 
ATOM   311  C  CE  . LYS A 1 39  ? 3.436   -7.743  -19.502 0.00 20.00 ? 39  LYS A CE  1 
ATOM   312  N  NZ  . LYS A 1 39  ? 3.266   -8.482  -20.782 0.00 20.00 ? 39  LYS A NZ  1 
ATOM   313  N  N   . SER A 1 40  ? -0.965  -4.744  -14.836 1.00 44.01 ? 40  SER A N   1 
ATOM   314  C  CA  . SER A 1 40  ? -2.222  -4.123  -14.374 1.00 43.44 ? 40  SER A CA  1 
ATOM   315  C  C   . SER A 1 40  ? -1.911  -2.854  -13.548 1.00 41.42 ? 40  SER A C   1 
ATOM   316  O  O   . SER A 1 40  ? -2.455  -1.785  -13.780 1.00 40.79 ? 40  SER A O   1 
ATOM   317  C  CB  . SER A 1 40  ? -2.988  -5.130  -13.509 1.00 44.66 ? 40  SER A CB  1 
ATOM   318  O  OG  . SER A 1 40  ? -4.020  -5.807  -14.237 1.00 48.61 ? 40  SER A OG  1 
ATOM   319  N  N   . VAL A 1 41  ? -1.023  -3.018  -12.569 1.00 40.13 ? 41  VAL A N   1 
ATOM   320  C  CA  . VAL A 1 41  ? -0.530  -1.926  -11.780 1.00 37.92 ? 41  VAL A CA  1 
ATOM   321  C  C   . VAL A 1 41  ? 0.137   -0.809  -12.609 1.00 35.38 ? 41  VAL A C   1 
ATOM   322  O  O   . VAL A 1 41  ? 0.106   0.353   -12.231 1.00 31.97 ? 41  VAL A O   1 
ATOM   323  C  CB  . VAL A 1 41  ? 0.390   -2.516  -10.666 1.00 38.08 ? 41  VAL A CB  1 
ATOM   324  C  CG1 . VAL A 1 41  ? 1.507   -1.594  -10.327 1.00 40.23 ? 41  VAL A CG1 1 
ATOM   325  C  CG2 . VAL A 1 41  ? -0.436  -2.892  -9.458  1.00 39.63 ? 41  VAL A CG2 1 
ATOM   326  N  N   . GLN A 1 42  ? 0.741   -1.143  -13.743 1.00 34.54 ? 42  GLN A N   1 
ATOM   327  C  CA  . GLN A 1 42  ? 1.410   -0.142  -14.576 1.00 34.38 ? 42  GLN A CA  1 
ATOM   328  C  C   . GLN A 1 42  ? 0.448   0.984   -15.072 1.00 32.20 ? 42  GLN A C   1 
ATOM   329  O  O   . GLN A 1 42  ? 0.897   2.082   -15.340 1.00 31.25 ? 42  GLN A O   1 
ATOM   330  C  CB  . GLN A 1 42  ? 2.132   -0.824  -15.773 1.00 36.86 ? 42  GLN A CB  1 
ATOM   331  C  CG  . GLN A 1 42  ? 3.598   -1.184  -15.499 1.00 41.74 ? 42  GLN A CG  1 
ATOM   332  C  CD  . GLN A 1 42  ? 4.228   -2.046  -16.614 1.00 51.24 ? 42  GLN A CD  1 
ATOM   333  O  OE1 . GLN A 1 42  ? 3.522   -2.669  -17.401 1.00 50.52 ? 42  GLN A OE1 1 
ATOM   334  N  NE2 . GLN A 1 42  ? 5.562   -2.070  -16.673 1.00 53.24 ? 42  GLN A NE2 1 
ATOM   335  N  N   . GLU A 1 43  ? -0.851  0.757   -15.156 1.00 30.61 ? 43  GLU A N   1 
ATOM   336  C  CA  . GLU A 1 43  ? -1.755  1.861   -15.639 1.00 31.61 ? 43  GLU A CA  1 
ATOM   337  C  C   . GLU A 1 43  ? -2.025  2.937   -14.549 1.00 28.86 ? 43  GLU A C   1 
ATOM   338  O  O   . GLU A 1 43  ? -2.551  4.006   -14.823 1.00 29.38 ? 43  GLU A O   1 
ATOM   339  C  CB  . GLU A 1 43  ? -3.102  1.310   -16.163 1.00 33.56 ? 43  GLU A CB  1 
ATOM   340  C  CG  . GLU A 1 43  ? -3.129  0.901   -17.700 1.00 41.91 ? 43  GLU A CG  1 
ATOM   341  C  CD  . GLU A 1 43  ? -4.430  1.336   -18.483 1.00 51.03 ? 43  GLU A CD  1 
ATOM   342  O  OE1 . GLU A 1 43  ? -4.532  0.909   -19.660 1.00 55.05 ? 43  GLU A OE1 1 
ATOM   343  O  OE2 . GLU A 1 43  ? -5.324  2.114   -17.982 1.00 44.60 ? 43  GLU A OE2 1 
ATOM   344  N  N   . ILE A 1 44  ? -1.645  2.640   -13.304 1.00 24.82 ? 44  ILE A N   1 
ATOM   345  C  CA  . ILE A 1 44  ? -1.890  3.579   -12.213 1.00 22.63 ? 44  ILE A CA  1 
ATOM   346  C  C   . ILE A 1 44  ? -0.755  4.577   -12.217 1.00 23.43 ? 44  ILE A C   1 
ATOM   347  O  O   . ILE A 1 44  ? 0.446   4.210   -11.977 1.00 24.13 ? 44  ILE A O   1 
ATOM   348  C  CB  . ILE A 1 44  ? -1.901  2.818   -10.807 1.00 20.71 ? 44  ILE A CB  1 
ATOM   349  C  CG1 . ILE A 1 44  ? -3.129  1.904   -10.767 1.00 23.32 ? 44  ILE A CG1 1 
ATOM   350  C  CG2 . ILE A 1 44  ? -2.046  3.886   -9.676  1.00 21.32 ? 44  ILE A CG2 1 
ATOM   351  C  CD1 . ILE A 1 44  ? -3.062  0.869   -9.562  1.00 22.85 ? 44  ILE A CD1 1 
ATOM   352  N  N   . GLN A 1 45  ? -1.056  5.838   -12.501 1.00 21.74 ? 45  GLN A N   1 
ATOM   353  C  CA  . GLN A 1 45  ? 0.041   6.772   -12.632 1.00 20.85 ? 45  GLN A CA  1 
ATOM   354  C  C   . GLN A 1 45  ? 0.432   7.337   -11.301 1.00 21.08 ? 45  GLN A C   1 
ATOM   355  O  O   . GLN A 1 45  ? 1.581   7.616   -11.088 1.00 21.16 ? 45  GLN A O   1 
ATOM   356  C  CB  . GLN A 1 45  ? -0.387  7.955   -13.584 1.00 23.37 ? 45  GLN A CB  1 
ATOM   357  C  CG  . GLN A 1 45  ? -0.692  7.313   -15.008 1.00 21.82 ? 45  GLN A CG  1 
ATOM   358  C  CD  . GLN A 1 45  ? -1.374  8.294   -15.942 1.00 27.06 ? 45  GLN A CD  1 
ATOM   359  O  OE1 . GLN A 1 45  ? -2.583  8.547   -15.830 1.00 24.08 ? 45  GLN A OE1 1 
ATOM   360  N  NE2 . GLN A 1 45  ? -0.564  8.917   -16.860 1.00 29.28 ? 45  GLN A NE2 1 
ATOM   361  N  N   . ALA A 1 46  ? -0.546  7.548   -10.436 1.00 20.45 ? 46  ALA A N   1 
ATOM   362  C  CA  . ALA A 1 46  ? -0.302  8.057   -9.053  1.00 20.54 ? 46  ALA A CA  1 
ATOM   363  C  C   . ALA A 1 46  ? -1.520  7.693   -8.251  1.00 20.24 ? 46  ALA A C   1 
ATOM   364  O  O   . ALA A 1 46  ? -2.638  7.482   -8.812  1.00 20.92 ? 46  ALA A O   1 
ATOM   365  C  CB  . ALA A 1 46  ? -0.141  9.664   -9.026  1.00 22.07 ? 46  ALA A CB  1 
ATOM   366  N  N   . THR A 1 47  ? -1.363  7.651   -6.905  1.00 19.61 ? 47  THR A N   1 
ATOM   367  C  CA  . THR A 1 47  ? -2.562  7.559   -6.049  1.00 18.33 ? 47  THR A CA  1 
ATOM   368  C  C   . THR A 1 47  ? -2.162  8.056   -4.667  1.00 18.38 ? 47  THR A C   1 
ATOM   369  O  O   . THR A 1 47  ? -1.077  7.653   -4.146  1.00 19.92 ? 47  THR A O   1 
ATOM   370  C  CB  . THR A 1 47  ? -3.084  6.127   -5.779  1.00 21.07 ? 47  THR A CB  1 
ATOM   371  O  OG1 . THR A 1 47  ? -3.351  5.459   -6.979  1.00 21.83 ? 47  THR A OG1 1 
ATOM   372  C  CG2 . THR A 1 47  ? -4.382  6.098   -4.977  1.00 19.79 ? 47  THR A CG2 1 
ATOM   373  N  N   . PHE A 1 48  ? -2.984  8.956   -4.162  1.00 20.01 ? 48  PHE A N   1 
ATOM   374  C  CA  . PHE A 1 48  ? -2.946  9.356   -2.755  1.00 19.77 ? 48  PHE A CA  1 
ATOM   375  C  C   . PHE A 1 48  ? -4.279  9.037   -2.140  1.00 19.90 ? 48  PHE A C   1 
ATOM   376  O  O   . PHE A 1 48  ? -5.349  8.946   -2.824  1.00 18.74 ? 48  PHE A O   1 
ATOM   377  C  CB  . PHE A 1 48  ? -2.410  10.764  -2.516  1.00 20.27 ? 48  PHE A CB  1 
ATOM   378  C  CG  . PHE A 1 48  ? -3.257  11.864  -3.104  1.00 21.48 ? 48  PHE A CG  1 
ATOM   379  C  CD1 . PHE A 1 48  ? -2.944  12.368  -4.359  1.00 22.50 ? 48  PHE A CD1 1 
ATOM   380  C  CD2 . PHE A 1 48  ? -4.352  12.332  -2.415  1.00 19.55 ? 48  PHE A CD2 1 
ATOM   381  C  CE1 . PHE A 1 48  ? -3.786  13.397  -4.901  1.00 20.94 ? 48  PHE A CE1 1 
ATOM   382  C  CE2 . PHE A 1 48  ? -5.203  13.368  -2.928  1.00 25.54 ? 48  PHE A CE2 1 
ATOM   383  C  CZ  . PHE A 1 48  ? -4.872  13.904  -4.180  1.00 20.41 ? 48  PHE A CZ  1 
ATOM   384  N  N   . PHE A 1 49  ? -4.305  8.879   -0.824  1.00 15.96 ? 49  PHE A N   1 
ATOM   385  C  CA  . PHE A 1 49  ? -5.501  8.428   -0.208  1.00 16.38 ? 49  PHE A CA  1 
ATOM   386  C  C   . PHE A 1 49  ? -5.507  8.726   1.317   1.00 20.21 ? 49  PHE A C   1 
ATOM   387  O  O   . PHE A 1 49  ? -4.463  9.102   1.908   1.00 19.45 ? 49  PHE A O   1 
ATOM   388  C  CB  . PHE A 1 49  ? -5.704  6.900   -0.426  1.00 17.17 ? 49  PHE A CB  1 
ATOM   389  C  CG  . PHE A 1 49  ? -4.551  6.040   0.051   1.00 19.71 ? 49  PHE A CG  1 
ATOM   390  C  CD1 . PHE A 1 49  ? -3.505  5.717   -0.791  1.00 21.15 ? 49  PHE A CD1 1 
ATOM   391  C  CD2 . PHE A 1 49  ? -4.565  5.496   1.378   1.00 22.36 ? 49  PHE A CD2 1 
ATOM   392  C  CE1 . PHE A 1 49  ? -2.442  4.880   -0.339  1.00 22.96 ? 49  PHE A CE1 1 
ATOM   393  C  CE2 . PHE A 1 49  ? -3.481  4.683   1.868   1.00 20.80 ? 49  PHE A CE2 1 
ATOM   394  C  CZ  . PHE A 1 49  ? -2.438  4.373   1.028   1.00 19.25 ? 49  PHE A CZ  1 
ATOM   395  N  N   . TYR A 1 50  ? -6.691  8.653   1.886   1.00 19.02 ? 50  TYR A N   1 
ATOM   396  C  CA  . TYR A 1 50  ? -6.892  8.870   3.346   1.00 19.84 ? 50  TYR A CA  1 
ATOM   397  C  C   . TYR A 1 50  ? -7.466  7.675   4.015   1.00 20.34 ? 50  TYR A C   1 
ATOM   398  O  O   . TYR A 1 50  ? -8.378  6.989   3.498   1.00 19.22 ? 50  TYR A O   1 
ATOM   399  C  CB  . TYR A 1 50  ? -7.850  10.022  3.582   1.00 20.94 ? 50  TYR A CB  1 
ATOM   400  C  CG  . TYR A 1 50  ? -7.340  11.351  3.082   1.00 21.37 ? 50  TYR A CG  1 
ATOM   401  C  CD1 . TYR A 1 50  ? -7.363  11.657  1.710   1.00 25.50 ? 50  TYR A CD1 1 
ATOM   402  C  CD2 . TYR A 1 50  ? -6.798  12.299  3.959   1.00 23.77 ? 50  TYR A CD2 1 
ATOM   403  C  CE1 . TYR A 1 50  ? -6.860  12.930  1.269   1.00 26.83 ? 50  TYR A CE1 1 
ATOM   404  C  CE2 . TYR A 1 50  ? -6.337  13.534  3.521   1.00 28.76 ? 50  TYR A CE2 1 
ATOM   405  C  CZ  . TYR A 1 50  ? -6.387  13.848  2.173   1.00 29.19 ? 50  TYR A CZ  1 
ATOM   406  O  OH  . TYR A 1 50  ? -5.904  15.122  1.782   1.00 31.53 ? 50  TYR A OH  1 
ATOM   407  N  N   . PHE A 1 51  ? -6.920  7.358   5.236   1.00 18.56 ? 51  PHE A N   1 
ATOM   408  C  CA  . PHE A 1 51  ? -7.487  6.263   6.010   1.00 19.87 ? 51  PHE A CA  1 
ATOM   409  C  C   . PHE A 1 51  ? -8.138  6.830   7.247   1.00 19.63 ? 51  PHE A C   1 
ATOM   410  O  O   . PHE A 1 51  ? -7.570  7.758   7.901   1.00 18.93 ? 51  PHE A O   1 
ATOM   411  C  CB  . PHE A 1 51  ? -6.332  5.402   6.613   1.00 19.07 ? 51  PHE A CB  1 
ATOM   412  C  CG  . PHE A 1 51  ? -5.770  4.327   5.745   1.00 21.49 ? 51  PHE A CG  1 
ATOM   413  C  CD1 . PHE A 1 51  ? -4.480  3.833   6.006   1.00 22.00 ? 51  PHE A CD1 1 
ATOM   414  C  CD2 . PHE A 1 51  ? -6.471  3.735   4.672   1.00 21.37 ? 51  PHE A CD2 1 
ATOM   415  C  CE1 . PHE A 1 51  ? -3.938  2.814   5.294   1.00 21.78 ? 51  PHE A CE1 1 
ATOM   416  C  CE2 . PHE A 1 51  ? -5.902  2.684   3.930   1.00 22.67 ? 51  PHE A CE2 1 
ATOM   417  C  CZ  . PHE A 1 51  ? -4.630  2.200   4.221   1.00 22.23 ? 51  PHE A CZ  1 
ATOM   418  N  N   . THR A 1 52  ? -9.328  6.301   7.569   1.00 21.29 ? 52  THR A N   1 
ATOM   419  C  CA  . THR A 1 52  ? -10.043 6.682   8.806   1.00 22.07 ? 52  THR A CA  1 
ATOM   420  C  C   . THR A 1 52  ? -10.524 5.416   9.487   1.00 21.83 ? 52  THR A C   1 
ATOM   421  O  O   . THR A 1 52  ? -11.558 4.795   9.098   1.00 21.91 ? 52  THR A O   1 
ATOM   422  C  CB  . THR A 1 52  ? -11.264 7.569   8.565   1.00 26.14 ? 52  THR A CB  1 
ATOM   423  O  OG1 . THR A 1 52  ? -10.858 8.792   7.938   1.00 23.75 ? 52  THR A OG1 1 
ATOM   424  C  CG2 . THR A 1 52  ? -11.916 7.922   9.958   1.00 29.06 ? 52  THR A CG2 1 
ATOM   425  N  N   . PRO A 1 53  ? -9.767  4.939   10.498  1.00 22.17 ? 53  PRO A N   1 
ATOM   426  C  CA  . PRO A 1 53  ? -10.168 3.679   11.110  1.00 21.91 ? 53  PRO A CA  1 
ATOM   427  C  C   . PRO A 1 53  ? -11.443 3.793   11.906  1.00 21.53 ? 53  PRO A C   1 
ATOM   428  O  O   . PRO A 1 53  ? -11.741 4.818   12.468  1.00 23.58 ? 53  PRO A O   1 
ATOM   429  C  CB  . PRO A 1 53  ? -8.963  3.373   12.110  1.00 23.11 ? 53  PRO A CB  1 
ATOM   430  C  CG  . PRO A 1 53  ? -7.792  4.011   11.351  1.00 23.86 ? 53  PRO A CG  1 
ATOM   431  C  CD  . PRO A 1 53  ? -8.400  5.336   10.906  1.00 24.29 ? 53  PRO A CD  1 
ATOM   432  N  N   . ASN A 1 54  ? -12.145 2.672   11.981  1.00 22.96 ? 54  ASN A N   1 
ATOM   433  C  CA  . ASN A 1 54  ? -13.270 2.555   12.834  1.00 22.06 ? 54  ASN A CA  1 
ATOM   434  C  C   . ASN A 1 54  ? -12.882 1.405   13.825  1.00 19.71 ? 54  ASN A C   1 
ATOM   435  O  O   . ASN A 1 54  ? -12.921 0.255   13.446  1.00 21.36 ? 54  ASN A O   1 
ATOM   436  C  CB  . ASN A 1 54  ? -14.563 2.110   12.074  1.00 22.99 ? 54  ASN A CB  1 
ATOM   437  C  CG  . ASN A 1 54  ? -15.815 2.172   13.012  1.00 32.45 ? 54  ASN A CG  1 
ATOM   438  O  OD1 . ASN A 1 54  ? -15.758 1.730   14.203  1.00 31.04 ? 54  ASN A OD1 1 
ATOM   439  N  ND2 . ASN A 1 54  ? -16.938 2.748   12.496  1.00 31.47 ? 54  ASN A ND2 1 
ATOM   440  N  N   . LYS A 1 55  ? -12.441 1.769   15.019  1.00 20.60 ? 55  LYS A N   1 
ATOM   441  C  CA  . LYS A 1 55  ? -11.919 0.680   15.936  1.00 22.70 ? 55  LYS A CA  1 
ATOM   442  C  C   . LYS A 1 55  ? -12.998 -0.283  16.422  1.00 23.73 ? 55  LYS A C   1 
ATOM   443  O  O   . LYS A 1 55  ? -12.748 -1.453  16.651  1.00 23.87 ? 55  LYS A O   1 
ATOM   444  C  CB  . LYS A 1 55  ? -11.234 1.380   17.144  1.00 22.82 ? 55  LYS A CB  1 
ATOM   445  C  CG  . LYS A 1 55  ? -9.938  2.111   16.672  1.00 21.89 ? 55  LYS A CG  1 
ATOM   446  C  CD  . LYS A 1 55  ? -9.671  3.356   17.611  1.00 24.41 ? 55  LYS A CD  1 
ATOM   447  C  CE  . LYS A 1 55  ? -8.352  3.994   17.311  1.00 25.52 ? 55  LYS A CE  1 
ATOM   448  N  NZ  . LYS A 1 55  ? -8.136  5.227   18.173  1.00 27.31 ? 55  LYS A NZ  1 
ATOM   449  N  N   . THR A 1 56  ? -14.233 0.205   16.578  1.00 24.56 ? 56  THR A N   1 
ATOM   450  C  CA  . THR A 1 56  ? -15.348 -0.657  17.041  1.00 25.18 ? 56  THR A CA  1 
ATOM   451  C  C   . THR A 1 56  ? -15.639 -1.721  16.002  1.00 24.51 ? 56  THR A C   1 
ATOM   452  O  O   . THR A 1 56  ? -15.742 -2.971  16.270  1.00 23.19 ? 56  THR A O   1 
ATOM   453  C  CB  . THR A 1 56  ? -16.637 0.216   17.299  1.00 25.56 ? 56  THR A CB  1 
ATOM   454  O  OG1 . THR A 1 56  ? -16.351 1.328   18.149  1.00 27.46 ? 56  THR A OG1 1 
ATOM   455  C  CG2 . THR A 1 56  ? -17.876 -0.635  17.776  1.00 31.68 ? 56  THR A CG2 1 
ATOM   456  N  N   . GLU A 1 57  ? -15.732 -1.291  14.734  1.00 24.31 ? 57  GLU A N   1 
ATOM   457  C  CA  . GLU A 1 57  ? -16.060 -2.232  13.671  1.00 25.49 ? 57  GLU A CA  1 
ATOM   458  C  C   . GLU A 1 57  ? -14.910 -2.986  13.019  1.00 23.66 ? 57  GLU A C   1 
ATOM   459  O  O   . GLU A 1 57  ? -15.177 -3.897  12.233  1.00 25.32 ? 57  GLU A O   1 
ATOM   460  C  CB  . GLU A 1 57  ? -16.903 -1.497  12.544  1.00 26.20 ? 57  GLU A CB  1 
ATOM   461  C  CG  . GLU A 1 57  ? -18.084 -0.711  13.101  1.00 30.47 ? 57  GLU A CG  1 
ATOM   462  C  CD  . GLU A 1 57  ? -19.134 -1.630  13.674  1.00 43.14 ? 57  GLU A CD  1 
ATOM   463  O  OE1 . GLU A 1 57  ? -19.326 -2.753  13.084  1.00 44.70 ? 57  GLU A OE1 1 
ATOM   464  O  OE2 . GLU A 1 57  ? -19.762 -1.205  14.695  1.00 46.38 ? 57  GLU A OE2 1 
ATOM   465  N  N   . ASP A 1 58  ? -13.651 -2.714  13.422  1.00 23.35 ? 58  ASP A N   1 
ATOM   466  C  CA  . ASP A 1 58  ? -12.457 -3.288  12.796  1.00 22.65 ? 58  ASP A CA  1 
ATOM   467  C  C   . ASP A 1 58  ? -12.510 -3.066  11.271  1.00 19.31 ? 58  ASP A C   1 
ATOM   468  O  O   . ASP A 1 58  ? -12.333 -4.018  10.501  1.00 19.72 ? 58  ASP A O   1 
ATOM   469  C  CB  . ASP A 1 58  ? -12.243 -4.771  13.113  1.00 24.24 ? 58  ASP A CB  1 
ATOM   470  C  CG  . ASP A 1 58  ? -12.255 -5.028  14.645  1.00 29.07 ? 58  ASP A CG  1 
ATOM   471  O  OD1 . ASP A 1 58  ? -11.695 -4.189  15.329  1.00 28.20 ? 58  ASP A OD1 1 
ATOM   472  O  OD2 . ASP A 1 58  ? -12.883 -6.036  15.085  1.00 30.74 ? 58  ASP A OD2 1 
ATOM   473  N  N   . THR A 1 59  ? -12.782 -1.831  10.948  1.00 20.81 ? 59  THR A N   1 
ATOM   474  C  CA  . THR A 1 59  ? -12.706 -1.431  9.482   1.00 21.75 ? 59  THR A CA  1 
ATOM   475  C  C   . THR A 1 59  ? -11.845 -0.203  9.312   1.00 20.66 ? 59  THR A C   1 
ATOM   476  O  O   . THR A 1 59  ? -11.529 0.512   10.281  1.00 21.26 ? 59  THR A O   1 
ATOM   477  C  CB  . THR A 1 59  ? -14.142 -1.124  8.935   1.00 19.62 ? 59  THR A CB  1 
ATOM   478  O  OG1 . THR A 1 59  ? -14.752 -0.036  9.615   1.00 23.06 ? 59  THR A OG1 1 
ATOM   479  C  CG2 . THR A 1 59  ? -15.008 -2.357  9.031   1.00 24.98 ? 59  THR A CG2 1 
ATOM   480  N  N   . ILE A 1 60  ? -11.506 0.149   8.023   1.00 20.58 ? 60  ILE A N   1 
ATOM   481  C  CA  . ILE A 1 60  ? -10.866 1.461   7.877   1.00 19.26 ? 60  ILE A CA  1 
ATOM   482  C  C   . ILE A 1 60  ? -11.605 2.033   6.592   1.00 19.24 ? 60  ILE A C   1 
ATOM   483  O  O   . ILE A 1 60  ? -11.714 1.335   5.602   1.00 18.60 ? 60  ILE A O   1 
ATOM   484  C  CB  . ILE A 1 60  ? -9.394  1.345   7.520   1.00 19.49 ? 60  ILE A CB  1 
ATOM   485  C  CG1 . ILE A 1 60  ? -8.554  0.677   8.701   1.00 20.05 ? 60  ILE A CG1 1 
ATOM   486  C  CG2 . ILE A 1 60  ? -8.768  2.726   7.127   1.00 23.08 ? 60  ILE A CG2 1 
ATOM   487  C  CD1 . ILE A 1 60  ? -7.223  0.172   8.206   1.00 19.49 ? 60  ILE A CD1 1 
ATOM   488  N  N   . PHE A 1 61  ? -12.028 3.259   6.730   1.00 20.00 ? 61  PHE A N   1 
ATOM   489  C  CA  . PHE A 1 61  ? -12.725 3.916   5.590   1.00 20.79 ? 61  PHE A CA  1 
ATOM   490  C  C   . PHE A 1 61  ? -11.589 4.508   4.751   1.00 20.30 ? 61  PHE A C   1 
ATOM   491  O  O   . PHE A 1 61  ? -10.699 5.231   5.269   1.00 21.30 ? 61  PHE A O   1 
ATOM   492  C  CB  . PHE A 1 61  ? -13.636 4.965   6.148   1.00 20.12 ? 61  PHE A CB  1 
ATOM   493  C  CG  . PHE A 1 61  ? -14.422 5.759   5.034   1.00 21.66 ? 61  PHE A CG  1 
ATOM   494  C  CD1 . PHE A 1 61  ? -14.289 7.109   4.976   1.00 26.79 ? 61  PHE A CD1 1 
ATOM   495  C  CD2 . PHE A 1 61  ? -15.243 5.089   4.133   1.00 24.86 ? 61  PHE A CD2 1 
ATOM   496  C  CE1 . PHE A 1 61  ? -15.027 7.884   4.030   1.00 30.07 ? 61  PHE A CE1 1 
ATOM   497  C  CE2 . PHE A 1 61  ? -15.890 5.869   3.101   1.00 26.68 ? 61  PHE A CE2 1 
ATOM   498  C  CZ  . PHE A 1 61  ? -15.729 7.250   3.107   1.00 24.86 ? 61  PHE A CZ  1 
ATOM   499  N  N   . LEU A 1 62  ? -11.613 4.190   3.445   1.00 20.59 ? 62  LEU A N   1 
ATOM   500  C  CA  . LEU A 1 62  ? -10.525 4.609   2.522   1.00 21.63 ? 62  LEU A CA  1 
ATOM   501  C  C   . LEU A 1 62  ? -11.138 5.586   1.499   1.00 23.14 ? 62  LEU A C   1 
ATOM   502  O  O   . LEU A 1 62  ? -12.171 5.242   0.931   1.00 24.60 ? 62  LEU A O   1 
ATOM   503  C  CB  . LEU A 1 62  ? -10.072 3.389   1.781   1.00 22.86 ? 62  LEU A CB  1 
ATOM   504  C  CG  . LEU A 1 62  ? -9.093  3.444   0.604   1.00 22.60 ? 62  LEU A CG  1 
ATOM   505  C  CD1 . LEU A 1 62  ? -7.788  4.234   1.033   1.00 22.00 ? 62  LEU A CD1 1 
ATOM   506  C  CD2 . LEU A 1 62  ? -8.720  2.129   0.158   1.00 26.84 ? 62  LEU A CD2 1 
ATOM   507  N  N   . ARG A 1 63  ? -10.541 6.755   1.357   1.00 20.96 ? 63  ARG A N   1 
ATOM   508  C  CA  . ARG A 1 63  ? -10.916 7.705   0.255   1.00 20.99 ? 63  ARG A CA  1 
ATOM   509  C  C   . ARG A 1 63  ? -9.711  7.762   -0.640  1.00 20.06 ? 63  ARG A C   1 
ATOM   510  O  O   . ARG A 1 63  ? -8.630  8.215   -0.187  1.00 20.21 ? 63  ARG A O   1 
ATOM   511  C  CB  . ARG A 1 63  ? -11.223 9.065   0.860   1.00 20.89 ? 63  ARG A CB  1 
ATOM   512  C  CG  . ARG A 1 63  ? -12.328 8.966   1.836   1.00 27.21 ? 63  ARG A CG  1 
ATOM   513  C  CD  . ARG A 1 63  ? -12.918 10.254  2.213   1.00 32.34 ? 63  ARG A CD  1 
ATOM   514  N  NE  . ARG A 1 63  ? -11.970 11.185  2.713   1.00 39.11 ? 63  ARG A NE  1 
ATOM   515  C  CZ  . ARG A 1 63  ? -11.482 12.211  2.017   1.00 45.43 ? 63  ARG A CZ  1 
ATOM   516  N  NH1 . ARG A 1 63  ? -11.862 12.464  0.724   1.00 45.48 ? 63  ARG A NH1 1 
ATOM   517  N  NH2 . ARG A 1 63  ? -10.628 13.000  2.626   1.00 43.49 ? 63  ARG A NH2 1 
ATOM   518  N  N   . GLU A 1 64  ? -9.850  7.361   -1.914  1.00 19.34 ? 64  GLU A N   1 
ATOM   519  C  CA  . GLU A 1 64  ? -8.671  7.222   -2.786  1.00 18.90 ? 64  GLU A CA  1 
ATOM   520  C  C   . GLU A 1 64  ? -8.802  8.216   -3.978  1.00 18.68 ? 64  GLU A C   1 
ATOM   521  O  O   . GLU A 1 64  ? -9.921  8.325   -4.578  1.00 20.23 ? 64  GLU A O   1 
ATOM   522  C  CB  . GLU A 1 64  ? -8.666  5.872   -3.479  1.00 20.78 ? 64  GLU A CB  1 
ATOM   523  C  CG  . GLU A 1 64  ? -8.472  4.681   -2.682  1.00 30.44 ? 64  GLU A CG  1 
ATOM   524  C  CD  . GLU A 1 64  ? -8.612  3.435   -3.560  1.00 26.56 ? 64  GLU A CD  1 
ATOM   525  O  OE1 . GLU A 1 64  ? -7.559  2.777   -3.771  1.00 30.23 ? 64  GLU A OE1 1 
ATOM   526  O  OE2 . GLU A 1 64  ? -9.759  3.083   -3.934  1.00 28.08 ? 64  GLU A OE2 1 
ATOM   527  N  N   . TYR A 1 65  ? -7.668  8.802   -4.325  1.00 19.24 ? 65  TYR A N   1 
ATOM   528  C  CA  . TYR A 1 65  ? -7.614  9.759   -5.470  1.00 18.00 ? 65  TYR A CA  1 
ATOM   529  C  C   . TYR A 1 65  ? -6.579  9.188   -6.413  1.00 18.67 ? 65  TYR A C   1 
ATOM   530  O  O   . TYR A 1 65  ? -5.367  9.332   -6.201  1.00 19.15 ? 65  TYR A O   1 
ATOM   531  C  CB  . TYR A 1 65  ? -7.138  11.099  -4.893  1.00 17.68 ? 65  TYR A CB  1 
ATOM   532  C  CG  . TYR A 1 65  ? -8.099  11.867  -4.071  1.00 21.05 ? 65  TYR A CG  1 
ATOM   533  C  CD1 . TYR A 1 65  ? -8.212  11.631  -2.692  1.00 17.97 ? 65  TYR A CD1 1 
ATOM   534  C  CD2 . TYR A 1 65  ? -8.887  12.872  -4.638  1.00 22.06 ? 65  TYR A CD2 1 
ATOM   535  C  CE1 . TYR A 1 65  ? -9.077  12.366  -1.909  1.00 24.47 ? 65  TYR A CE1 1 
ATOM   536  C  CE2 . TYR A 1 65  ? -9.785  13.645  -3.832  1.00 26.09 ? 65  TYR A CE2 1 
ATOM   537  C  CZ  . TYR A 1 65  ? -9.832  13.375  -2.460  1.00 31.32 ? 65  TYR A CZ  1 
ATOM   538  O  OH  . TYR A 1 65  ? -10.651 14.077  -1.632  1.00 30.10 ? 65  TYR A OH  1 
ATOM   539  N  N   . GLN A 1 66  ? -6.993  8.409   -7.434  1.00 16.30 ? 66  GLN A N   1 
ATOM   540  C  CA  . GLN A 1 66  ? -6.081  7.766   -8.314  1.00 13.49 ? 66  GLN A CA  1 
ATOM   541  C  C   . GLN A 1 66  ? -5.987  8.526   -9.659  1.00 16.27 ? 66  GLN A C   1 
ATOM   542  O  O   . GLN A 1 66  ? -7.044  8.931   -10.183 1.00 18.25 ? 66  GLN A O   1 
ATOM   543  C  CB  . GLN A 1 66  ? -6.553  6.344   -8.660  1.00 12.32 ? 66  GLN A CB  1 
ATOM   544  C  CG  . GLN A 1 66  ? -5.607  5.595   -9.564  1.00 15.96 ? 66  GLN A CG  1 
ATOM   545  C  CD  . GLN A 1 66  ? -6.014  4.135   -9.701  1.00 21.31 ? 66  GLN A CD  1 
ATOM   546  O  OE1 . GLN A 1 66  ? -6.641  3.719   -10.676 1.00 21.20 ? 66  GLN A OE1 1 
ATOM   547  N  NE2 . GLN A 1 66  ? -5.666  3.348   -8.658  1.00 20.49 ? 66  GLN A NE2 1 
ATOM   548  N  N   . THR A 1 67  ? -4.781  8.631   -10.171 1.00 17.68 ? 67  THR A N   1 
ATOM   549  C  CA  . THR A 1 67  ? -4.660  9.161   -11.577 1.00 19.62 ? 67  THR A CA  1 
ATOM   550  C  C   . THR A 1 67  ? -4.440  7.968   -12.475 1.00 17.86 ? 67  THR A C   1 
ATOM   551  O  O   . THR A 1 67  ? -3.512  7.181   -12.331 1.00 19.67 ? 67  THR A O   1 
ATOM   552  C  CB  . THR A 1 67  ? -3.503  10.160  -11.700 1.00 19.92 ? 67  THR A CB  1 
ATOM   553  O  OG1 . THR A 1 67  ? -3.717  11.232  -10.795 1.00 18.92 ? 67  THR A OG1 1 
ATOM   554  C  CG2 . THR A 1 67  ? -3.463  10.723  -13.202 1.00 18.69 ? 67  THR A CG2 1 
ATOM   555  N  N   . ARG A 1 68  ? -5.335  7.792   -13.472 1.00 19.36 ? 68  ARG A N   1 
ATOM   556  C  CA  . ARG A 1 68  ? -5.230  6.722   -14.428 1.00 20.41 ? 68  ARG A CA  1 
ATOM   557  C  C   . ARG A 1 68  ? -5.696  7.302   -15.804 1.00 18.37 ? 68  ARG A C   1 
ATOM   558  O  O   . ARG A 1 68  ? -6.698  8.060   -15.795 1.00 20.20 ? 68  ARG A O   1 
ATOM   559  C  CB  . ARG A 1 68  ? -6.254  5.608   -14.058 1.00 20.32 ? 68  ARG A CB  1 
ATOM   560  C  CG  . ARG A 1 68  ? -6.086  4.395   -14.967 1.00 22.95 ? 68  ARG A CG  1 
ATOM   561  C  CD  . ARG A 1 68  ? -7.036  3.225   -14.524 1.00 25.18 ? 68  ARG A CD  1 
ATOM   562  N  NE  . ARG A 1 68  ? -6.917  2.214   -15.571 1.00 27.67 ? 68  ARG A NE  1 
ATOM   563  C  CZ  . ARG A 1 68  ? -7.517  1.038   -15.576 1.00 29.58 ? 68  ARG A CZ  1 
ATOM   564  N  NH1 . ARG A 1 68  ? -8.353  0.697   -14.606 1.00 24.35 ? 68  ARG A NH1 1 
ATOM   565  N  NH2 . ARG A 1 68  ? -7.282  0.185   -16.584 1.00 28.99 ? 68  ARG A NH2 1 
ATOM   566  N  N   . GLN A 1 69  ? -4.942  6.999   -16.865 1.00 23.46 ? 69  GLN A N   1 
ATOM   567  C  CA  . GLN A 1 69  ? -5.206  7.635   -18.224 1.00 23.64 ? 69  GLN A CA  1 
ATOM   568  C  C   . GLN A 1 69  ? -5.355  9.154   -18.126 1.00 24.51 ? 69  GLN A C   1 
ATOM   569  O  O   . GLN A 1 69  ? -6.264  9.791   -18.712 1.00 24.27 ? 69  GLN A O   1 
ATOM   570  C  CB  . GLN A 1 69  ? -6.473  6.979   -18.823 1.00 25.59 ? 69  GLN A CB  1 
ATOM   571  C  CG  . GLN A 1 69  ? -6.280  5.496   -18.976 1.00 30.51 ? 69  GLN A CG  1 
ATOM   572  C  CD  . GLN A 1 69  ? -6.761  5.082   -20.344 1.00 49.87 ? 69  GLN A CD  1 
ATOM   573  O  OE1 . GLN A 1 69  ? -7.987  4.834   -20.541 1.00 52.60 ? 69  GLN A OE1 1 
ATOM   574  N  NE2 . GLN A 1 69  ? -5.819  5.095   -21.347 1.00 47.65 ? 69  GLN A NE2 1 
ATOM   575  N  N   . ASP A 1 70  ? -4.479  9.775   -17.325 1.00 24.24 ? 70  ASP A N   1 
ATOM   576  C  CA  . ASP A 1 70  ? -4.423  11.221  -17.241 1.00 24.17 ? 70  ASP A CA  1 
ATOM   577  C  C   . ASP A 1 70  ? -5.659  11.894  -16.743 1.00 24.10 ? 70  ASP A C   1 
ATOM   578  O  O   . ASP A 1 70  ? -5.914  13.091  -17.020 1.00 25.48 ? 70  ASP A O   1 
ATOM   579  C  CB  . ASP A 1 70  ? -4.012  11.757  -18.627 1.00 26.38 ? 70  ASP A CB  1 
ATOM   580  C  CG  . ASP A 1 70  ? -2.642  11.186  -19.057 1.00 26.92 ? 70  ASP A CG  1 
ATOM   581  O  OD1 . ASP A 1 70  ? -1.630  11.251  -18.306 1.00 27.21 ? 70  ASP A OD1 1 
ATOM   582  O  OD2 . ASP A 1 70  ? -2.547  10.728  -20.218 1.00 30.17 ? 70  ASP A OD2 1 
ATOM   583  N  N   . GLN A 1 71  ? -6.465  11.185  -15.882 1.00 20.81 ? 71  GLN A N   1 
ATOM   584  C  CA  . GLN A 1 71  ? -7.429  11.893  -15.204 1.00 18.98 ? 71  GLN A CA  1 
ATOM   585  C  C   . GLN A 1 71  ? -7.558  11.323  -13.769 1.00 18.99 ? 71  GLN A C   1 
ATOM   586  O  O   . GLN A 1 71  ? -7.085  10.242  -13.544 1.00 20.42 ? 71  GLN A O   1 
ATOM   587  C  CB  . GLN A 1 71  ? -8.847  11.762  -15.873 1.00 20.52 ? 71  GLN A CB  1 
ATOM   588  C  CG  . GLN A 1 71  ? -9.364  10.302  -15.948 1.00 22.06 ? 71  GLN A CG  1 
ATOM   589  C  CD  . GLN A 1 71  ? -10.832 10.315  -16.580 1.00 24.26 ? 71  GLN A CD  1 
ATOM   590  O  OE1 . GLN A 1 71  ? -11.439 11.408  -16.735 1.00 24.42 ? 71  GLN A OE1 1 
ATOM   591  N  NE2 . GLN A 1 71  ? -11.368 9.157   -16.904 1.00 19.76 ? 71  GLN A NE2 1 
ATOM   592  N  N   . CYS A 1 72  ? -8.271  12.073  -12.954 1.00 20.08 ? 72  CYS A N   1 
ATOM   593  C  CA  . CYS A 1 72  ? -8.507  11.689  -11.543 1.00 22.03 ? 72  CYS A CA  1 
ATOM   594  C  C   . CYS A 1 72  ? -9.742  10.832  -11.421 1.00 22.78 ? 72  CYS A C   1 
ATOM   595  O  O   . CYS A 1 72  ? -10.847 11.158  -11.920 1.00 23.24 ? 72  CYS A O   1 
ATOM   596  C  CB  . CYS A 1 72  ? -8.616  12.946  -10.688 1.00 23.18 ? 72  CYS A CB  1 
ATOM   597  S  SG  . CYS A 1 72  ? -8.674  12.477  -8.905  1.00 28.63 ? 72  CYS A SG  1 
ATOM   598  N  N   . ILE A 1 73  ? -9.599  9.723   -10.683 1.00 21.05 ? 73  ILE A N   1 
ATOM   599  C  CA  . ILE A 1 73  ? -10.769 8.890   -10.387 1.00 18.58 ? 73  ILE A CA  1 
ATOM   600  C  C   . ILE A 1 73  ? -10.853 8.817   -8.872  1.00 20.99 ? 73  ILE A C   1 
ATOM   601  O  O   . ILE A 1 73  ? -9.850  8.377   -8.294  1.00 18.86 ? 73  ILE A O   1 
ATOM   602  C  CB  . ILE A 1 73  ? -10.593 7.465   -10.873 1.00 21.36 ? 73  ILE A CB  1 
ATOM   603  C  CG1 . ILE A 1 73  ? -10.408 7.393   -12.431 1.00 19.02 ? 73  ILE A CG1 1 
ATOM   604  C  CG2 . ILE A 1 73  ? -11.874 6.652   -10.426 1.00 21.14 ? 73  ILE A CG2 1 
ATOM   605  C  CD1 . ILE A 1 73  ? -9.922  5.935   -12.902 1.00 23.62 ? 73  ILE A CD1 1 
ATOM   606  N  N   . TYR A 1 74  ? -11.996 9.225   -8.277  1.00 18.16 ? 74  TYR A N   1 
ATOM   607  C  CA  . TYR A 1 74  ? -12.112 9.282   -6.789  1.00 21.18 ? 74  TYR A CA  1 
ATOM   608  C  C   . TYR A 1 74  ? -13.005 8.125   -6.379  1.00 22.28 ? 74  TYR A C   1 
ATOM   609  O  O   . TYR A 1 74  ? -14.003 7.828   -7.039  1.00 19.82 ? 74  TYR A O   1 
ATOM   610  C  CB  . TYR A 1 74  ? -12.715 10.611  -6.402  1.00 20.62 ? 74  TYR A CB  1 
ATOM   611  C  CG  . TYR A 1 74  ? -13.075 10.680  -4.949  1.00 21.25 ? 74  TYR A CG  1 
ATOM   612  C  CD1 . TYR A 1 74  ? -14.404 10.622  -4.528  1.00 22.14 ? 74  TYR A CD1 1 
ATOM   613  C  CD2 . TYR A 1 74  ? -12.048 10.828  -3.994  1.00 25.67 ? 74  TYR A CD2 1 
ATOM   614  C  CE1 . TYR A 1 74  ? -14.771 10.727  -3.144  1.00 27.36 ? 74  TYR A CE1 1 
ATOM   615  C  CE2 . TYR A 1 74  ? -12.385 10.898  -2.622  1.00 25.93 ? 74  TYR A CE2 1 
ATOM   616  C  CZ  . TYR A 1 74  ? -13.730 10.859  -2.222  1.00 27.75 ? 74  TYR A CZ  1 
ATOM   617  O  OH  . TYR A 1 74  ? -13.989 10.966  -0.867  1.00 28.50 ? 74  TYR A OH  1 
ATOM   618  N  N   . ASN A 1 75  ? -12.662 7.398   -5.301  1.00 21.39 ? 75  ASN A N   1 
ATOM   619  C  CA  . ASN A 1 75  ? -13.460 6.224   -4.927  1.00 22.25 ? 75  ASN A CA  1 
ATOM   620  C  C   . ASN A 1 75  ? -13.349 6.142   -3.409  1.00 24.96 ? 75  ASN A C   1 
ATOM   621  O  O   . ASN A 1 75  ? -12.285 6.479   -2.876  1.00 21.45 ? 75  ASN A O   1 
ATOM   622  C  CB  . ASN A 1 75  ? -12.872 4.968   -5.495  1.00 22.87 ? 75  ASN A CB  1 
ATOM   623  C  CG  . ASN A 1 75  ? -13.680 3.675   -5.111  1.00 29.98 ? 75  ASN A CG  1 
ATOM   624  O  OD1 . ASN A 1 75  ? -14.875 3.616   -5.291  1.00 28.89 ? 75  ASN A OD1 1 
ATOM   625  N  ND2 . ASN A 1 75  ? -13.001 2.697   -4.525  1.00 29.69 ? 75  ASN A ND2 1 
ATOM   626  N  N   . THR A 1 76  ? -14.426 5.737   -2.754  1.00 23.76 ? 76  THR A N   1 
ATOM   627  C  CA  . THR A 1 76  ? -14.354 5.377   -1.327  1.00 24.34 ? 76  THR A CA  1 
ATOM   628  C  C   . THR A 1 76  ? -14.751 3.912   -1.129  1.00 24.99 ? 76  THR A C   1 
ATOM   629  O  O   . THR A 1 76  ? -15.538 3.266   -1.933  1.00 23.23 ? 76  THR A O   1 
ATOM   630  C  CB  . THR A 1 76  ? -15.264 6.302   -0.498  1.00 25.65 ? 76  THR A CB  1 
ATOM   631  O  OG1 . THR A 1 76  ? -16.617 5.991   -0.811  1.00 29.10 ? 76  THR A OG1 1 
ATOM   632  C  CG2 . THR A 1 76  ? -15.004 7.773   -0.735  1.00 26.26 ? 76  THR A CG2 1 
ATOM   633  N  N   . THR A 1 77  ? -14.161 3.268   -0.101  1.00 22.09 ? 77  THR A N   1 
ATOM   634  C  CA  . THR A 1 77  ? -14.543 1.916   0.197   1.00 23.36 ? 77  THR A CA  1 
ATOM   635  C  C   . THR A 1 77  ? -14.126 1.617   1.651   1.00 23.62 ? 77  THR A C   1 
ATOM   636  O  O   . THR A 1 77  ? -13.654 2.538   2.290   1.00 23.05 ? 77  THR A O   1 
ATOM   637  C  CB  . THR A 1 77  ? -13.898 0.954   -0.750  1.00 25.92 ? 77  THR A CB  1 
ATOM   638  O  OG1 . THR A 1 77  ? -14.494 -0.348  -0.591  1.00 29.91 ? 77  THR A OG1 1 
ATOM   639  C  CG2 . THR A 1 77  ? -12.348 0.921   -0.588  1.00 29.10 ? 77  THR A CG2 1 
ATOM   640  N  N   . TYR A 1 78  ? -14.478 0.423   2.150   1.00 24.88 ? 78  TYR A N   1 
ATOM   641  C  CA  . TYR A 1 78  ? -14.089 0.035   3.574   1.00 24.63 ? 78  TYR A CA  1 
ATOM   642  C  C   . TYR A 1 78  ? -13.131 -1.141  3.445   1.00 25.59 ? 78  TYR A C   1 
ATOM   643  O  O   . TYR A 1 78  ? -13.387 -2.107  2.670   1.00 29.65 ? 78  TYR A O   1 
ATOM   644  C  CB  . TYR A 1 78  ? -15.309 -0.329  4.448   1.00 25.50 ? 78  TYR A CB  1 
ATOM   645  C  CG  . TYR A 1 78  ? -16.110 0.882   4.874   1.00 29.09 ? 78  TYR A CG  1 
ATOM   646  C  CD1 . TYR A 1 78  ? -17.124 1.392   4.045   1.00 30.20 ? 78  TYR A CD1 1 
ATOM   647  C  CD2 . TYR A 1 78  ? -15.859 1.542   6.080   1.00 30.07 ? 78  TYR A CD2 1 
ATOM   648  C  CE1 . TYR A 1 78  ? -17.849 2.487   4.413   1.00 32.78 ? 78  TYR A CE1 1 
ATOM   649  C  CE2 . TYR A 1 78  ? -16.574 2.645   6.459   1.00 32.17 ? 78  TYR A CE2 1 
ATOM   650  C  CZ  . TYR A 1 78  ? -17.572 3.097   5.644   1.00 35.17 ? 78  TYR A CZ  1 
ATOM   651  O  OH  . TYR A 1 78  ? -18.255 4.197   6.038   1.00 39.71 ? 78  TYR A OH  1 
ATOM   652  N  N   . LEU A 1 79  ? -12.035 -1.111  4.196   1.00 21.87 ? 79  LEU A N   1 
ATOM   653  C  CA  . LEU A 1 79  ? -11.140 -2.190  4.295   1.00 19.55 ? 79  LEU A CA  1 
ATOM   654  C  C   . LEU A 1 79  ? -11.484 -2.896  5.660   1.00 20.07 ? 79  LEU A C   1 
ATOM   655  O  O   . LEU A 1 79  ? -11.944 -2.230  6.550   1.00 20.49 ? 79  LEU A O   1 
ATOM   656  C  CB  . LEU A 1 79  ? -9.710  -1.676  4.455   1.00 20.50 ? 79  LEU A CB  1 
ATOM   657  C  CG  . LEU A 1 79  ? -9.344  -0.727  3.300   1.00 23.82 ? 79  LEU A CG  1 
ATOM   658  C  CD1 . LEU A 1 79  ? -7.892  -0.361  3.460   1.00 27.50 ? 79  LEU A CD1 1 
ATOM   659  C  CD2 . LEU A 1 79  ? -9.466  -1.550  1.957   1.00 25.69 ? 79  LEU A CD2 1 
ATOM   660  N  N   . ASN A 1 80  ? -11.197 -4.190  5.754   1.00 20.72 ? 80  ASN A N   1 
ATOM   661  C  CA  . ASN A 1 80  ? -11.403 -4.890  7.080   1.00 23.43 ? 80  ASN A CA  1 
ATOM   662  C  C   . ASN A 1 80  ? -10.033 -5.030  7.731   1.00 21.94 ? 80  ASN A C   1 
ATOM   663  O  O   . ASN A 1 80  ? -9.017  -5.048  7.072   1.00 20.88 ? 80  ASN A O   1 
ATOM   664  C  CB  . ASN A 1 80  ? -12.014 -6.265  6.837   1.00 25.16 ? 80  ASN A CB  1 
ATOM   665  C  CG  . ASN A 1 80  ? -13.532 -6.172  6.468   1.00 26.13 ? 80  ASN A CG  1 
ATOM   666  O  OD1 . ASN A 1 80  ? -14.242 -5.338  7.011   1.00 27.63 ? 80  ASN A OD1 1 
ATOM   667  N  ND2 . ASN A 1 80  ? -14.000 -7.109  5.682   1.00 31.30 ? 80  ASN A ND2 1 
ATOM   668  N  N   . VAL A 1 81  ? -10.002 -5.122  9.062   1.00 22.30 ? 81  VAL A N   1 
ATOM   669  C  CA  . VAL A 1 81  ? -8.713  -5.255  9.766   1.00 20.65 ? 81  VAL A CA  1 
ATOM   670  C  C   . VAL A 1 81  ? -8.790  -6.584  10.565  1.00 22.29 ? 81  VAL A C   1 
ATOM   671  O  O   . VAL A 1 81  ? -9.852  -6.827  11.171  1.00 22.42 ? 81  VAL A O   1 
ATOM   672  C  CB  . VAL A 1 81  ? -8.630  -4.139  10.782  1.00 20.84 ? 81  VAL A CB  1 
ATOM   673  C  CG1 . VAL A 1 81  ? -7.260  -4.178  11.596  1.00 22.74 ? 81  VAL A CG1 1 
ATOM   674  C  CG2 . VAL A 1 81  ? -8.701  -2.655  10.074  1.00 22.07 ? 81  VAL A CG2 1 
ATOM   675  N  N   . GLN A 1 82  ? -7.715  -7.354  10.569  1.00 21.87 ? 82  GLN A N   1 
ATOM   676  C  CA  . GLN A 1 82  ? -7.617  -8.649  11.319  1.00 22.90 ? 82  GLN A CA  1 
ATOM   677  C  C   . GLN A 1 82  ? -6.504  -8.400  12.308  1.00 22.47 ? 82  GLN A C   1 
ATOM   678  O  O   . GLN A 1 82  ? -5.335  -8.597  11.984  1.00 23.33 ? 82  GLN A O   1 
ATOM   679  C  CB  . GLN A 1 82  ? -7.317  -9.799  10.380  1.00 23.77 ? 82  GLN A CB  1 
ATOM   680  C  CG  . GLN A 1 82  ? -8.426  -10.040 9.322   1.00 24.42 ? 82  GLN A CG  1 
ATOM   681  C  CD  . GLN A 1 82  ? -8.357  -9.046  8.090   1.00 25.41 ? 82  GLN A CD  1 
ATOM   682  O  OE1 . GLN A 1 82  ? -7.267  -8.716  7.650   1.00 26.88 ? 82  GLN A OE1 1 
ATOM   683  N  NE2 . GLN A 1 82  ? -9.534  -8.596  7.584   1.00 21.43 ? 82  GLN A NE2 1 
ATOM   684  N  N   . ARG A 1 83  ? -6.888  -7.837  13.444  1.00 22.39 ? 83  ARG A N   1 
ATOM   685  C  CA  . ARG A 1 83  ? -5.933  -7.262  14.366  1.00 24.41 ? 83  ARG A CA  1 
ATOM   686  C  C   . ARG A 1 83  ? -4.864  -8.274  14.814  1.00 25.36 ? 83  ARG A C   1 
ATOM   687  O  O   . ARG A 1 83  ? -3.655  -7.968  14.785  1.00 24.05 ? 83  ARG A O   1 
ATOM   688  C  CB  . ARG A 1 83  ? -6.679  -6.704  15.559  1.00 25.35 ? 83  ARG A CB  1 
ATOM   689  C  CG  . ARG A 1 83  ? -7.474  -5.397  15.338  1.00 26.16 ? 83  ARG A CG  1 
ATOM   690  C  CD  . ARG A 1 83  ? -8.411  -5.280  16.448  1.00 27.40 ? 83  ARG A CD  1 
ATOM   691  N  NE  . ARG A 1 83  ? -9.239  -4.093  16.473  1.00 21.74 ? 83  ARG A NE  1 
ATOM   692  C  CZ  . ARG A 1 83  ? -8.865  -2.945  17.010  1.00 18.74 ? 83  ARG A CZ  1 
ATOM   693  N  NH1 . ARG A 1 83  ? -7.634  -2.818  17.644  1.00 23.11 ? 83  ARG A NH1 1 
ATOM   694  N  NH2 . ARG A 1 83  ? -9.748  -1.940  17.044  1.00 20.43 ? 83  ARG A NH2 1 
ATOM   695  N  N   . GLU A 1 84  ? -5.297  -9.498  15.203  1.00 28.17 ? 84  GLU A N   1 
ATOM   696  C  CA  . GLU A 1 84  ? -4.300  -10.388 15.810  1.00 30.02 ? 84  GLU A CA  1 
ATOM   697  C  C   . GLU A 1 84  ? -3.327  -10.933 14.733  1.00 30.17 ? 84  GLU A C   1 
ATOM   698  O  O   . GLU A 1 84  ? -2.129  -11.193 15.011  1.00 32.60 ? 84  GLU A O   1 
ATOM   699  C  CB  . GLU A 1 84  ? -5.020  -11.518 16.573  1.00 32.39 ? 84  GLU A CB  1 
ATOM   700  C  CG  . GLU A 1 84  ? -5.953  -12.347 15.635  1.00 35.34 ? 84  GLU A CG  1 
ATOM   701  C  CD  . GLU A 1 84  ? -7.245  -11.530 15.166  1.00 43.38 ? 84  GLU A CD  1 
ATOM   702  O  OE1 . GLU A 1 84  ? -7.572  -10.439 15.718  1.00 38.31 ? 84  GLU A OE1 1 
ATOM   703  O  OE2 . GLU A 1 84  ? -7.909  -12.008 14.214  1.00 50.25 ? 84  GLU A OE2 1 
ATOM   704  N  N   . ASN A 1 85  ? -3.806  -11.002 13.484  1.00 27.54 ? 85  ASN A N   1 
ATOM   705  C  CA  . ASN A 1 85  ? -2.958  -11.442 12.368  1.00 27.21 ? 85  ASN A CA  1 
ATOM   706  C  C   . ASN A 1 85  ? -2.055  -10.345 11.765  1.00 25.88 ? 85  ASN A C   1 
ATOM   707  O  O   . ASN A 1 85  ? -1.202  -10.653 10.935  1.00 25.73 ? 85  ASN A O   1 
ATOM   708  C  CB  . ASN A 1 85  ? -3.851  -12.031 11.255  1.00 27.55 ? 85  ASN A CB  1 
ATOM   709  C  CG  . ASN A 1 85  ? -4.376  -13.398 11.589  1.00 35.20 ? 85  ASN A CG  1 
ATOM   710  O  OD1 . ASN A 1 85  ? -4.025  -13.946 12.638  1.00 40.39 ? 85  ASN A OD1 1 
ATOM   711  N  ND2 . ASN A 1 85  ? -5.258  -13.936 10.758  1.00 36.97 ? 85  ASN A ND2 1 
ATOM   712  N  N   . GLY A 1 86  ? -2.274  -9.091  12.138  1.00 23.50 ? 86  GLY A N   1 
ATOM   713  C  CA  . GLY A 1 86  ? -1.517  -7.987  11.579  1.00 22.80 ? 86  GLY A CA  1 
ATOM   714  C  C   . GLY A 1 86  ? -1.860  -7.718  10.113  1.00 21.91 ? 86  GLY A C   1 
ATOM   715  O  O   . GLY A 1 86  ? -0.990  -7.176  9.374   1.00 21.75 ? 86  GLY A O   1 
ATOM   716  N  N   . THR A 1 87  ? -3.101  -7.992  9.735   1.00 21.82 ? 87  THR A N   1 
ATOM   717  C  CA  . THR A 1 87  ? -3.477  -7.829  8.298   1.00 22.37 ? 87  THR A CA  1 
ATOM   718  C  C   . THR A 1 87  ? -4.651  -6.886  8.171   1.00 20.87 ? 87  THR A C   1 
ATOM   719  O  O   . THR A 1 87  ? -5.431  -6.619  9.130   1.00 19.97 ? 87  THR A O   1 
ATOM   720  C  CB  . THR A 1 87  ? -3.831  -9.187  7.563   1.00 23.37 ? 87  THR A CB  1 
ATOM   721  O  OG1 . THR A 1 87  ? -4.945  -9.817  8.266   1.00 26.85 ? 87  THR A OG1 1 
ATOM   722  C  CG2 . THR A 1 87  ? -2.581  -10.138 7.445   1.00 25.15 ? 87  THR A CG2 1 
ATOM   723  N  N   . ILE A 1 88  ? -4.732  -6.298  6.954   1.00 19.53 ? 88  ILE A N   1 
ATOM   724  C  CA  . ILE A 1 88  ? -5.930  -5.543  6.539   1.00 21.53 ? 88  ILE A CA  1 
ATOM   725  C  C   . ILE A 1 88  ? -6.378  -6.180  5.246   1.00 20.66 ? 88  ILE A C   1 
ATOM   726  O  O   . ILE A 1 88  ? -5.582  -6.921  4.608   1.00 23.36 ? 88  ILE A O   1 
ATOM   727  C  CB  . ILE A 1 88  ? -5.639  -4.039  6.406   1.00 21.79 ? 88  ILE A CB  1 
ATOM   728  C  CG1 . ILE A 1 88  ? -4.568  -3.807  5.334   1.00 22.69 ? 88  ILE A CG1 1 
ATOM   729  C  CG2 . ILE A 1 88  ? -5.173  -3.407  7.785   1.00 22.02 ? 88  ILE A CG2 1 
ATOM   730  C  CD1 . ILE A 1 88  ? -4.468  -2.188  5.073   1.00 25.33 ? 88  ILE A CD1 1 
ATOM   731  N  N   . SER A 1 89  ? -7.642  -5.989  4.857   1.00 21.70 ? 89  SER A N   1 
ATOM   732  C  CA  . SER A 1 89  ? -8.058  -6.743  3.658   1.00 21.35 ? 89  SER A CA  1 
ATOM   733  C  C   . SER A 1 89  ? -8.946  -5.887  2.795   1.00 22.10 ? 89  SER A C   1 
ATOM   734  O  O   . SER A 1 89  ? -9.552  -4.973  3.257   1.00 21.49 ? 89  SER A O   1 
ATOM   735  C  CB  . SER A 1 89  ? -8.808  -8.047  4.038   1.00 21.74 ? 89  SER A CB  1 
ATOM   736  O  OG  . SER A 1 89  ? -9.947  -7.698  4.815   1.00 21.73 ? 89  SER A OG  1 
ATOM   737  N  N   . ARG A 1 90  ? -8.984  -6.209  1.510   1.00 22.83 ? 90  ARG A N   1 
ATOM   738  C  CA  . ARG A 1 90  ? -9.851  -5.407  0.613   1.00 24.35 ? 90  ARG A CA  1 
ATOM   739  C  C   . ARG A 1 90  ? -10.450 -6.417  -0.376  1.00 24.20 ? 90  ARG A C   1 
ATOM   740  O  O   . ARG A 1 90  ? -9.757  -7.338  -0.846  1.00 26.18 ? 90  ARG A O   1 
ATOM   741  C  CB  . ARG A 1 90  ? -8.917  -4.497  -0.220  1.00 24.16 ? 90  ARG A CB  1 
ATOM   742  C  CG  . ARG A 1 90  ? -9.779  -3.529  -1.067  1.00 23.31 ? 90  ARG A CG  1 
ATOM   743  C  CD  . ARG A 1 90  ? -8.831  -2.616  -1.888  1.00 26.55 ? 90  ARG A CD  1 
ATOM   744  N  NE  . ARG A 1 90  ? -9.624  -1.774  -2.846  1.00 27.44 ? 90  ARG A NE  1 
ATOM   745  C  CZ  . ARG A 1 90  ? -9.282  -0.521  -3.170  1.00 28.20 ? 90  ARG A CZ  1 
ATOM   746  N  NH1 . ARG A 1 90  ? -8.139  0.027   -2.713  1.00 21.96 ? 90  ARG A NH1 1 
ATOM   747  N  NH2 . ARG A 1 90  ? -10.064 0.172   -4.001  1.00 25.77 ? 90  ARG A NH2 1 
ATOM   748  N  N   . TYR A 1 91  ? -11.674 -6.191  -0.771  1.00 27.72 ? 91  TYR A N   1 
ATOM   749  C  CA  . TYR A 1 91  ? -12.286 -7.006  -1.790  1.00 31.38 ? 91  TYR A CA  1 
ATOM   750  C  C   . TYR A 1 91  ? -11.777 -6.585  -3.154  1.00 32.49 ? 91  TYR A C   1 
ATOM   751  O  O   . TYR A 1 91  ? -11.853 -5.393  -3.502  1.00 33.83 ? 91  TYR A O   1 
ATOM   752  C  CB  . TYR A 1 91  ? -13.816 -6.838  -1.705  1.00 32.34 ? 91  TYR A CB  1 
ATOM   753  C  CG  . TYR A 1 91  ? -14.431 -7.620  -0.585  1.00 37.09 ? 91  TYR A CG  1 
ATOM   754  C  CD1 . TYR A 1 91  ? -14.689 -7.019  0.677   1.00 37.41 ? 91  TYR A CD1 1 
ATOM   755  C  CD2 . TYR A 1 91  ? -14.772 -8.974  -0.787  1.00 39.89 ? 91  TYR A CD2 1 
ATOM   756  C  CE1 . TYR A 1 91  ? -15.226 -7.796  1.741   1.00 44.73 ? 91  TYR A CE1 1 
ATOM   757  C  CE2 . TYR A 1 91  ? -15.336 -9.744  0.258   1.00 44.43 ? 91  TYR A CE2 1 
ATOM   758  C  CZ  . TYR A 1 91  ? -15.560 -9.147  1.501   1.00 46.19 ? 91  TYR A CZ  1 
ATOM   759  O  OH  . TYR A 1 91  ? -16.129 -9.947  2.484   1.00 51.74 ? 91  TYR A OH  1 
ATOM   760  N  N   . VAL A 1 92  ? -11.225 -7.558  -3.866  1.00 34.15 ? 92  VAL A N   1 
ATOM   761  C  CA  . VAL A 1 92  ? -10.599 -7.363  -5.156  1.00 37.63 ? 92  VAL A CA  1 
ATOM   762  C  C   . VAL A 1 92  ? -11.291 -8.400  -6.051  1.00 39.06 ? 92  VAL A C   1 
ATOM   763  O  O   . VAL A 1 92  ? -11.303 -9.591  -5.704  1.00 37.23 ? 92  VAL A O   1 
ATOM   764  C  CB  . VAL A 1 92  ? -9.094  -7.670  -5.104  1.00 37.78 ? 92  VAL A CB  1 
ATOM   765  C  CG1 . VAL A 1 92  ? -8.447  -7.563  -6.485  1.00 41.23 ? 92  VAL A CG1 1 
ATOM   766  C  CG2 . VAL A 1 92  ? -8.352  -6.729  -4.128  1.00 40.76 ? 92  VAL A CG2 1 
ATOM   767  N  N   . GLY A 1 93  ? -11.927 -7.948  -7.148  1.00 39.99 ? 93  GLY A N   1 
ATOM   768  C  CA  . GLY A 1 93  ? -12.710 -8.902  -8.012  1.00 41.13 ? 93  GLY A CA  1 
ATOM   769  C  C   . GLY A 1 93  ? -13.735 -9.728  -7.213  1.00 40.59 ? 93  GLY A C   1 
ATOM   770  O  O   . GLY A 1 93  ? -13.976 -10.897 -7.535  1.00 41.88 ? 93  GLY A O   1 
ATOM   771  N  N   . GLY A 1 94  ? -14.303 -9.140  -6.148  1.00 39.82 ? 94  GLY A N   1 
ATOM   772  C  CA  . GLY A 1 94  ? -15.327 -9.817  -5.311  1.00 39.71 ? 94  GLY A CA  1 
ATOM   773  C  C   . GLY A 1 94  ? -14.822 -10.852 -4.290  1.00 39.78 ? 94  GLY A C   1 
ATOM   774  O  O   . GLY A 1 94  ? -15.625 -11.492 -3.594  1.00 39.77 ? 94  GLY A O   1 
ATOM   775  N  N   . GLN A 1 95  ? -13.505 -11.006 -4.196  1.00 37.11 ? 95  GLN A N   1 
ATOM   776  C  CA  . GLN A 1 95  ? -12.874 -11.941 -3.223  1.00 39.05 ? 95  GLN A CA  1 
ATOM   777  C  C   . GLN A 1 95  ? -12.070 -11.099 -2.219  1.00 37.27 ? 95  GLN A C   1 
ATOM   778  O  O   . GLN A 1 95  ? -11.392 -10.162 -2.637  1.00 38.39 ? 95  GLN A O   1 
ATOM   779  C  CB  . GLN A 1 95  ? -11.839 -12.830 -3.918  1.00 37.54 ? 95  GLN A CB  1 
ATOM   780  C  CG  . GLN A 1 95  ? -12.368 -13.893 -4.897  1.00 47.28 ? 95  GLN A CG  1 
ATOM   781  C  CD  . GLN A 1 95  ? -13.435 -14.779 -4.275  1.00 57.07 ? 95  GLN A CD  1 
ATOM   782  O  OE1 . GLN A 1 95  ? -13.286 -15.302 -3.135  1.00 59.12 ? 95  GLN A OE1 1 
ATOM   783  N  NE2 . GLN A 1 95  ? -14.536 -14.951 -5.011  1.00 57.82 ? 95  GLN A NE2 1 
ATOM   784  N  N   . GLU A 1 96  ? -12.048 -11.484 -0.941  1.00 34.49 ? 96  GLU A N   1 
ATOM   785  C  CA  . GLU A 1 96  ? -11.276 -10.710 0.044   1.00 31.95 ? 96  GLU A CA  1 
ATOM   786  C  C   . GLU A 1 96  ? -9.781  -11.046 -0.148  1.00 31.04 ? 96  GLU A C   1 
ATOM   787  O  O   . GLU A 1 96  ? -9.383  -12.224 -0.237  1.00 30.44 ? 96  GLU A O   1 
ATOM   788  C  CB  . GLU A 1 96  ? -11.795 -10.991 1.455   1.00 31.99 ? 96  GLU A CB  1 
ATOM   789  C  CG  . GLU A 1 96  ? -11.455 -9.955  2.449   1.00 35.90 ? 96  GLU A CG  1 
ATOM   790  C  CD  . GLU A 1 96  ? -12.131 -10.159 3.801   1.00 41.75 ? 96  GLU A CD  1 
ATOM   791  O  OE1 . GLU A 1 96  ? -12.856 -11.161 3.962   1.00 43.39 ? 96  GLU A OE1 1 
ATOM   792  O  OE2 . GLU A 1 96  ? -11.928 -9.318  4.708   1.00 39.65 ? 96  GLU A OE2 1 
ATOM   793  N  N   . HIS A 1 97  ? -8.924  -10.022 -0.259  1.00 29.86 ? 97  HIS A N   1 
ATOM   794  C  CA  . HIS A 1 97  ? -7.494  -10.285 -0.343  1.00 29.52 ? 97  HIS A CA  1 
ATOM   795  C  C   . HIS A 1 97  ? -6.855  -9.659  0.890   1.00 27.31 ? 97  HIS A C   1 
ATOM   796  O  O   . HIS A 1 97  ? -7.262  -8.582  1.253   1.00 29.00 ? 97  HIS A O   1 
ATOM   797  C  CB  . HIS A 1 97  ? -6.907  -9.581  -1.561  1.00 31.53 ? 97  HIS A CB  1 
ATOM   798  C  CG  . HIS A 1 97  ? -7.124  -10.345 -2.834  1.00 38.51 ? 97  HIS A CG  1 
ATOM   799  N  ND1 . HIS A 1 97  ? -6.111  -11.024 -3.479  1.00 46.72 ? 97  HIS A ND1 1 
ATOM   800  C  CD2 . HIS A 1 97  ? -8.260  -10.613 -3.522  1.00 43.89 ? 97  HIS A CD2 1 
ATOM   801  C  CE1 . HIS A 1 97  ? -6.612  -11.651 -4.535  1.00 47.99 ? 97  HIS A CE1 1 
ATOM   802  N  NE2 . HIS A 1 97  ? -7.911  -11.399 -4.595  1.00 48.39 ? 97  HIS A NE2 1 
ATOM   803  N  N   . PHE A 1 98  ? -5.831  -10.301 1.454   1.00 26.58 ? 98  PHE A N   1 
ATOM   804  C  CA  . PHE A 1 98  ? -5.240  -9.866  2.690   1.00 25.56 ? 98  PHE A CA  1 
ATOM   805  C  C   . PHE A 1 98  ? -3.801  -9.448  2.496   1.00 25.25 ? 98  PHE A C   1 
ATOM   806  O  O   . PHE A 1 98  ? -3.063  -10.034 1.694   1.00 26.79 ? 98  PHE A O   1 
ATOM   807  C  CB  . PHE A 1 98  ? -5.279  -11.095 3.653   1.00 25.59 ? 98  PHE A CB  1 
ATOM   808  C  CG  . PHE A 1 98  ? -6.665  -11.543 3.956   1.00 25.35 ? 98  PHE A CG  1 
ATOM   809  C  CD1 . PHE A 1 98  ? -7.315  -12.484 3.116   1.00 26.57 ? 98  PHE A CD1 1 
ATOM   810  C  CD2 . PHE A 1 98  ? -7.355  -11.013 5.053   1.00 22.25 ? 98  PHE A CD2 1 
ATOM   811  C  CE1 . PHE A 1 98  ? -8.648  -12.882 3.396   1.00 29.73 ? 98  PHE A CE1 1 
ATOM   812  C  CE2 . PHE A 1 98  ? -8.676  -11.403 5.354   1.00 30.07 ? 98  PHE A CE2 1 
ATOM   813  C  CZ  . PHE A 1 98  ? -9.318  -12.371 4.509   1.00 29.98 ? 98  PHE A CZ  1 
ATOM   814  N  N   . ALA A 1 99  ? -3.352  -8.496  3.316   1.00 24.62 ? 99  ALA A N   1 
ATOM   815  C  CA  . ALA A 1 99  ? -2.008  -8.017  3.293   1.00 23.24 ? 99  ALA A CA  1 
ATOM   816  C  C   . ALA A 1 99  ? -1.543  -7.768  4.724   1.00 19.65 ? 99  ALA A C   1 
ATOM   817  O  O   . ALA A 1 99  ? -2.246  -7.159  5.486   1.00 19.88 ? 99  ALA A O   1 
ATOM   818  C  CB  . ALA A 1 99  ? -1.910  -6.656  2.464   1.00 23.82 ? 99  ALA A CB  1 
ATOM   819  N  N   . HIS A 1 100 ? -0.295  -8.103  4.997   1.00 19.22 ? 100 HIS A N   1 
ATOM   820  C  CA  . HIS A 1 100 ? 0.285   -7.733  6.291   1.00 21.30 ? 100 HIS A CA  1 
ATOM   821  C  C   . HIS A 1 100 ? 0.689   -6.296  6.278   1.00 20.42 ? 100 HIS A C   1 
ATOM   822  O  O   . HIS A 1 100 ? 1.381   -5.864  5.360   1.00 21.18 ? 100 HIS A O   1 
ATOM   823  C  CB  . HIS A 1 100 ? 1.509   -8.632  6.579   1.00 20.36 ? 100 HIS A CB  1 
ATOM   824  C  CG  . HIS A 1 100 ? 1.094   -10.016 7.008   1.00 23.79 ? 100 HIS A CG  1 
ATOM   825  N  ND1 . HIS A 1 100 ? 1.147   -11.091 6.161   1.00 22.74 ? 100 HIS A ND1 1 
ATOM   826  C  CD2 . HIS A 1 100 ? 0.597   -10.490 8.183   1.00 22.14 ? 100 HIS A CD2 1 
ATOM   827  C  CE1 . HIS A 1 100 ? 0.724   -12.186 6.783   1.00 26.11 ? 100 HIS A CE1 1 
ATOM   828  N  NE2 . HIS A 1 100 ? 0.338   -11.845 7.994   1.00 22.62 ? 100 HIS A NE2 1 
ATOM   829  N  N   . LEU A 1 101 ? 0.285   -5.559  7.305   1.00 19.57 ? 101 LEU A N   1 
ATOM   830  C  CA  . LEU A 1 101 ? 0.704   -4.148  7.439   1.00 19.52 ? 101 LEU A CA  1 
ATOM   831  C  C   . LEU A 1 101 ? 2.020   -4.087  8.176   1.00 22.49 ? 101 LEU A C   1 
ATOM   832  O  O   . LEU A 1 101 ? 2.137   -4.622  9.307   1.00 20.97 ? 101 LEU A O   1 
ATOM   833  C  CB  . LEU A 1 101 ? -0.398  -3.390  8.240   1.00 20.20 ? 101 LEU A CB  1 
ATOM   834  C  CG  . LEU A 1 101 ? -0.008  -2.005  8.716   1.00 20.88 ? 101 LEU A CG  1 
ATOM   835  C  CD1 . LEU A 1 101 ? 0.091   -1.100  7.372   1.00 24.00 ? 101 LEU A CD1 1 
ATOM   836  C  CD2 . LEU A 1 101 ? -1.136  -1.535  9.633   1.00 21.76 ? 101 LEU A CD2 1 
ATOM   837  N  N   . LEU A 1 102 ? 3.016   -3.470  7.554   1.00 19.55 ? 102 LEU A N   1 
ATOM   838  C  CA  . LEU A 1 102 ? 4.362   -3.430  8.110   1.00 20.24 ? 102 LEU A CA  1 
ATOM   839  C  C   . LEU A 1 102 ? 4.809   -1.959  8.197   1.00 20.59 ? 102 LEU A C   1 
ATOM   840  O  O   . LEU A 1 102 ? 5.300   -1.383  7.201   1.00 19.89 ? 102 LEU A O   1 
ATOM   841  C  CB  . LEU A 1 102 ? 5.268   -4.290  7.187   1.00 20.34 ? 102 LEU A CB  1 
ATOM   842  C  CG  . LEU A 1 102 ? 4.749   -5.699  7.016   1.00 18.80 ? 102 LEU A CG  1 
ATOM   843  C  CD1 . LEU A 1 102 ? 5.459   -6.398  5.867   1.00 22.07 ? 102 LEU A CD1 1 
ATOM   844  C  CD2 . LEU A 1 102 ? 5.117   -6.474  8.339   1.00 24.20 ? 102 LEU A CD2 1 
ATOM   845  N  N   . ILE A 1 103 ? 4.690   -1.390  9.407   1.00 21.94 ? 103 ILE A N   1 
ATOM   846  C  CA  . ILE A 1 103 ? 5.137   0.011   9.581   1.00 25.61 ? 103 ILE A CA  1 
ATOM   847  C  C   . ILE A 1 103 ? 6.645   0.003   9.758   1.00 28.86 ? 103 ILE A C   1 
ATOM   848  O  O   . ILE A 1 103 ? 7.187   -0.803  10.578  1.00 28.86 ? 103 ILE A O   1 
ATOM   849  C  CB  . ILE A 1 103 ? 4.471   0.629   10.738  1.00 25.04 ? 103 ILE A CB  1 
ATOM   850  C  CG1 . ILE A 1 103 ? 2.984   0.702   10.421  1.00 29.47 ? 103 ILE A CG1 1 
ATOM   851  C  CG2 . ILE A 1 103 ? 4.911   2.169   10.883  1.00 27.89 ? 103 ILE A CG2 1 
ATOM   852  C  CD1 . ILE A 1 103 ? 2.241   0.905   11.530  1.00 28.71 ? 103 ILE A CD1 1 
ATOM   853  N  N   . LEU A 1 104 ? 7.319   0.842   8.997   1.00 30.44 ? 104 LEU A N   1 
ATOM   854  C  CA  . LEU A 1 104 ? 8.775   0.707   8.773   1.00 33.31 ? 104 LEU A CA  1 
ATOM   855  C  C   . LEU A 1 104 ? 9.417   1.504   9.921   1.00 35.51 ? 104 LEU A C   1 
ATOM   856  O  O   . LEU A 1 104 ? 8.664   2.233   10.618  1.00 36.56 ? 104 LEU A O   1 
ATOM   857  C  CB  . LEU A 1 104 ? 9.188   1.336   7.437   1.00 34.62 ? 104 LEU A CB  1 
ATOM   858  C  CG  . LEU A 1 104 ? 8.650   0.557   6.240   1.00 32.15 ? 104 LEU A CG  1 
ATOM   859  C  CD1 . LEU A 1 104 ? 9.400   1.074   5.032   1.00 26.04 ? 104 LEU A CD1 1 
ATOM   860  C  CD2 . LEU A 1 104 ? 8.968   -0.957  6.388   1.00 33.10 ? 104 LEU A CD2 1 
ATOM   861  N  N   . ARG A 1 105 ? 10.743  1.325   10.134  1.00 36.31 ? 105 ARG A N   1 
ATOM   862  C  CA  . ARG A 1 105 ? 11.498  1.998   11.248  1.00 35.82 ? 105 ARG A CA  1 
ATOM   863  C  C   . ARG A 1 105 ? 11.030  3.443   11.368  1.00 38.26 ? 105 ARG A C   1 
ATOM   864  O  O   . ARG A 1 105 ? 10.792  3.922   12.466  1.00 39.30 ? 105 ARG A O   1 
ATOM   865  C  CB  . ARG A 1 105 ? 13.001  1.966   10.969  1.00 34.61 ? 105 ARG A CB  1 
ATOM   866  C  CG  . ARG A 1 105 ? 13.667  0.623   11.451  1.00 28.32 ? 105 ARG A CG  1 
ATOM   867  C  CD  . ARG A 1 105 ? 14.885  0.376   10.570  1.00 32.88 ? 105 ARG A CD  1 
ATOM   868  N  NE  . ARG A 1 105 ? 15.637  -0.840  10.904  1.00 29.75 ? 105 ARG A NE  1 
ATOM   869  C  CZ  . ARG A 1 105 ? 15.388  -2.063  10.408  1.00 32.41 ? 105 ARG A CZ  1 
ATOM   870  N  NH1 . ARG A 1 105 ? 14.323  -2.301  9.593   1.00 29.51 ? 105 ARG A NH1 1 
ATOM   871  N  NH2 . ARG A 1 105 ? 16.200  -3.062  10.759  1.00 33.11 ? 105 ARG A NH2 1 
ATOM   872  N  N   . ASP A 1 106 ? 11.007  4.116   10.218  1.00 40.80 ? 106 ASP A N   1 
ATOM   873  C  CA  . ASP A 1 106 ? 10.463  5.455   10.086  1.00 42.18 ? 106 ASP A CA  1 
ATOM   874  C  C   . ASP A 1 106 ? 8.933   5.293   9.887   1.00 41.27 ? 106 ASP A C   1 
ATOM   875  O  O   . ASP A 1 106 ? 8.427   4.732   8.897   1.00 43.20 ? 106 ASP A O   1 
ATOM   876  C  CB  . ASP A 1 106 ? 11.232  6.164   8.953   1.00 43.96 ? 106 ASP A CB  1 
ATOM   877  C  CG  . ASP A 1 106 ? 10.605  7.459   8.529   1.00 48.75 ? 106 ASP A CG  1 
ATOM   878  O  OD1 . ASP A 1 106 ? 9.698   7.902   9.260   1.00 51.74 ? 106 ASP A OD1 1 
ATOM   879  O  OD2 . ASP A 1 106 ? 11.012  8.032   7.456   1.00 55.58 ? 106 ASP A OD2 1 
ATOM   880  N  N   . THR A 1 107 ? 8.187   5.774   10.860  1.00 37.25 ? 107 THR A N   1 
ATOM   881  C  CA  . THR A 1 107 ? 6.792   5.706   10.853  1.00 35.76 ? 107 THR A CA  1 
ATOM   882  C  C   . THR A 1 107 ? 6.157   6.609   9.708   1.00 32.92 ? 107 THR A C   1 
ATOM   883  O  O   . THR A 1 107 ? 5.012   6.718   9.622   1.00 36.20 ? 107 THR A O   1 
ATOM   884  C  CB  . THR A 1 107 ? 6.365   6.060   12.266  1.00 36.92 ? 107 THR A CB  1 
ATOM   885  O  OG1 . THR A 1 107 ? 4.978   5.699   12.467  1.00 45.26 ? 107 THR A OG1 1 
ATOM   886  C  CG2 . THR A 1 107 ? 6.605   7.505   12.520  1.00 40.49 ? 107 THR A CG2 1 
ATOM   887  N  N   . LYS A 1 108 ? 6.960   7.143   8.809   1.00 28.51 ? 108 LYS A N   1 
ATOM   888  C  CA  . LYS A 1 108 ? 6.525   8.002   7.646   1.00 29.48 ? 108 LYS A CA  1 
ATOM   889  C  C   . LYS A 1 108 ? 6.265   7.113   6.410   1.00 27.93 ? 108 LYS A C   1 
ATOM   890  O  O   . LYS A 1 108 ? 5.937   7.651   5.321   1.00 27.64 ? 108 LYS A O   1 
ATOM   891  C  CB  . LYS A 1 108 ? 7.683   8.901   7.281   1.00 30.20 ? 108 LYS A CB  1 
ATOM   892  C  CG  . LYS A 1 108 ? 7.852   10.109  8.357   1.00 39.67 ? 108 LYS A CG  1 
ATOM   893  C  CD  . LYS A 1 108 ? 9.021   11.004  7.995   1.00 48.40 ? 108 LYS A CD  1 
ATOM   894  C  CE  . LYS A 1 108 ? 8.811   12.432  8.547   1.00 53.61 ? 108 LYS A CE  1 
ATOM   895  N  NZ  . LYS A 1 108 ? 10.154  13.146  8.732   1.00 56.48 ? 108 LYS A NZ  1 
ATOM   896  N  N   . THR A 1 109 ? 6.527   5.808   6.522   1.00 25.75 ? 109 THR A N   1 
ATOM   897  C  CA  . THR A 1 109 ? 6.476   4.903   5.363   1.00 24.42 ? 109 THR A CA  1 
ATOM   898  C  C   . THR A 1 109 ? 5.893   3.601   5.923   1.00 26.66 ? 109 THR A C   1 
ATOM   899  O  O   . THR A 1 109 ? 6.061   3.290   7.127   1.00 25.06 ? 109 THR A O   1 
ATOM   900  C  CB  . THR A 1 109 ? 7.800   4.557   4.725   1.00 25.82 ? 109 THR A CB  1 
ATOM   901  O  OG1 . THR A 1 109 ? 8.593   3.884   5.711   1.00 31.85 ? 109 THR A OG1 1 
ATOM   902  C  CG2 . THR A 1 109 ? 8.617   5.741   4.290   1.00 26.83 ? 109 THR A CG2 1 
ATOM   903  N  N   . TYR A 1 110 ? 5.149   2.842   5.120   1.00 21.78 ? 110 TYR A N   1 
ATOM   904  C  CA  . TYR A 1 110 ? 4.786   1.516   5.623   1.00 20.58 ? 110 TYR A CA  1 
ATOM   905  C  C   . TYR A 1 110 ? 4.671   0.638   4.388   1.00 20.28 ? 110 TYR A C   1 
ATOM   906  O  O   . TYR A 1 110 ? 4.592   1.180   3.247   1.00 19.09 ? 110 TYR A O   1 
ATOM   907  C  CB  . TYR A 1 110 ? 3.505   1.538   6.454   1.00 20.62 ? 110 TYR A CB  1 
ATOM   908  C  CG  . TYR A 1 110 ? 2.237   1.996   5.692   1.00 21.66 ? 110 TYR A CG  1 
ATOM   909  C  CD1 . TYR A 1 110 ? 1.805   3.311   5.833   1.00 27.91 ? 110 TYR A CD1 1 
ATOM   910  C  CD2 . TYR A 1 110 ? 1.478   1.080   4.906   1.00 22.09 ? 110 TYR A CD2 1 
ATOM   911  C  CE1 . TYR A 1 110 ? 0.677   3.745   5.156   1.00 27.54 ? 110 TYR A CE1 1 
ATOM   912  C  CE2 . TYR A 1 110 ? 0.310   1.523   4.203   1.00 26.31 ? 110 TYR A CE2 1 
ATOM   913  C  CZ  . TYR A 1 110 ? -0.054  2.851   4.406   1.00 27.70 ? 110 TYR A CZ  1 
ATOM   914  O  OH  . TYR A 1 110 ? -1.125  3.378   3.799   1.00 36.33 ? 110 TYR A OH  1 
ATOM   915  N  N   . MET A 1 111 ? 4.597   -0.678  4.551   1.00 19.93 ? 111 MET A N   1 
ATOM   916  C  CA  . MET A 1 111 ? 4.467   -1.574  3.404   1.00 19.18 ? 111 MET A CA  1 
ATOM   917  C  C   . MET A 1 111 ? 3.286   -2.470  3.617   1.00 20.36 ? 111 MET A C   1 
ATOM   918  O  O   . MET A 1 111 ? 2.826   -2.633  4.774   1.00 21.78 ? 111 MET A O   1 
ATOM   919  C  CB  . MET A 1 111 ? 5.730   -2.514  3.207   1.00 21.19 ? 111 MET A CB  1 
ATOM   920  C  CG  . MET A 1 111 ? 7.067   -1.802  3.092   1.00 23.87 ? 111 MET A CG  1 
ATOM   921  S  SD  . MET A 1 111 ? 8.383   -2.988  2.784   1.00 31.63 ? 111 MET A SD  1 
ATOM   922  C  CE  . MET A 1 111 ? 8.496   -4.042  4.237   1.00 29.02 ? 111 MET A CE  1 
ATOM   923  N  N   . LEU A 1 112 ? 2.718   -2.962  2.516   1.00 19.33 ? 112 LEU A N   1 
ATOM   924  C  CA  . LEU A 1 112 ? 1.685   -4.025  2.597   1.00 20.05 ? 112 LEU A CA  1 
ATOM   925  C  C   . LEU A 1 112 ? 2.327   -5.215  1.919   1.00 22.42 ? 112 LEU A C   1 
ATOM   926  O  O   . LEU A 1 112 ? 2.751   -5.128  0.733   1.00 21.64 ? 112 LEU A O   1 
ATOM   927  C  CB  . LEU A 1 112 ? 0.377   -3.577  1.856   1.00 20.15 ? 112 LEU A CB  1 
ATOM   928  C  CG  . LEU A 1 112 ? -0.327  -2.499  2.566   1.00 21.53 ? 112 LEU A CG  1 
ATOM   929  C  CD1 . LEU A 1 112 ? -1.613  -2.100  1.754   1.00 22.67 ? 112 LEU A CD1 1 
ATOM   930  C  CD2 . LEU A 1 112 ? -0.799  -2.842  4.046   1.00 20.53 ? 112 LEU A CD2 1 
ATOM   931  N  N   . ALA A 1 113 ? 2.416   -6.343  2.634   1.00 20.11 ? 113 ALA A N   1 
ATOM   932  C  CA  . ALA A 1 113 ? 2.911   -7.532  2.061   1.00 20.09 ? 113 ALA A CA  1 
ATOM   933  C  C   . ALA A 1 113 ? 1.724   -8.419  1.684   1.00 22.08 ? 113 ALA A C   1 
ATOM   934  O  O   . ALA A 1 113 ? 1.007   -8.907  2.543   1.00 21.64 ? 113 ALA A O   1 
ATOM   935  C  CB  . ALA A 1 113 ? 3.819   -8.267  3.079   1.00 22.11 ? 113 ALA A CB  1 
ATOM   936  N  N   . PHE A 1 114 ? 1.574   -8.679  0.394   1.00 22.21 ? 114 PHE A N   1 
ATOM   937  C  CA  . PHE A 1 114 ? 0.480   -9.513  -0.077  1.00 23.50 ? 114 PHE A CA  1 
ATOM   938  C  C   . PHE A 1 114 ? 1.107   -10.891 -0.084  1.00 24.62 ? 114 PHE A C   1 
ATOM   939  O  O   . PHE A 1 114 ? 1.503   -11.366 -1.147  1.00 25.44 ? 114 PHE A O   1 
ATOM   940  C  CB  . PHE A 1 114 ? 0.052   -9.073  -1.508  1.00 23.25 ? 114 PHE A CB  1 
ATOM   941  C  CG  . PHE A 1 114 ? -0.384  -7.662  -1.545  1.00 26.67 ? 114 PHE A CG  1 
ATOM   942  C  CD1 . PHE A 1 114 ? 0.508   -6.654  -1.920  1.00 30.52 ? 114 PHE A CD1 1 
ATOM   943  C  CD2 . PHE A 1 114 ? -1.645  -7.323  -1.123  1.00 29.75 ? 114 PHE A CD2 1 
ATOM   944  C  CE1 . PHE A 1 114 ? 0.125   -5.317  -1.907  1.00 30.41 ? 114 PHE A CE1 1 
ATOM   945  C  CE2 . PHE A 1 114 ? -2.075  -5.965  -1.129  1.00 32.13 ? 114 PHE A CE2 1 
ATOM   946  C  CZ  . PHE A 1 114 ? -1.170  -4.973  -1.506  1.00 27.07 ? 114 PHE A CZ  1 
ATOM   947  N  N   . ASP A 1 115 ? 1.186   -11.531 1.080   1.00 25.01 ? 115 ASP A N   1 
ATOM   948  C  CA  . ASP A 1 115 ? 1.835   -12.905 1.182   1.00 27.15 ? 115 ASP A CA  1 
ATOM   949  C  C   . ASP A 1 115 ? 0.910   -13.846 1.927   1.00 30.16 ? 115 ASP A C   1 
ATOM   950  O  O   . ASP A 1 115 ? 1.386   -14.689 2.711   1.00 30.36 ? 115 ASP A O   1 
ATOM   951  C  CB  . ASP A 1 115 ? 3.189   -12.852 1.927   1.00 27.51 ? 115 ASP A CB  1 
ATOM   952  C  CG  . ASP A 1 115 ? 3.103   -12.090 3.284   1.00 27.37 ? 115 ASP A CG  1 
ATOM   953  O  OD1 . ASP A 1 115 ? 1.978   -11.694 3.681   1.00 25.68 ? 115 ASP A OD1 1 
ATOM   954  O  OD2 . ASP A 1 115 ? 4.160   -11.821 3.900   1.00 30.37 ? 115 ASP A OD2 1 
ATOM   955  N  N   . VAL A 1 116 ? -0.392  -13.667 1.748   1.00 31.78 ? 116 VAL A N   1 
ATOM   956  C  CA  . VAL A 1 116 ? -1.387  -14.522 2.463   1.00 36.71 ? 116 VAL A CA  1 
ATOM   957  C  C   . VAL A 1 116 ? -1.999  -15.529 1.474   1.00 39.79 ? 116 VAL A C   1 
ATOM   958  O  O   . VAL A 1 116 ? -2.472  -16.567 1.895   1.00 42.78 ? 116 VAL A O   1 
ATOM   959  C  CB  . VAL A 1 116 ? -2.482  -13.684 3.106   1.00 35.36 ? 116 VAL A CB  1 
ATOM   960  C  CG1 . VAL A 1 116 ? -3.594  -14.528 3.769   1.00 37.57 ? 116 VAL A CG1 1 
ATOM   961  C  CG2 . VAL A 1 116 ? -1.878  -12.799 4.166   1.00 35.39 ? 116 VAL A CG2 1 
ATOM   962  N  N   . ASN A 1 117 ? -1.967  -15.248 0.167   1.00 41.85 ? 117 ASN A N   1 
ATOM   963  C  CA  . ASN A 1 117 ? -2.557  -16.228 -0.830  1.00 44.69 ? 117 ASN A CA  1 
ATOM   964  C  C   . ASN A 1 117 ? -1.517  -17.215 -1.439  1.00 44.14 ? 117 ASN A C   1 
ATOM   965  O  O   . ASN A 1 117 ? -0.495  -17.515 -0.791  1.00 43.51 ? 117 ASN A O   1 
ATOM   966  C  CB  . ASN A 1 117 ? -3.363  -15.498 -1.910  1.00 44.13 ? 117 ASN A CB  1 
ATOM   967  C  CG  . ASN A 1 117 ? -2.518  -14.592 -2.760  1.00 49.49 ? 117 ASN A CG  1 
ATOM   968  O  OD1 . ASN A 1 117 ? -1.380  -14.193 -2.389  1.00 54.30 ? 117 ASN A OD1 1 
ATOM   969  N  ND2 . ASN A 1 117 ? -3.063  -14.236 -3.934  1.00 53.52 ? 117 ASN A ND2 1 
ATOM   970  N  N   . ASP A 1 118 ? -1.772  -17.716 -2.657  1.00 45.07 ? 118 ASP A N   1 
ATOM   971  C  CA  . ASP A 1 118 ? -0.765  -18.538 -3.377  1.00 46.23 ? 118 ASP A CA  1 
ATOM   972  C  C   . ASP A 1 118 ? 0.543   -17.798 -3.582  1.00 45.55 ? 118 ASP A C   1 
ATOM   973  O  O   . ASP A 1 118 ? 0.559   -16.619 -4.005  1.00 43.74 ? 118 ASP A O   1 
ATOM   974  C  CB  . ASP A 1 118 ? -1.261  -19.073 -4.740  1.00 48.10 ? 118 ASP A CB  1 
ATOM   975  C  CG  . ASP A 1 118 ? -2.462  -19.994 -4.612  1.00 52.66 ? 118 ASP A CG  1 
ATOM   976  O  OD1 . ASP A 1 118 ? -3.235  -20.105 -5.603  1.00 57.92 ? 118 ASP A OD1 1 
ATOM   977  O  OD2 . ASP A 1 118 ? -2.647  -20.606 -3.529  1.00 55.60 ? 118 ASP A OD2 1 
ATOM   978  N  N   . GLU A 1 119 ? 1.629   -18.522 -3.319  1.00 43.07 ? 119 GLU A N   1 
ATOM   979  C  CA  . GLU A 1 119 ? 2.982   -17.999 -3.356  1.00 43.62 ? 119 GLU A CA  1 
ATOM   980  C  C   . GLU A 1 119 ? 3.395   -17.413 -4.720  1.00 43.79 ? 119 GLU A C   1 
ATOM   981  O  O   . GLU A 1 119 ? 4.230   -16.484 -4.804  1.00 40.66 ? 119 GLU A O   1 
ATOM   982  C  CB  . GLU A 1 119 ? 3.949   -19.094 -2.856  1.00 43.39 ? 119 GLU A CB  1 
ATOM   983  C  CG  . GLU A 1 119 ? 3.509   -19.696 -1.499  1.00 46.30 ? 119 GLU A CG  1 
ATOM   984  C  CD  . GLU A 1 119 ? 2.276   -20.700 -1.537  1.00 51.90 ? 119 GLU A CD  1 
ATOM   985  O  OE1 . GLU A 1 119 ? 1.942   -21.218 -0.439  1.00 55.59 ? 119 GLU A OE1 1 
ATOM   986  O  OE2 . GLU A 1 119 ? 1.631   -20.966 -2.614  1.00 52.62 ? 119 GLU A OE2 1 
ATOM   987  N  N   . LYS A 1 120 ? 2.796   -17.940 -5.792  1.00 43.53 ? 120 LYS A N   1 
ATOM   988  C  CA  . LYS A 1 120 ? 3.095   -17.439 -7.139  1.00 44.46 ? 120 LYS A CA  1 
ATOM   989  C  C   . LYS A 1 120 ? 2.490   -16.043 -7.360  1.00 43.56 ? 120 LYS A C   1 
ATOM   990  O  O   . LYS A 1 120 ? 2.872   -15.357 -8.309  1.00 42.41 ? 120 LYS A O   1 
ATOM   991  C  CB  . LYS A 1 120 ? 2.546   -18.397 -8.224  1.00 44.92 ? 120 LYS A CB  1 
ATOM   992  C  CG  . LYS A 1 120 ? 1.017   -18.444 -8.294  1.00 49.67 ? 120 LYS A CG  1 
ATOM   993  C  CD  . LYS A 1 120 ? 0.550   -19.372 -9.452  1.00 56.34 ? 120 LYS A CD  1 
ATOM   994  C  CE  . LYS A 1 120 ? -0.975  -19.377 -9.620  1.00 61.82 ? 120 LYS A CE  1 
ATOM   995  N  NZ  . LYS A 1 120 ? -1.407  -20.620 -10.381 1.00 62.15 ? 120 LYS A NZ  1 
ATOM   996  N  N   . ASN A 1 121 ? 1.533   -15.672 -6.505  1.00 41.70 ? 121 ASN A N   1 
ATOM   997  C  CA  . ASN A 1 121 ? 0.914   -14.333 -6.558  1.00 41.10 ? 121 ASN A CA  1 
ATOM   998  C  C   . ASN A 1 121 ? 1.403   -13.315 -5.533  1.00 39.07 ? 121 ASN A C   1 
ATOM   999  O  O   . ASN A 1 121 ? 0.849   -12.240 -5.488  1.00 41.09 ? 121 ASN A O   1 
ATOM   1000 C  CB  . ASN A 1 121 ? -0.600  -14.425 -6.431  1.00 41.36 ? 121 ASN A CB  1 
ATOM   1001 C  CG  . ASN A 1 121 ? -1.208  -15.241 -7.522  1.00 46.47 ? 121 ASN A CG  1 
ATOM   1002 O  OD1 . ASN A 1 121 ? -0.777  -15.164 -8.676  1.00 48.58 ? 121 ASN A OD1 1 
ATOM   1003 N  ND2 . ASN A 1 121 ? -2.181  -16.063 -7.159  1.00 48.68 ? 121 ASN A ND2 1 
ATOM   1004 N  N   . TRP A 1 122 ? 2.412   -13.629 -4.739  1.00 35.68 ? 122 TRP A N   1 
ATOM   1005 C  CA  . TRP A 1 122 ? 2.822   -12.712 -3.656  1.00 33.10 ? 122 TRP A CA  1 
ATOM   1006 C  C   . TRP A 1 122 ? 3.394   -11.416 -4.222  1.00 30.31 ? 122 TRP A C   1 
ATOM   1007 O  O   . TRP A 1 122 ? 3.930   -11.411 -5.327  1.00 31.33 ? 122 TRP A O   1 
ATOM   1008 C  CB  . TRP A 1 122 ? 3.901   -13.357 -2.842  1.00 31.81 ? 122 TRP A CB  1 
ATOM   1009 C  CG  . TRP A 1 122 ? 3.358   -14.410 -1.861  1.00 30.60 ? 122 TRP A CG  1 
ATOM   1010 C  CD1 . TRP A 1 122 ? 2.099   -14.975 -1.853  1.00 28.73 ? 122 TRP A CD1 1 
ATOM   1011 C  CD2 . TRP A 1 122 ? 4.070   -14.965 -0.768  1.00 31.51 ? 122 TRP A CD2 1 
ATOM   1012 N  NE1 . TRP A 1 122 ? 1.981   -15.839 -0.748  1.00 30.31 ? 122 TRP A NE1 1 
ATOM   1013 C  CE2 . TRP A 1 122 ? 3.190   -15.875 -0.100  1.00 32.50 ? 122 TRP A CE2 1 
ATOM   1014 C  CE3 . TRP A 1 122 ? 5.383   -14.806 -0.283  1.00 35.88 ? 122 TRP A CE3 1 
ATOM   1015 C  CZ2 . TRP A 1 122 ? 3.583   -16.606 1.009   1.00 32.55 ? 122 TRP A CZ2 1 
ATOM   1016 C  CZ3 . TRP A 1 122 ? 5.769   -15.550 0.830   1.00 38.56 ? 122 TRP A CZ3 1 
ATOM   1017 C  CH2 . TRP A 1 122 ? 4.860   -16.433 1.467   1.00 36.73 ? 122 TRP A CH2 1 
ATOM   1018 N  N   . GLY A 1 123 ? 3.327   -10.328 -3.443  1.00 26.90 ? 123 GLY A N   1 
ATOM   1019 C  CA  . GLY A 1 123 ? 3.892   -9.066  -3.916  1.00 25.21 ? 123 GLY A CA  1 
ATOM   1020 C  C   . GLY A 1 123 ? 3.966   -8.121  -2.729  1.00 24.69 ? 123 GLY A C   1 
ATOM   1021 O  O   . GLY A 1 123 ? 3.627   -8.555  -1.619  1.00 22.31 ? 123 GLY A O   1 
ATOM   1022 N  N   . LEU A 1 124 ? 4.523   -6.928  -2.918  1.00 22.19 ? 124 LEU A N   1 
ATOM   1023 C  CA  . LEU A 1 124 ? 4.784   -5.988  -1.830  1.00 21.57 ? 124 LEU A CA  1 
ATOM   1024 C  C   . LEU A 1 124 ? 4.529   -4.591  -2.438  1.00 20.92 ? 124 LEU A C   1 
ATOM   1025 O  O   . LEU A 1 124 ? 4.916   -4.360  -3.597  1.00 23.14 ? 124 LEU A O   1 
ATOM   1026 C  CB  . LEU A 1 124 ? 6.265   -6.156  -1.443  1.00 22.33 ? 124 LEU A CB  1 
ATOM   1027 C  CG  . LEU A 1 124 ? 6.823   -5.475  -0.253  1.00 25.77 ? 124 LEU A CG  1 
ATOM   1028 C  CD1 . LEU A 1 124 ? 6.115   -5.903  1.095   1.00 24.79 ? 124 LEU A CD1 1 
ATOM   1029 C  CD2 . LEU A 1 124 ? 8.343   -5.867  -0.225  1.00 27.31 ? 124 LEU A CD2 1 
ATOM   1030 N  N   . SER A 1 125 ? 3.879   -3.718  -1.668  1.00 19.90 ? 125 SER A N   1 
ATOM   1031 C  CA  . SER A 1 125 ? 3.653   -2.336  -2.011  1.00 21.19 ? 125 SER A CA  1 
ATOM   1032 C  C   . SER A 1 125 ? 4.177   -1.479  -0.900  1.00 21.09 ? 125 SER A C   1 
ATOM   1033 O  O   . SER A 1 125 ? 4.170   -1.903  0.304   1.00 20.87 ? 125 SER A O   1 
ATOM   1034 C  CB  . SER A 1 125 ? 2.132   -2.120  -2.155  1.00 21.77 ? 125 SER A CB  1 
ATOM   1035 O  OG  . SER A 1 125 ? 1.620   -2.832  -3.339  1.00 30.78 ? 125 SER A OG  1 
ATOM   1036 N  N   . VAL A 1 126 ? 4.596   -0.257  -1.226  1.00 17.99 ? 126 VAL A N   1 
ATOM   1037 C  CA  . VAL A 1 126 ? 5.109   0.638   -0.245  1.00 19.35 ? 126 VAL A CA  1 
ATOM   1038 C  C   . VAL A 1 126 ? 4.480   2.037   -0.427  1.00 19.82 ? 126 VAL A C   1 
ATOM   1039 O  O   . VAL A 1 126 ? 4.106   2.478   -1.564  1.00 19.70 ? 126 VAL A O   1 
ATOM   1040 C  CB  . VAL A 1 126 ? 6.677   0.646   -0.280  1.00 18.50 ? 126 VAL A CB  1 
ATOM   1041 C  CG1 . VAL A 1 126 ? 7.193   1.154   -1.674  1.00 21.34 ? 126 VAL A CG1 1 
ATOM   1042 C  CG2 . VAL A 1 126 ? 7.346   1.573   0.776   1.00 21.16 ? 126 VAL A CG2 1 
ATOM   1043 N  N   . TYR A 1 127 ? 4.281   2.672   0.715   1.00 19.14 ? 127 TYR A N   1 
ATOM   1044 C  CA  . TYR A 1 127 ? 3.518   3.938   0.849   1.00 18.93 ? 127 TYR A CA  1 
ATOM   1045 C  C   . TYR A 1 127 ? 4.327   4.905   1.695   1.00 19.99 ? 127 TYR A C   1 
ATOM   1046 O  O   . TYR A 1 127 ? 5.077   4.447   2.598   1.00 21.01 ? 127 TYR A O   1 
ATOM   1047 C  CB  . TYR A 1 127 ? 2.195   3.683   1.554   1.00 19.35 ? 127 TYR A CB  1 
ATOM   1048 C  CG  . TYR A 1 127 ? 1.421   2.607   0.811   1.00 17.47 ? 127 TYR A CG  1 
ATOM   1049 C  CD1 . TYR A 1 127 ? 1.654   1.236   1.036   1.00 16.36 ? 127 TYR A CD1 1 
ATOM   1050 C  CD2 . TYR A 1 127 ? 0.568   2.958   -0.207  1.00 15.28 ? 127 TYR A CD2 1 
ATOM   1051 C  CE1 . TYR A 1 127 ? 0.989   0.200   0.324   1.00 18.37 ? 127 TYR A CE1 1 
ATOM   1052 C  CE2 . TYR A 1 127 ? -0.156  1.938   -0.942  1.00 16.90 ? 127 TYR A CE2 1 
ATOM   1053 C  CZ  . TYR A 1 127 ? 0.069   0.577   -0.683  1.00 22.22 ? 127 TYR A CZ  1 
ATOM   1054 O  OH  . TYR A 1 127 ? -0.556  -0.368  -1.419  1.00 19.68 ? 127 TYR A OH  1 
ATOM   1055 N  N   . ALA A 1 128 ? 4.133   6.219   1.523   1.00 19.19 ? 128 ALA A N   1 
ATOM   1056 C  CA  . ALA A 1 128 ? 4.845   7.191   2.356   1.00 18.51 ? 128 ALA A CA  1 
ATOM   1057 C  C   . ALA A 1 128 ? 3.981   8.385   2.631   1.00 22.84 ? 128 ALA A C   1 
ATOM   1058 O  O   . ALA A 1 128 ? 2.989   8.577   1.904   1.00 19.27 ? 128 ALA A O   1 
ATOM   1059 C  CB  . ALA A 1 128 ? 6.195   7.628   1.631   1.00 20.44 ? 128 ALA A CB  1 
ATOM   1060 N  N   . ASP A 1 129 ? 4.387   9.261   3.566   1.00 20.80 ? 129 ASP A N   1 
ATOM   1061 C  CA  . ASP A 1 129 ? 3.518   10.385  3.869   1.00 23.05 ? 129 ASP A CA  1 
ATOM   1062 C  C   . ASP A 1 129 ? 3.775   11.581  2.914   1.00 23.73 ? 129 ASP A C   1 
ATOM   1063 O  O   . ASP A 1 129 ? 3.113   12.600  3.042   1.00 24.82 ? 129 ASP A O   1 
ATOM   1064 C  CB  . ASP A 1 129 ? 3.663   10.779  5.295   1.00 25.03 ? 129 ASP A CB  1 
ATOM   1065 C  CG  . ASP A 1 129 ? 4.986   11.474  5.598   1.00 29.72 ? 129 ASP A CG  1 
ATOM   1066 O  OD1 . ASP A 1 129 ? 5.937   11.414  4.842   1.00 28.83 ? 129 ASP A OD1 1 
ATOM   1067 O  OD2 . ASP A 1 129 ? 5.065   12.012  6.707   1.00 40.64 ? 129 ASP A OD2 1 
ATOM   1068 N  N   . LYS A 1 130 ? 4.697   11.379  1.977   1.00 24.58 ? 130 LYS A N   1 
ATOM   1069 C  CA  . LYS A 1 130 ? 4.988   12.358  0.861   1.00 25.75 ? 130 LYS A CA  1 
ATOM   1070 C  C   . LYS A 1 130 ? 5.094   11.606  -0.441  1.00 27.88 ? 130 LYS A C   1 
ATOM   1071 O  O   . LYS A 1 130 ? 5.504   10.432  -0.466  1.00 27.14 ? 130 LYS A O   1 
ATOM   1072 C  CB  . LYS A 1 130 ? 6.351   13.055  1.115   1.00 26.05 ? 130 LYS A CB  1 
ATOM   1073 C  CG  . LYS A 1 130 ? 6.236   14.111  2.172   1.00 34.18 ? 130 LYS A CG  1 
ATOM   1074 C  CD  . LYS A 1 130 ? 7.632   14.622  2.484   1.00 40.57 ? 130 LYS A CD  1 
ATOM   1075 C  CE  . LYS A 1 130 ? 7.781   14.936  3.971   1.00 47.91 ? 130 LYS A CE  1 
ATOM   1076 N  NZ  . LYS A 1 130 ? 6.932   16.067  4.525   1.00 48.19 ? 130 LYS A NZ  1 
ATOM   1077 N  N   . PRO A 1 131 ? 4.862   12.302  -1.594  1.00 28.36 ? 131 PRO A N   1 
ATOM   1078 C  CA  . PRO A 1 131 ? 4.812   11.591  -2.868  1.00 30.12 ? 131 PRO A CA  1 
ATOM   1079 C  C   . PRO A 1 131 ? 6.132   11.156  -3.408  1.00 32.29 ? 131 PRO A C   1 
ATOM   1080 O  O   . PRO A 1 131 ? 6.159   10.322  -4.352  1.00 34.05 ? 131 PRO A O   1 
ATOM   1081 C  CB  . PRO A 1 131 ? 4.226   12.643  -3.838  1.00 30.87 ? 131 PRO A CB  1 
ATOM   1082 C  CG  . PRO A 1 131 ? 4.600   13.927  -3.228  1.00 27.77 ? 131 PRO A CG  1 
ATOM   1083 C  CD  . PRO A 1 131 ? 4.409   13.705  -1.723  1.00 27.72 ? 131 PRO A CD  1 
ATOM   1084 N  N   . GLU A 1 132 ? 7.196   11.773  -2.898  1.00 33.60 ? 132 GLU A N   1 
ATOM   1085 C  CA  . GLU A 1 132 ? 8.523   11.436  -3.263  1.00 38.03 ? 132 GLU A CA  1 
ATOM   1086 C  C   . GLU A 1 132 ? 9.386   10.964  -2.105  1.00 37.46 ? 132 GLU A C   1 
ATOM   1087 O  O   . GLU A 1 132 ? 9.237   11.400  -0.965  1.00 37.36 ? 132 GLU A O   1 
ATOM   1088 C  CB  . GLU A 1 132 ? 9.179   12.627  -3.913  1.00 39.45 ? 132 GLU A CB  1 
ATOM   1089 C  CG  . GLU A 1 132 ? 8.261   13.127  -5.071  1.00 46.81 ? 132 GLU A CG  1 
ATOM   1090 C  CD  . GLU A 1 132 ? 9.033   13.790  -6.183  1.00 57.40 ? 132 GLU A CD  1 
ATOM   1091 O  OE1 . GLU A 1 132 ? 10.227  14.121  -5.918  1.00 60.04 ? 132 GLU A OE1 1 
ATOM   1092 O  OE2 . GLU A 1 132 ? 8.450   13.944  -7.299  1.00 57.27 ? 132 GLU A OE2 1 
ATOM   1093 N  N   . THR A 1 133 ? 10.286  10.061  -2.434  1.00 38.56 ? 133 THR A N   1 
ATOM   1094 C  CA  . THR A 1 133 ? 11.086  9.406   -1.424  1.00 41.05 ? 133 THR A CA  1 
ATOM   1095 C  C   . THR A 1 133 ? 12.495  9.296   -1.954  1.00 43.24 ? 133 THR A C   1 
ATOM   1096 O  O   . THR A 1 133 ? 12.754  9.402   -3.176  1.00 45.55 ? 133 THR A O   1 
ATOM   1097 C  CB  . THR A 1 133 ? 10.615  7.949   -1.172  1.00 39.97 ? 133 THR A CB  1 
ATOM   1098 O  OG1 . THR A 1 133 ? 10.832  7.195   -2.372  1.00 40.72 ? 133 THR A OG1 1 
ATOM   1099 C  CG2 . THR A 1 133 ? 9.130   7.867   -0.774  1.00 41.06 ? 133 THR A CG2 1 
ATOM   1100 N  N   . THR A 1 134 ? 13.402  8.995   -1.056  1.00 45.96 ? 134 THR A N   1 
ATOM   1101 C  CA  . THR A 1 134 ? 14.762  8.652   -1.469  1.00 47.77 ? 134 THR A CA  1 
ATOM   1102 C  C   . THR A 1 134 ? 14.955  7.124   -1.515  1.00 48.70 ? 134 THR A C   1 
ATOM   1103 O  O   . THR A 1 134 ? 14.157  6.370   -0.932  1.00 47.27 ? 134 THR A O   1 
ATOM   1104 C  CB  . THR A 1 134 ? 15.715  9.247   -0.491  1.00 47.49 ? 134 THR A CB  1 
ATOM   1105 O  OG1 . THR A 1 134 ? 15.511  8.587   0.740   1.00 46.07 ? 134 THR A OG1 1 
ATOM   1106 C  CG2 . THR A 1 134 ? 15.353  10.750  -0.283  1.00 48.33 ? 134 THR A CG2 1 
ATOM   1107 N  N   . LYS A 1 135 ? 16.014  6.681   -2.206  1.00 49.40 ? 135 LYS A N   1 
ATOM   1108 C  CA  . LYS A 1 135 ? 16.332  5.247   -2.309  1.00 49.87 ? 135 LYS A CA  1 
ATOM   1109 C  C   . LYS A 1 135 ? 16.561  4.678   -0.910  1.00 48.55 ? 135 LYS A C   1 
ATOM   1110 O  O   . LYS A 1 135 ? 16.227  3.500   -0.616  1.00 49.05 ? 135 LYS A O   1 
ATOM   1111 C  CB  . LYS A 1 135 ? 17.572  5.007   -3.177  1.00 51.70 ? 135 LYS A CB  1 
ATOM   1112 C  CG  . LYS A 1 135 ? 17.367  3.922   -4.224  1.00 53.79 ? 135 LYS A CG  1 
ATOM   1113 C  CD  . LYS A 1 135 ? 18.505  2.885   -4.263  1.00 59.72 ? 135 LYS A CD  1 
ATOM   1114 C  CE  . LYS A 1 135 ? 18.196  1.829   -5.332  1.00 61.01 ? 135 LYS A CE  1 
ATOM   1115 N  NZ  . LYS A 1 135 ? 17.523  2.437   -6.550  1.00 62.40 ? 135 LYS A NZ  1 
ATOM   1116 N  N   . GLU A 1 136 ? 17.094  5.529   -0.044  1.00 47.10 ? 136 GLU A N   1 
ATOM   1117 C  CA  . GLU A 1 136 ? 17.335  5.170   1.342   1.00 45.35 ? 136 GLU A CA  1 
ATOM   1118 C  C   . GLU A 1 136 ? 16.030  4.966   2.143   1.00 42.72 ? 136 GLU A C   1 
ATOM   1119 O  O   . GLU A 1 136 ? 15.939  4.058   2.995   1.00 40.31 ? 136 GLU A O   1 
ATOM   1120 C  CB  . GLU A 1 136 ? 18.232  6.237   1.962   1.00 48.46 ? 136 GLU A CB  1 
ATOM   1121 C  CG  . GLU A 1 136 ? 18.878  5.842   3.277   1.00 54.50 ? 136 GLU A CG  1 
ATOM   1122 C  CD  . GLU A 1 136 ? 17.971  6.041   4.490   1.00 61.85 ? 136 GLU A CD  1 
ATOM   1123 O  OE1 . GLU A 1 136 ? 17.161  7.011   4.488   1.00 62.73 ? 136 GLU A OE1 1 
ATOM   1124 O  OE2 . GLU A 1 136 ? 18.091  5.229   5.453   1.00 64.71 ? 136 GLU A OE2 1 
ATOM   1125 N  N   . GLN A 1 137 ? 14.998  5.782   1.867   1.00 38.27 ? 137 GLN A N   1 
ATOM   1126 C  CA  . GLN A 1 137 ? 13.747  5.637   2.573   1.00 35.33 ? 137 GLN A CA  1 
ATOM   1127 C  C   . GLN A 1 137 ? 13.178  4.262   2.162   1.00 32.87 ? 137 GLN A C   1 
ATOM   1128 O  O   . GLN A 1 137 ? 12.413  3.681   2.927   1.00 32.86 ? 137 GLN A O   1 
ATOM   1129 C  CB  . GLN A 1 137 ? 12.767  6.709   2.194   1.00 35.14 ? 137 GLN A CB  1 
ATOM   1130 C  CG  . GLN A 1 137 ? 11.868  7.138   3.322   1.00 42.28 ? 137 GLN A CG  1 
ATOM   1131 C  CD  . GLN A 1 137 ? 11.270  8.561   3.131   1.00 47.00 ? 137 GLN A CD  1 
ATOM   1132 O  OE1 . GLN A 1 137 ? 11.305  9.116   2.020   1.00 46.70 ? 137 GLN A OE1 1 
ATOM   1133 N  NE2 . GLN A 1 137 ? 10.709  9.134   4.231   1.00 45.71 ? 137 GLN A NE2 1 
ATOM   1134 N  N   . LEU A 1 138 ? 13.587  3.740   0.997   1.00 29.97 ? 138 LEU A N   1 
ATOM   1135 C  CA  . LEU A 1 138 ? 13.022  2.458   0.471   1.00 28.86 ? 138 LEU A CA  1 
ATOM   1136 C  C   . LEU A 1 138 ? 13.896  1.243   0.786   1.00 28.62 ? 138 LEU A C   1 
ATOM   1137 O  O   . LEU A 1 138 ? 13.663  0.157   0.259   1.00 27.91 ? 138 LEU A O   1 
ATOM   1138 C  CB  . LEU A 1 138 ? 12.744  2.510   -1.029  1.00 27.00 ? 138 LEU A CB  1 
ATOM   1139 C  CG  . LEU A 1 138 ? 11.725  3.595   -1.507  1.00 28.98 ? 138 LEU A CG  1 
ATOM   1140 C  CD1 . LEU A 1 138 ? 11.482  3.378   -2.974  1.00 33.01 ? 138 LEU A CD1 1 
ATOM   1141 C  CD2 . LEU A 1 138 ? 10.415  3.632   -0.703  1.00 30.33 ? 138 LEU A CD2 1 
ATOM   1142 N  N   . GLY A 1 139 ? 14.918  1.455   1.609   1.00 29.39 ? 139 GLY A N   1 
ATOM   1143 C  CA  . GLY A 1 139 ? 15.845  0.343   2.001   1.00 28.43 ? 139 GLY A CA  1 
ATOM   1144 C  C   . GLY A 1 139 ? 15.109  -0.929  2.457   1.00 26.91 ? 139 GLY A C   1 
ATOM   1145 O  O   . GLY A 1 139 ? 15.397  -2.002  1.927   1.00 27.57 ? 139 GLY A O   1 
ATOM   1146 N  N   . GLU A 1 140 ? 14.127  -0.789  3.361   1.00 26.89 ? 140 GLU A N   1 
ATOM   1147 C  CA  . GLU A 1 140 ? 13.409  -1.967  3.916   1.00 27.56 ? 140 GLU A CA  1 
ATOM   1148 C  C   . GLU A 1 140 ? 12.591  -2.656  2.812   1.00 26.03 ? 140 GLU A C   1 
ATOM   1149 O  O   . GLU A 1 140 ? 12.521  -3.909  2.734   1.00 26.48 ? 140 GLU A O   1 
ATOM   1150 C  CB  . GLU A 1 140 ? 12.504  -1.569  5.067   1.00 27.86 ? 140 GLU A CB  1 
ATOM   1151 C  CG  . GLU A 1 140 ? 13.231  -1.408  6.441   1.00 32.16 ? 140 GLU A CG  1 
ATOM   1152 C  CD  . GLU A 1 140 ? 12.653  -0.274  7.291   1.00 37.95 ? 140 GLU A CD  1 
ATOM   1153 O  OE1 . GLU A 1 140 ? 12.204  -0.437  8.486   1.00 30.39 ? 140 GLU A OE1 1 
ATOM   1154 O  OE2 . GLU A 1 140 ? 12.655  0.828   6.722   1.00 39.71 ? 140 GLU A OE2 1 
ATOM   1155 N  N   . PHE A 1 141 ? 11.981  -1.831  1.949   1.00 24.32 ? 141 PHE A N   1 
ATOM   1156 C  CA  . PHE A 1 141 ? 11.244  -2.357  0.795   1.00 23.66 ? 141 PHE A CA  1 
ATOM   1157 C  C   . PHE A 1 141 ? 12.187  -3.154  -0.105  1.00 23.36 ? 141 PHE A C   1 
ATOM   1158 O  O   . PHE A 1 141 ? 11.882  -4.303  -0.486  1.00 23.33 ? 141 PHE A O   1 
ATOM   1159 C  CB  . PHE A 1 141 ? 10.595  -1.164  0.019   1.00 23.83 ? 141 PHE A CB  1 
ATOM   1160 C  CG  . PHE A 1 141 ? 9.925   -1.546  -1.265  1.00 22.51 ? 141 PHE A CG  1 
ATOM   1161 C  CD1 . PHE A 1 141 ? 10.405  -1.060  -2.479  1.00 23.72 ? 141 PHE A CD1 1 
ATOM   1162 C  CD2 . PHE A 1 141 ? 8.714   -2.281  -1.244  1.00 23.38 ? 141 PHE A CD2 1 
ATOM   1163 C  CE1 . PHE A 1 141 ? 9.738   -1.367  -3.656  1.00 22.75 ? 141 PHE A CE1 1 
ATOM   1164 C  CE2 . PHE A 1 141 ? 8.004   -2.592  -2.413  1.00 25.08 ? 141 PHE A CE2 1 
ATOM   1165 C  CZ  . PHE A 1 141 ? 8.507   -2.121  -3.654  1.00 20.05 ? 141 PHE A CZ  1 
ATOM   1166 N  N   . TYR A 1 142 ? 13.307  -2.572  -0.490  1.00 24.03 ? 142 TYR A N   1 
ATOM   1167 C  CA  . TYR A 1 142 ? 14.232  -3.342  -1.376  1.00 24.49 ? 142 TYR A CA  1 
ATOM   1168 C  C   . TYR A 1 142 ? 14.829  -4.587  -0.730  1.00 26.02 ? 142 TYR A C   1 
ATOM   1169 O  O   . TYR A 1 142 ? 15.019  -5.608  -1.394  1.00 25.16 ? 142 TYR A O   1 
ATOM   1170 C  CB  . TYR A 1 142 ? 15.354  -2.457  -1.871  1.00 26.60 ? 142 TYR A CB  1 
ATOM   1171 C  CG  . TYR A 1 142 ? 14.898  -1.318  -2.805  1.00 26.15 ? 142 TYR A CG  1 
ATOM   1172 C  CD1 . TYR A 1 142 ? 15.348  0.000   -2.582  1.00 30.92 ? 142 TYR A CD1 1 
ATOM   1173 C  CD2 . TYR A 1 142 ? 14.092  -1.571  -3.882  1.00 33.32 ? 142 TYR A CD2 1 
ATOM   1174 C  CE1 . TYR A 1 142 ? 14.926  1.047   -3.439  1.00 33.02 ? 142 TYR A CE1 1 
ATOM   1175 C  CE2 . TYR A 1 142 ? 13.685  -0.541  -4.737  1.00 33.61 ? 142 TYR A CE2 1 
ATOM   1176 C  CZ  . TYR A 1 142 ? 14.115  0.739   -4.498  1.00 35.96 ? 142 TYR A CZ  1 
ATOM   1177 O  OH  . TYR A 1 142 ? 13.708  1.748   -5.352  1.00 36.89 ? 142 TYR A OH  1 
ATOM   1178 N  N   . GLU A 1 143 ? 15.057  -4.528  0.579   1.00 28.08 ? 143 GLU A N   1 
ATOM   1179 C  CA  . GLU A 1 143 ? 15.543  -5.742  1.303   1.00 29.39 ? 143 GLU A CA  1 
ATOM   1180 C  C   . GLU A 1 143 ? 14.518  -6.833  1.286   1.00 27.86 ? 143 GLU A C   1 
ATOM   1181 O  O   . GLU A 1 143 ? 14.847  -8.018  1.049   1.00 27.73 ? 143 GLU A O   1 
ATOM   1182 C  CB  . GLU A 1 143 ? 15.829  -5.443  2.755   1.00 30.28 ? 143 GLU A CB  1 
ATOM   1183 C  CG  . GLU A 1 143 ? 17.008  -4.624  3.038   1.00 41.07 ? 143 GLU A CG  1 
ATOM   1184 C  CD  . GLU A 1 143 ? 17.292  -4.587  4.561   1.00 48.88 ? 143 GLU A CD  1 
ATOM   1185 O  OE1 . GLU A 1 143 ? 16.492  -3.999  5.345   1.00 48.25 ? 143 GLU A OE1 1 
ATOM   1186 O  OE2 . GLU A 1 143 ? 18.325  -5.187  4.961   1.00 55.15 ? 143 GLU A OE2 1 
ATOM   1187 N  N   . ALA A 1 144 ? 13.277  -6.462  1.561   1.00 26.08 ? 144 ALA A N   1 
ATOM   1188 C  CA  . ALA A 1 144 ? 12.191  -7.443  1.499   1.00 25.69 ? 144 ALA A CA  1 
ATOM   1189 C  C   . ALA A 1 144 ? 11.984  -8.046  0.114   1.00 26.84 ? 144 ALA A C   1 
ATOM   1190 O  O   . ALA A 1 144 ? 11.642  -9.281  -0.047  1.00 25.74 ? 144 ALA A O   1 
ATOM   1191 C  CB  . ALA A 1 144 ? 10.881  -6.871  2.021   1.00 25.42 ? 144 ALA A CB  1 
ATOM   1192 N  N   . LEU A 1 145 ? 12.088  -7.202  -0.925  1.00 25.89 ? 145 LEU A N   1 
ATOM   1193 C  CA  . LEU A 1 145 ? 11.999  -7.763  -2.297  1.00 25.78 ? 145 LEU A CA  1 
ATOM   1194 C  C   . LEU A 1 145 ? 13.117  -8.770  -2.577  1.00 25.63 ? 145 LEU A C   1 
ATOM   1195 O  O   . LEU A 1 145 ? 12.875  -9.867  -3.136  1.00 28.13 ? 145 LEU A O   1 
ATOM   1196 C  CB  . LEU A 1 145 ? 12.110  -6.628  -3.309  1.00 25.51 ? 145 LEU A CB  1 
ATOM   1197 C  CG  . LEU A 1 145 ? 10.881  -5.769  -3.439  1.00 27.49 ? 145 LEU A CG  1 
ATOM   1198 C  CD1 . LEU A 1 145 ? 11.277  -4.734  -4.565  1.00 32.56 ? 145 LEU A CD1 1 
ATOM   1199 C  CD2 . LEU A 1 145 ? 9.574   -6.541  -3.800  1.00 29.73 ? 145 LEU A CD2 1 
ATOM   1200 N  N   . ASP A 1 146 ? 14.325  -8.443  -2.115  1.00 26.75 ? 146 ASP A N   1 
ATOM   1201 C  CA  . ASP A 1 146 ? 15.460  -9.298  -2.350  1.00 31.33 ? 146 ASP A CA  1 
ATOM   1202 C  C   . ASP A 1 146 ? 15.174  -10.630 -1.633  1.00 29.93 ? 146 ASP A C   1 
ATOM   1203 O  O   . ASP A 1 146 ? 15.291  -11.718 -2.189  1.00 30.10 ? 146 ASP A O   1 
ATOM   1204 C  CB  . ASP A 1 146 ? 16.756  -8.565  -1.849  1.00 31.62 ? 146 ASP A CB  1 
ATOM   1205 C  CG  . ASP A 1 146 ? 17.989  -9.426  -1.922  1.00 43.11 ? 146 ASP A CG  1 
ATOM   1206 O  OD1 . ASP A 1 146 ? 18.090  -10.221 -2.863  1.00 47.56 ? 146 ASP A OD1 1 
ATOM   1207 O  OD2 . ASP A 1 146 ? 18.868  -9.326  -1.030  1.00 52.63 ? 146 ASP A OD2 1 
ATOM   1208 N  N   . CYS A 1 147 ? 14.701  -10.524 -0.404  1.00 30.21 ? 147 CYS A N   1 
ATOM   1209 C  CA  . CYS A 1 147 ? 14.381  -11.728 0.369   1.00 29.82 ? 147 CYS A CA  1 
ATOM   1210 C  C   . CYS A 1 147 ? 13.224  -12.541 -0.258  1.00 30.20 ? 147 CYS A C   1 
ATOM   1211 O  O   . CYS A 1 147 ? 13.207  -13.768 -0.162  1.00 31.42 ? 147 CYS A O   1 
ATOM   1212 C  CB  . CYS A 1 147 ? 14.063  -11.292 1.815   1.00 30.36 ? 147 CYS A CB  1 
ATOM   1213 S  SG  . CYS A 1 147 ? 13.967  -12.713 2.991   1.00 31.17 ? 147 CYS A SG  1 
ATOM   1214 N  N   . LEU A 1 148 ? 12.231  -11.890 -0.869  1.00 29.11 ? 148 LEU A N   1 
ATOM   1215 C  CA  . LEU A 1 148 ? 11.132  -12.563 -1.581  1.00 28.86 ? 148 LEU A CA  1 
ATOM   1216 C  C   . LEU A 1 148 ? 11.548  -13.073 -3.011  1.00 28.25 ? 148 LEU A C   1 
ATOM   1217 O  O   . LEU A 1 148 ? 10.719  -13.727 -3.699  1.00 28.07 ? 148 LEU A O   1 
ATOM   1218 C  CB  . LEU A 1 148 ? 9.940   -11.622 -1.746  1.00 29.27 ? 148 LEU A CB  1 
ATOM   1219 C  CG  . LEU A 1 148 ? 9.096   -11.347 -0.477  1.00 31.27 ? 148 LEU A CG  1 
ATOM   1220 C  CD1 . LEU A 1 148 ? 8.123   -10.255 -0.738  1.00 32.44 ? 148 LEU A CD1 1 
ATOM   1221 C  CD2 . LEU A 1 148 ? 8.362   -12.646 0.008   1.00 33.74 ? 148 LEU A CD2 1 
ATOM   1222 N  N   . ARG A 1 149 ? 12.793  -12.729 -3.399  1.00 27.67 ? 149 ARG A N   1 
ATOM   1223 C  CA  . ARG A 1 149 ? 13.437  -13.066 -4.670  1.00 29.93 ? 149 ARG A CA  1 
ATOM   1224 C  C   . ARG A 1 149 ? 12.615  -12.451 -5.817  1.00 30.96 ? 149 ARG A C   1 
ATOM   1225 O  O   . ARG A 1 149 ? 12.381  -13.105 -6.825  1.00 31.06 ? 149 ARG A O   1 
ATOM   1226 C  CB  . ARG A 1 149 ? 13.560  -14.622 -4.845  1.00 30.38 ? 149 ARG A CB  1 
ATOM   1227 C  CG  . ARG A 1 149 ? 14.359  -15.248 -3.702  1.00 34.39 ? 149 ARG A CG  1 
ATOM   1228 C  CD  . ARG A 1 149 ? 15.097  -16.555 -4.112  1.00 50.79 ? 149 ARG A CD  1 
ATOM   1229 N  NE  . ARG A 1 149 ? 15.861  -17.108 -2.966  1.00 58.31 ? 149 ARG A NE  1 
ATOM   1230 C  CZ  . ARG A 1 149 ? 16.602  -18.229 -2.962  1.00 64.20 ? 149 ARG A CZ  1 
ATOM   1231 N  NH1 . ARG A 1 149 ? 16.736  -18.988 -4.061  1.00 65.51 ? 149 ARG A NH1 1 
ATOM   1232 N  NH2 . ARG A 1 149 ? 17.231  -18.600 -1.837  1.00 65.95 ? 149 ARG A NH2 1 
ATOM   1233 N  N   . ILE A 1 150 ? 12.138  -11.220 -5.630  1.00 29.71 ? 150 ILE A N   1 
ATOM   1234 C  CA  . ILE A 1 150 ? 11.468  -10.436 -6.692  1.00 29.48 ? 150 ILE A CA  1 
ATOM   1235 C  C   . ILE A 1 150 ? 12.496  -9.403  -7.129  1.00 30.48 ? 150 ILE A C   1 
ATOM   1236 O  O   . ILE A 1 150 ? 12.955  -8.578  -6.334  1.00 28.63 ? 150 ILE A O   1 
ATOM   1237 C  CB  . ILE A 1 150 ? 10.239  -9.642  -6.151  1.00 28.84 ? 150 ILE A CB  1 
ATOM   1238 C  CG1 . ILE A 1 150 ? 9.172   -10.581 -5.534  1.00 27.47 ? 150 ILE A CG1 1 
ATOM   1239 C  CG2 . ILE A 1 150 ? 9.668   -8.754  -7.244  1.00 29.81 ? 150 ILE A CG2 1 
ATOM   1240 C  CD1 . ILE A 1 150 ? 8.014   -9.962  -4.794  1.00 26.71 ? 150 ILE A CD1 1 
ATOM   1241 N  N   . PRO A 1 151 ? 12.890  -9.425  -8.413  1.00 31.61 ? 151 PRO A N   1 
ATOM   1242 C  CA  . PRO A 1 151 ? 13.987  -8.551  -8.782  1.00 33.53 ? 151 PRO A CA  1 
ATOM   1243 C  C   . PRO A 1 151 ? 13.605  -7.090  -8.738  1.00 32.51 ? 151 PRO A C   1 
ATOM   1244 O  O   . PRO A 1 151 ? 12.448  -6.774  -9.041  1.00 32.55 ? 151 PRO A O   1 
ATOM   1245 C  CB  . PRO A 1 151 ? 14.264  -8.910  -10.261 1.00 33.59 ? 151 PRO A CB  1 
ATOM   1246 C  CG  . PRO A 1 151 ? 13.211  -9.788  -10.672 1.00 34.83 ? 151 PRO A CG  1 
ATOM   1247 C  CD  . PRO A 1 151 ? 12.427  -10.298 -9.493  1.00 33.17 ? 151 PRO A CD  1 
ATOM   1248 N  N   . LYS A 1 152 ? 14.563  -6.214  -8.445  1.00 34.36 ? 152 LYS A N   1 
ATOM   1249 C  CA  . LYS A 1 152 ? 14.311  -4.750  -8.519  1.00 36.61 ? 152 LYS A CA  1 
ATOM   1250 C  C   . LYS A 1 152 ? 13.716  -4.251  -9.838  1.00 37.81 ? 152 LYS A C   1 
ATOM   1251 O  O   . LYS A 1 152 ? 12.929  -3.292  -9.851  1.00 35.35 ? 152 LYS A O   1 
ATOM   1252 C  CB  . LYS A 1 152 ? 15.560  -3.939  -8.207  1.00 38.12 ? 152 LYS A CB  1 
ATOM   1253 C  CG  . LYS A 1 152 ? 15.854  -3.809  -6.778  1.00 40.98 ? 152 LYS A CG  1 
ATOM   1254 C  CD  . LYS A 1 152 ? 17.172  -3.095  -6.571  1.00 49.34 ? 152 LYS A CD  1 
ATOM   1255 C  CE  . LYS A 1 152 ? 17.022  -1.594  -6.557  1.00 53.22 ? 152 LYS A CE  1 
ATOM   1256 N  NZ  . LYS A 1 152 ? 18.064  -1.033  -5.623  1.00 58.57 ? 152 LYS A NZ  1 
ATOM   1257 N  N   . SER A 1 153 ? 14.076  -4.933  -10.936 1.00 38.09 ? 153 SER A N   1 
ATOM   1258 C  CA  . SER A 1 153 ? 13.628  -4.576  -12.281 1.00 38.11 ? 153 SER A CA  1 
ATOM   1259 C  C   . SER A 1 153 ? 12.133  -4.839  -12.490 1.00 38.05 ? 153 SER A C   1 
ATOM   1260 O  O   . SER A 1 153 ? 11.521  -4.380  -13.477 1.00 36.82 ? 153 SER A O   1 
ATOM   1261 C  CB  . SER A 1 153 ? 14.487  -5.348  -13.340 1.00 39.47 ? 153 SER A CB  1 
ATOM   1262 O  OG  . SER A 1 153 ? 14.182  -6.756  -13.396 1.00 41.44 ? 153 SER A OG  1 
ATOM   1263 N  N   . ASP A 1 154 ? 11.512  -5.570  -11.575 1.00 33.49 ? 154 ASP A N   1 
ATOM   1264 C  CA  . ASP A 1 154 ? 10.058  -5.723  -11.644 1.00 31.95 ? 154 ASP A CA  1 
ATOM   1265 C  C   . ASP A 1 154 ? 9.218   -4.683  -10.893 1.00 28.89 ? 154 ASP A C   1 
ATOM   1266 O  O   . ASP A 1 154 ? 7.960   -4.719  -10.996 1.00 28.81 ? 154 ASP A O   1 
ATOM   1267 C  CB  . ASP A 1 154 ? 9.616   -7.132  -11.232 1.00 31.74 ? 154 ASP A CB  1 
ATOM   1268 C  CG  . ASP A 1 154 ? 9.962   -8.188  -12.280 1.00 38.94 ? 154 ASP A CG  1 
ATOM   1269 O  OD1 . ASP A 1 154 ? 10.234  -7.842  -13.470 1.00 41.35 ? 154 ASP A OD1 1 
ATOM   1270 O  OD2 . ASP A 1 154 ? 9.912   -9.365  -11.898 1.00 42.09 ? 154 ASP A OD2 1 
ATOM   1271 N  N   . VAL A 1 155 ? 9.883   -3.752  -10.210 1.00 27.95 ? 155 VAL A N   1 
ATOM   1272 C  CA  . VAL A 1 155 ? 9.184   -2.769  -9.422  1.00 27.22 ? 155 VAL A CA  1 
ATOM   1273 C  C   . VAL A 1 155 ? 8.511   -1.781  -10.384 1.00 28.29 ? 155 VAL A C   1 
ATOM   1274 O  O   . VAL A 1 155 ? 9.150   -1.339  -11.395 1.00 25.68 ? 155 VAL A O   1 
ATOM   1275 C  CB  . VAL A 1 155 ? 10.122  -1.978  -8.487  1.00 26.31 ? 155 VAL A CB  1 
ATOM   1276 C  CG1 . VAL A 1 155 ? 9.318   -0.992  -7.743  1.00 25.51 ? 155 VAL A CG1 1 
ATOM   1277 C  CG2 . VAL A 1 155 ? 10.790  -2.952  -7.405  1.00 24.89 ? 155 VAL A CG2 1 
ATOM   1278 N  N   . VAL A 1 156 ? 7.252   -1.450  -10.078 1.00 25.50 ? 156 VAL A N   1 
ATOM   1279 C  CA  . VAL A 1 156 ? 6.520   -0.388  -10.787 1.00 27.60 ? 156 VAL A CA  1 
ATOM   1280 C  C   . VAL A 1 156 ? 6.342   0.780   -9.877  1.00 27.16 ? 156 VAL A C   1 
ATOM   1281 O  O   . VAL A 1 156 ? 5.846   0.616   -8.729  1.00 27.10 ? 156 VAL A O   1 
ATOM   1282 C  CB  . VAL A 1 156 ? 5.147   -0.925  -11.178 1.00 26.67 ? 156 VAL A CB  1 
ATOM   1283 C  CG1 . VAL A 1 156 ? 4.332   0.146   -11.995 1.00 33.40 ? 156 VAL A CG1 1 
ATOM   1284 C  CG2 . VAL A 1 156 ? 5.262   -2.246  -11.940 1.00 28.27 ? 156 VAL A CG2 1 
ATOM   1285 N  N   . TYR A 1 157 ? 6.820   1.951   -10.300 1.00 26.61 ? 157 TYR A N   1 
ATOM   1286 C  CA  . TYR A 1 157 ? 6.705   3.129   -9.512  1.00 26.72 ? 157 TYR A CA  1 
ATOM   1287 C  C   . TYR A 1 157 ? 5.630   4.038   -10.056 1.00 26.45 ? 157 TYR A C   1 
ATOM   1288 O  O   . TYR A 1 157 ? 5.518   4.196   -11.323 1.00 24.39 ? 157 TYR A O   1 
ATOM   1289 C  CB  . TYR A 1 157 ? 7.999   3.920   -9.548  1.00 27.18 ? 157 TYR A CB  1 
ATOM   1290 C  CG  . TYR A 1 157 ? 9.185   3.165   -9.030  1.00 27.12 ? 157 TYR A CG  1 
ATOM   1291 C  CD1 . TYR A 1 157 ? 9.884   2.267   -9.859  1.00 32.20 ? 157 TYR A CD1 1 
ATOM   1292 C  CD2 . TYR A 1 157 ? 9.603   3.323   -7.685  1.00 29.86 ? 157 TYR A CD2 1 
ATOM   1293 C  CE1 . TYR A 1 157 ? 11.011  1.519   -9.367  1.00 35.10 ? 157 TYR A CE1 1 
ATOM   1294 C  CE2 . TYR A 1 157 ? 10.698  2.605   -7.183  1.00 30.13 ? 157 TYR A CE2 1 
ATOM   1295 C  CZ  . TYR A 1 157 ? 11.408  1.727   -8.039  1.00 38.00 ? 157 TYR A CZ  1 
ATOM   1296 O  OH  . TYR A 1 157 ? 12.471  1.043   -7.510  1.00 39.60 ? 157 TYR A OH  1 
ATOM   1297 N  N   . THR A 1 158 ? 4.999   4.745   -9.127  1.00 24.08 ? 158 THR A N   1 
ATOM   1298 C  CA  . THR A 1 158 ? 4.129   5.857   -9.503  1.00 25.76 ? 158 THR A CA  1 
ATOM   1299 C  C   . THR A 1 158 ? 5.034   7.051   -9.902  1.00 23.98 ? 158 THR A C   1 
ATOM   1300 O  O   . THR A 1 158 ? 6.189   7.229   -9.436  1.00 25.29 ? 158 THR A O   1 
ATOM   1301 C  CB  . THR A 1 158 ? 3.199   6.299   -8.370  1.00 25.48 ? 158 THR A CB  1 
ATOM   1302 O  OG1 . THR A 1 158 ? 3.961   6.580   -7.195  1.00 24.46 ? 158 THR A OG1 1 
ATOM   1303 C  CG2 . THR A 1 158 ? 2.181   5.204   -8.100  1.00 22.67 ? 158 THR A CG2 1 
ATOM   1304 N  N   . ASP A 1 159 ? 4.447   7.915   -10.737 1.00 25.13 ? 159 ASP A N   1 
ATOM   1305 C  CA  . ASP A 1 159 ? 5.140   9.173   -11.124 1.00 25.08 ? 159 ASP A CA  1 
ATOM   1306 C  C   . ASP A 1 159 ? 4.331   10.398  -10.724 1.00 24.03 ? 159 ASP A C   1 
ATOM   1307 O  O   . ASP A 1 159 ? 3.330   10.684  -11.362 1.00 24.83 ? 159 ASP A O   1 
ATOM   1308 C  CB  . ASP A 1 159 ? 5.299   9.113   -12.653 1.00 25.84 ? 159 ASP A CB  1 
ATOM   1309 C  CG  . ASP A 1 159 ? 6.102   10.350  -13.226 1.00 30.07 ? 159 ASP A CG  1 
ATOM   1310 O  OD1 . ASP A 1 159 ? 6.297   10.361  -14.470 1.00 33.25 ? 159 ASP A OD1 1 
ATOM   1311 O  OD2 . ASP A 1 159 ? 6.480   11.237  -12.443 1.00 33.52 ? 159 ASP A OD2 1 
ATOM   1312 N  N   . TRP A 1 160 ? 4.751   11.082  -9.647  1.00 23.25 ? 160 TRP A N   1 
ATOM   1313 C  CA  . TRP A 1 160 ? 4.000   12.135  -9.055  1.00 24.20 ? 160 TRP A CA  1 
ATOM   1314 C  C   . TRP A 1 160 ? 3.735   13.289  -10.071 1.00 23.91 ? 160 TRP A C   1 
ATOM   1315 O  O   . TRP A 1 160 ? 2.781   14.029  -9.913  1.00 23.36 ? 160 TRP A O   1 
ATOM   1316 C  CB  . TRP A 1 160 ? 4.702   12.713  -7.827  1.00 23.57 ? 160 TRP A CB  1 
ATOM   1317 C  CG  . TRP A 1 160 ? 3.829   13.736  -7.145  1.00 23.03 ? 160 TRP A CG  1 
ATOM   1318 C  CD1 . TRP A 1 160 ? 4.143   15.047  -6.912  1.00 22.54 ? 160 TRP A CD1 1 
ATOM   1319 C  CD2 . TRP A 1 160 ? 2.507   13.549  -6.657  1.00 23.86 ? 160 TRP A CD2 1 
ATOM   1320 N  NE1 . TRP A 1 160 ? 3.084   15.683  -6.322  1.00 26.96 ? 160 TRP A NE1 1 
ATOM   1321 C  CE2 . TRP A 1 160 ? 2.070   14.789  -6.147  1.00 23.98 ? 160 TRP A CE2 1 
ATOM   1322 C  CE3 . TRP A 1 160 ? 1.640   12.442  -6.597  1.00 25.13 ? 160 TRP A CE3 1 
ATOM   1323 C  CZ2 . TRP A 1 160 ? 0.808   14.976  -5.596  1.00 25.55 ? 160 TRP A CZ2 1 
ATOM   1324 C  CZ3 . TRP A 1 160 ? 0.326   12.660  -6.118  1.00 24.94 ? 160 TRP A CZ3 1 
ATOM   1325 C  CH2 . TRP A 1 160 ? -0.059  13.909  -5.603  1.00 26.05 ? 160 TRP A CH2 1 
ATOM   1326 N  N   . LYS A 1 161 ? 4.627   13.437  -11.031 1.00 25.02 ? 161 LYS A N   1 
ATOM   1327 C  CA  . LYS A 1 161 ? 4.492   14.534  -12.018 1.00 26.14 ? 161 LYS A CA  1 
ATOM   1328 C  C   . LYS A 1 161 ? 3.276   14.294  -12.830 1.00 26.50 ? 161 LYS A C   1 
ATOM   1329 O  O   . LYS A 1 161 ? 2.812   15.236  -13.536 1.00 27.06 ? 161 LYS A O   1 
ATOM   1330 C  CB  . LYS A 1 161 ? 5.719   14.519  -12.958 1.00 28.61 ? 161 LYS A CB  1 
ATOM   1331 C  CG  . LYS A 1 161 ? 6.960   15.089  -12.195 1.00 35.18 ? 161 LYS A CG  1 
ATOM   1332 C  CD  . LYS A 1 161 ? 8.217   15.018  -13.044 1.00 42.81 ? 161 LYS A CD  1 
ATOM   1333 C  CE  . LYS A 1 161 ? 9.091   16.268  -12.802 1.00 48.97 ? 161 LYS A CE  1 
ATOM   1334 N  NZ  . LYS A 1 161 ? 10.356  16.271  -13.629 1.00 53.67 ? 161 LYS A NZ  1 
ATOM   1335 N  N   . LYS A 1 162 ? 2.833   13.035  -12.903 1.00 22.04 ? 162 LYS A N   1 
ATOM   1336 C  CA  . LYS A 1 162 ? 1.595   12.714  -13.625 1.00 23.85 ? 162 LYS A CA  1 
ATOM   1337 C  C   . LYS A 1 162 ? 0.320   12.922  -12.865 1.00 23.11 ? 162 LYS A C   1 
ATOM   1338 O  O   . LYS A 1 162 ? -0.786  12.855  -13.447 1.00 24.34 ? 162 LYS A O   1 
ATOM   1339 C  CB  . LYS A 1 162 ? 1.640   11.299  -14.212 1.00 23.22 ? 162 LYS A CB  1 
ATOM   1340 C  CG  . LYS A 1 162 ? 2.736   10.967  -15.251 1.00 27.78 ? 162 LYS A CG  1 
ATOM   1341 C  CD  . LYS A 1 162 ? 2.365   11.627  -16.615 1.00 35.55 ? 162 LYS A CD  1 
ATOM   1342 C  CE  . LYS A 1 162 ? 3.451   11.455  -17.729 1.00 39.28 ? 162 LYS A CE  1 
ATOM   1343 N  NZ  . LYS A 1 162 ? 2.837   11.929  -19.066 1.00 40.39 ? 162 LYS A NZ  1 
ATOM   1344 N  N   . ASP A 1 163 ? 0.380   13.232  -11.557 1.00 24.52 ? 163 ASP A N   1 
ATOM   1345 C  CA  . ASP A 1 163 ? -0.892  13.390  -10.798 1.00 22.14 ? 163 ASP A CA  1 
ATOM   1346 C  C   . ASP A 1 163 ? -1.880  14.375  -11.420 1.00 24.72 ? 163 ASP A C   1 
ATOM   1347 O  O   . ASP A 1 163 ? -1.497  15.560  -11.759 1.00 22.58 ? 163 ASP A O   1 
ATOM   1348 C  CB  . ASP A 1 163 ? -0.644  13.948  -9.380  1.00 24.69 ? 163 ASP A CB  1 
ATOM   1349 C  CG  . ASP A 1 163 ? -1.889  14.250  -8.637  1.00 24.22 ? 163 ASP A CG  1 
ATOM   1350 O  OD1 . ASP A 1 163 ? -2.651  13.298  -8.352  1.00 20.94 ? 163 ASP A OD1 1 
ATOM   1351 O  OD2 . ASP A 1 163 ? -2.148  15.459  -8.291  1.00 26.44 ? 163 ASP A OD2 1 
ATOM   1352 N  N   . LYS A 1 164 ? -3.139  13.966  -11.382 1.00 21.32 ? 164 LYS A N   1 
ATOM   1353 C  CA  . LYS A 1 164 ? -4.273  14.800  -11.764 1.00 22.96 ? 164 LYS A CA  1 
ATOM   1354 C  C   . LYS A 1 164 ? -5.237  15.052  -10.688 1.00 22.64 ? 164 LYS A C   1 
ATOM   1355 O  O   . LYS A 1 164 ? -6.221  15.725  -10.914 1.00 20.39 ? 164 LYS A O   1 
ATOM   1356 C  CB  . LYS A 1 164 ? -4.987  14.197  -13.028 1.00 24.04 ? 164 LYS A CB  1 
ATOM   1357 C  CG  . LYS A 1 164 ? -4.158  14.240  -14.280 1.00 25.02 ? 164 LYS A CG  1 
ATOM   1358 C  CD  . LYS A 1 164 ? -4.163  15.647  -14.820 1.00 29.83 ? 164 LYS A CD  1 
ATOM   1359 C  CE  . LYS A 1 164 ? -3.573  15.700  -16.205 1.00 26.20 ? 164 LYS A CE  1 
ATOM   1360 N  NZ  . LYS A 1 164 ? -4.611  15.500  -17.305 1.00 23.42 ? 164 LYS A NZ  1 
ATOM   1361 N  N   . CYS A 1 165 ? -5.017  14.513  -9.449  1.00 18.86 ? 165 CYS A N   1 
ATOM   1362 C  CA  . CYS A 1 165 ? -6.077  14.583  -8.468  1.00 20.60 ? 165 CYS A CA  1 
ATOM   1363 C  C   . CYS A 1 165 ? -5.855  15.702  -7.451  1.00 19.14 ? 165 CYS A C   1 
ATOM   1364 O  O   . CYS A 1 165 ? -6.792  16.080  -6.722  1.00 19.44 ? 165 CYS A O   1 
ATOM   1365 C  CB  . CYS A 1 165 ? -6.013  13.234  -7.670  1.00 18.99 ? 165 CYS A CB  1 
ATOM   1366 S  SG  . CYS A 1 165 ? -6.619  11.886  -8.598  1.00 22.24 ? 165 CYS A SG  1 
ATOM   1367 N  N   . GLU A 1 166 ? -4.646  16.304  -7.424  1.00 20.96 ? 166 GLU A N   1 
ATOM   1368 C  CA  . GLU A 1 166 ? -4.468  17.448  -6.500  1.00 24.64 ? 166 GLU A CA  1 
ATOM   1369 C  C   . GLU A 1 166 ? -5.541  18.574  -6.647  1.00 25.91 ? 166 GLU A C   1 
ATOM   1370 O  O   . GLU A 1 166 ? -6.089  19.088  -5.643  1.00 26.72 ? 166 GLU A O   1 
ATOM   1371 C  CB  . GLU A 1 166 ? -3.018  18.029  -6.586  1.00 26.51 ? 166 GLU A CB  1 
ATOM   1372 C  CG  . GLU A 1 166 ? -2.594  18.616  -5.308  1.00 31.95 ? 166 GLU A CG  1 
ATOM   1373 C  CD  . GLU A 1 166 ? -1.084  19.083  -5.271  1.00 43.89 ? 166 GLU A CD  1 
ATOM   1374 O  OE1 . GLU A 1 166 ? -0.198  18.698  -6.115  1.00 40.90 ? 166 GLU A OE1 1 
ATOM   1375 O  OE2 . GLU A 1 166 ? -0.825  19.896  -4.369  1.00 50.98 ? 166 GLU A OE2 1 
ATOM   1376 N  N   . PRO A 1 167 ? -5.950  18.878  -7.882  1.00 27.40 ? 167 PRO A N   1 
ATOM   1377 C  CA  . PRO A 1 167 ? -6.991  19.882  -8.044  1.00 29.15 ? 167 PRO A CA  1 
ATOM   1378 C  C   . PRO A 1 167 ? -8.312  19.523  -7.394  1.00 30.46 ? 167 PRO A C   1 
ATOM   1379 O  O   . PRO A 1 167 ? -8.944  20.419  -6.755  1.00 29.96 ? 167 PRO A O   1 
ATOM   1380 C  CB  . PRO A 1 167 ? -7.122  20.036  -9.591  1.00 29.67 ? 167 PRO A CB  1 
ATOM   1381 C  CG  . PRO A 1 167 ? -5.751  19.665  -10.086 1.00 31.59 ? 167 PRO A CG  1 
ATOM   1382 C  CD  . PRO A 1 167 ? -5.325  18.501  -9.166  1.00 26.53 ? 167 PRO A CD  1 
ATOM   1383 N  N   . LEU A 1 168 ? -8.747  18.255  -7.536  1.00 29.64 ? 168 LEU A N   1 
ATOM   1384 C  CA  . LEU A 1 168 ? -9.961  17.735  -6.907  1.00 31.15 ? 168 LEU A CA  1 
ATOM   1385 C  C   . LEU A 1 168 ? -9.824  17.766  -5.365  1.00 33.18 ? 168 LEU A C   1 
ATOM   1386 O  O   . LEU A 1 168 ? -10.667 18.336  -4.670  1.00 33.16 ? 168 LEU A O   1 
ATOM   1387 C  CB  . LEU A 1 168 ? -10.307 16.333  -7.419  1.00 29.69 ? 168 LEU A CB  1 
ATOM   1388 C  CG  . LEU A 1 168 ? -11.572 15.737  -6.812  1.00 29.73 ? 168 LEU A CG  1 
ATOM   1389 C  CD1 . LEU A 1 168 ? -12.812 16.614  -7.298  1.00 31.46 ? 168 LEU A CD1 1 
ATOM   1390 C  CD2 . LEU A 1 168 ? -11.695 14.329  -7.279  1.00 30.08 ? 168 LEU A CD2 1 
ATOM   1391 N  N   . GLU A 1 169 ? -8.682  17.274  -4.846  1.00 33.01 ? 169 GLU A N   1 
ATOM   1392 C  CA  . GLU A 1 169 ? -8.491  17.140  -3.419  1.00 35.14 ? 169 GLU A CA  1 
ATOM   1393 C  C   . GLU A 1 169 ? -8.591  18.544  -2.853  1.00 35.65 ? 169 GLU A C   1 
ATOM   1394 O  O   . GLU A 1 169 ? -9.181  18.793  -1.766  1.00 34.85 ? 169 GLU A O   1 
ATOM   1395 C  CB  . GLU A 1 169 ? -7.092  16.557  -3.095  1.00 34.15 ? 169 GLU A CB  1 
ATOM   1396 C  CG  . GLU A 1 169 ? -6.642  16.815  -1.684  1.00 38.66 ? 169 GLU A CG  1 
ATOM   1397 C  CD  . GLU A 1 169 ? -5.148  16.526  -1.482  1.00 41.52 ? 169 GLU A CD  1 
ATOM   1398 O  OE1 . GLU A 1 169 ? -4.285  16.958  -2.305  1.00 39.63 ? 169 GLU A OE1 1 
ATOM   1399 O  OE2 . GLU A 1 169 ? -4.845  15.821  -0.488  1.00 43.31 ? 169 GLU A OE2 1 
ATOM   1400 N  N   . LYS A 1 170 ? -8.012  19.467  -3.582  1.00 37.07 ? 170 LYS A N   1 
ATOM   1401 C  CA  . LYS A 1 170 ? -8.015  20.821  -3.115  1.00 40.39 ? 170 LYS A CA  1 
ATOM   1402 C  C   . LYS A 1 170 ? -9.449  21.390  -2.958  1.00 41.50 ? 170 LYS A C   1 
ATOM   1403 O  O   . LYS A 1 170 ? -9.727  22.114  -1.999  1.00 43.86 ? 170 LYS A O   1 
ATOM   1404 C  CB  . LYS A 1 170 ? -7.161  21.688  -4.017  1.00 39.65 ? 170 LYS A CB  1 
ATOM   1405 C  CG  . LYS A 1 170 ? -7.422  23.170  -3.847  1.00 44.52 ? 170 LYS A CG  1 
ATOM   1406 C  CD  . LYS A 1 170 ? -6.535  24.036  -4.753  1.00 48.76 ? 170 LYS A CD  1 
ATOM   1407 C  CE  . LYS A 1 170 ? -6.713  25.558  -4.400  1.00 55.55 ? 170 LYS A CE  1 
ATOM   1408 N  NZ  . LYS A 1 170 ? -5.530  26.405  -4.798  1.00 53.87 ? 170 LYS A NZ  1 
ATOM   1409 N  N   . GLN A 1 171 ? -10.330 21.100  -3.915  1.00 43.23 ? 171 GLN A N   1 
ATOM   1410 C  CA  . GLN A 1 171 ? -11.737 21.540  -3.918  1.00 42.80 ? 171 GLN A CA  1 
ATOM   1411 C  C   . GLN A 1 171 ? -12.466 20.776  -2.807  1.00 43.58 ? 171 GLN A C   1 
ATOM   1412 O  O   . GLN A 1 171 ? -13.210 21.384  -2.066  1.00 43.07 ? 171 GLN A O   1 
ATOM   1413 C  CB  . GLN A 1 171 ? -12.350 21.207  -5.300  1.00 42.36 ? 171 GLN A CB  1 
ATOM   1414 C  CG  . GLN A 1 171 ? -13.749 21.753  -5.649  1.00 45.06 ? 171 GLN A CG  1 
ATOM   1415 C  CD  . GLN A 1 171 ? -14.294 21.128  -6.964  1.00 49.84 ? 171 GLN A CD  1 
ATOM   1416 O  OE1 . GLN A 1 171 ? -14.539 19.893  -7.079  1.00 48.93 ? 171 GLN A OE1 1 
ATOM   1417 N  NE2 . GLN A 1 171 ? -14.458 21.983  -7.970  1.00 51.00 ? 171 GLN A NE2 1 
ATOM   1418 N  N   . HIS A 1 172 ? -12.303 19.437  -2.715  1.00 43.64 ? 172 HIS A N   1 
ATOM   1419 C  CA  . HIS A 1 172 ? -12.901 18.658  -1.617  1.00 45.78 ? 172 HIS A CA  1 
ATOM   1420 C  C   . HIS A 1 172 ? -12.591 19.297  -0.249  1.00 48.64 ? 172 HIS A C   1 
ATOM   1421 O  O   . HIS A 1 172 ? -13.454 19.321  0.658   1.00 48.21 ? 172 HIS A O   1 
ATOM   1422 C  CB  . HIS A 1 172 ? -12.403 17.202  -1.603  1.00 44.59 ? 172 HIS A CB  1 
ATOM   1423 C  CG  . HIS A 1 172 ? -13.117 16.290  -2.560  1.00 42.95 ? 172 HIS A CG  1 
ATOM   1424 N  ND1 . HIS A 1 172 ? -12.703 14.991  -2.800  1.00 42.02 ? 172 HIS A ND1 1 
ATOM   1425 C  CD2 . HIS A 1 172 ? -14.192 16.491  -3.368  1.00 45.83 ? 172 HIS A CD2 1 
ATOM   1426 C  CE1 . HIS A 1 172 ? -13.525 14.405  -3.663  1.00 36.95 ? 172 HIS A CE1 1 
ATOM   1427 N  NE2 . HIS A 1 172 ? -14.435 15.299  -4.031  1.00 43.58 ? 172 HIS A NE2 1 
ATOM   1428 N  N   . GLU A 1 173 ? -11.352 19.779  -0.094  1.00 51.46 ? 173 GLU A N   1 
ATOM   1429 C  CA  . GLU A 1 173 ? -10.901 20.487  1.143   1.00 55.18 ? 173 GLU A CA  1 
ATOM   1430 C  C   . GLU A 1 173 ? -11.526 21.916  1.287   1.00 57.42 ? 173 GLU A C   1 
ATOM   1431 O  O   . GLU A 1 173 ? -11.916 22.287  2.402   1.00 57.32 ? 173 GLU A O   1 
ATOM   1432 C  CB  . GLU A 1 173 ? -9.357  20.501  1.283   1.00 54.90 ? 173 GLU A CB  1 
ATOM   1433 C  CG  . GLU A 1 173 ? -8.738  19.139  1.583   0.00 20.00 ? 173 GLU A CG  1 
ATOM   1434 C  CD  . GLU A 1 173 ? -7.216  19.159  1.594   0.00 20.00 ? 173 GLU A CD  1 
ATOM   1435 O  OE1 . GLU A 1 173 ? -6.619  20.254  1.698   0.00 20.00 ? 173 GLU A OE1 1 
ATOM   1436 O  OE2 . GLU A 1 173 ? -6.611  18.070  1.502   0.00 20.00 ? 173 GLU A OE2 1 
ATOM   1437 N  N   . LYS A 1 174 ? -11.677 22.685  0.194   1.00 59.76 ? 174 LYS A N   1 
ATOM   1438 C  CA  . LYS A 1 174 ? -12.352 24.028  0.300   1.00 62.26 ? 174 LYS A CA  1 
ATOM   1439 C  C   . LYS A 1 174 ? -13.864 23.975  0.710   1.00 63.56 ? 174 LYS A C   1 
ATOM   1440 O  O   . LYS A 1 174 ? -14.461 24.995  1.061   1.00 64.14 ? 174 LYS A O   1 
ATOM   1441 C  CB  . LYS A 1 174 ? -12.146 24.896  -0.960  1.00 62.42 ? 174 LYS A CB  1 
ATOM   1442 C  CG  . LYS A 1 174 ? -10.709 25.371  -1.192  1.00 61.51 ? 174 LYS A CG  1 
ATOM   1443 C  CD  . LYS A 1 174 ? -10.656 26.441  -2.271  0.00 20.00 ? 174 LYS A CD  1 
ATOM   1444 C  CE  . LYS A 1 174 ? -9.317  27.157  -2.273  0.00 20.00 ? 174 LYS A CE  1 
ATOM   1445 N  NZ  . LYS A 1 174 ? -9.247  28.203  -3.330  0.00 20.00 ? 174 LYS A NZ  1 
ATOM   1446 N  N   . GLU A 1 175 ? -14.443 22.766  0.689   1.00 65.30 ? 175 GLU A N   1 
ATOM   1447 C  CA  . GLU A 1 175 ? -15.892 22.502  0.899   1.00 66.40 ? 175 GLU A CA  1 
ATOM   1448 C  C   . GLU A 1 175 ? -16.268 21.890  2.262   1.00 66.71 ? 175 GLU A C   1 
ATOM   1449 O  O   . GLU A 1 175 ? -15.452 21.212  2.909   1.00 67.08 ? 175 GLU A O   1 
ATOM   1450 C  CB  . GLU A 1 175 ? -16.423 21.626  -0.252  1.00 66.57 ? 175 GLU A CB  1 
ATOM   1451 C  CG  . GLU A 1 175 ? -16.679 22.438  -1.536  1.00 67.97 ? 175 GLU A CG  1 
ATOM   1452 C  CD  . GLU A 1 175 ? -16.546 21.662  -2.837  1.00 67.58 ? 175 GLU A CD  1 
ATOM   1453 O  OE1 . GLU A 1 175 ? -16.695 20.411  -2.825  1.00 67.32 ? 175 GLU A OE1 1 
ATOM   1454 O  OE2 . GLU A 1 175 ? -16.321 22.338  -3.880  1.00 68.09 ? 175 GLU A OE2 1 
HETATM 1455 O  OAA . JIM B 2 .   ? -4.584  1.552   -0.015  1.00 52.77 ? 193 JIM A OAA 1 
HETATM 1456 C  CAB . JIM B 2 .   ? -4.101  0.212   -0.219  1.00 56.93 ? 193 JIM A CAB 1 
HETATM 1457 C  CAC . JIM B 2 .   ? -5.271  -0.776  -0.241  1.00 57.18 ? 193 JIM A CAC 1 
HETATM 1458 C  CAD . JIM B 2 .   ? -5.032  -2.037  0.613   1.00 56.30 ? 193 JIM A CAD 1 
HETATM 1459 O  OAE . JIM B 2 .   ? -5.019  -3.172  -0.284  1.00 54.44 ? 193 JIM A OAE 1 
HETATM 1460 C  CAF . JIM B 2 .   ? -5.263  -4.577  0.022   1.00 56.72 ? 193 JIM A CAF 1 
HETATM 1461 O  OAG . JIM B 2 .   ? -5.304  -5.359  -0.933  1.00 57.41 ? 193 JIM A OAG 1 
HETATM 1462 O  OAH . JIM B 2 .   ? -5.400  -1.199  -1.600  1.00 60.00 ? 193 JIM A OAH 1 
HETATM 1463 C  CAI . JIM B 2 .   ? -5.478  -5.056  1.428   1.00 52.03 ? 193 JIM A CAI 1 
HETATM 1464 CL CL  . CL  C 3 .   ? 13.120  -8.727  4.788   1.00 33.94 ? 194 CL  A CL  1 
HETATM 1465 O  O   . HOH D 4 .   ? -3.309  10.612  -8.002  1.00 19.05 ? 195 HOH A O   1 
HETATM 1466 O  O   . HOH D 4 .   ? 1.781   -7.306  10.103  1.00 21.16 ? 196 HOH A O   1 
HETATM 1467 O  O   . HOH D 4 .   ? -14.058 9.171   -18.119 1.00 19.34 ? 197 HOH A O   1 
HETATM 1468 O  O   . HOH D 4 .   ? 1.310   8.253   -6.037  1.00 22.05 ? 198 HOH A O   1 
HETATM 1469 O  O   . HOH D 4 .   ? -2.992  3.119   -3.432  1.00 28.90 ? 199 HOH A O   1 
HETATM 1470 O  O   . HOH D 4 .   ? -13.982 10.519  -10.048 1.00 22.22 ? 200 HOH A O   1 
HETATM 1471 O  O   . HOH D 4 .   ? -3.531  2.721   -6.141  1.00 21.53 ? 201 HOH A O   1 
HETATM 1472 O  O   . HOH D 4 .   ? 7.050   6.509   -6.952  1.00 23.23 ? 202 HOH A O   1 
HETATM 1473 O  O   . HOH D 4 .   ? 8.459   7.183   -11.415 1.00 42.94 ? 203 HOH A O   1 
HETATM 1474 O  O   . HOH D 4 .   ? -14.465 -5.858  9.978   1.00 23.89 ? 204 HOH A O   1 
HETATM 1475 O  O   . HOH D 4 .   ? -10.688 8.525   5.226   1.00 24.82 ? 205 HOH A O   1 
HETATM 1476 O  O   . HOH D 4 .   ? -5.218  -13.046 0.151   1.00 23.89 ? 206 HOH A O   1 
HETATM 1477 O  O   . HOH D 4 .   ? -0.457  -15.464 6.648   1.00 39.18 ? 207 HOH A O   1 
HETATM 1478 O  O   . HOH D 4 .   ? 1.115   -4.148  11.842  1.00 24.73 ? 208 HOH A O   1 
HETATM 1479 O  O   . HOH D 4 .   ? -9.370  14.625  -13.718 1.00 25.90 ? 209 HOH A O   1 
HETATM 1480 O  O   . HOH D 4 .   ? -1.222  13.066  -16.220 1.00 25.86 ? 210 HOH A O   1 
HETATM 1481 O  O   . HOH D 4 .   ? 7.374   10.429  -8.377  1.00 25.43 ? 211 HOH A O   1 
HETATM 1482 O  O   . HOH D 4 .   ? 0.678   12.786  4.259   1.00 26.24 ? 212 HOH A O   1 
HETATM 1483 O  O   . HOH D 4 .   ? -9.333  7.073   -16.352 1.00 28.29 ? 213 HOH A O   1 
HETATM 1484 O  O   . HOH D 4 .   ? 8.091   -8.023  15.868  1.00 27.98 ? 214 HOH A O   1 
HETATM 1485 O  O   . HOH D 4 .   ? 3.854   -2.795  11.828  1.00 29.28 ? 215 HOH A O   1 
HETATM 1486 O  O   . HOH D 4 .   ? 3.740   -1.536  14.259  1.00 38.17 ? 216 HOH A O   1 
HETATM 1487 O  O   . HOH D 4 .   ? -7.765  16.744  -12.899 1.00 28.43 ? 217 HOH A O   1 
HETATM 1488 O  O   . HOH D 4 .   ? 9.634   -10.062 16.810  1.00 27.55 ? 218 HOH A O   1 
HETATM 1489 O  O   . HOH D 4 .   ? 2.293   16.556  -9.468  1.00 27.60 ? 219 HOH A O   1 
HETATM 1490 O  O   . HOH D 4 .   ? 5.669   -9.391  15.849  1.00 28.50 ? 220 HOH A O   1 
HETATM 1491 O  O   . HOH D 4 .   ? 15.942  -10.950 6.906   1.00 29.73 ? 221 HOH A O   1 
HETATM 1492 O  O   . HOH D 4 .   ? -2.962  5.169   -17.088 1.00 27.26 ? 222 HOH A O   1 
HETATM 1493 O  O   . HOH D 4 .   ? 0.354   10.215  6.931   1.00 29.56 ? 223 HOH A O   1 
HETATM 1494 O  O   . HOH D 4 .   ? 8.972   -7.000  13.318  1.00 27.34 ? 224 HOH A O   1 
HETATM 1495 O  O   . HOH D 4 .   ? 6.675   -3.557  16.747  1.00 36.52 ? 225 HOH A O   1 
HETATM 1496 O  O   . HOH D 4 .   ? 3.835   9.335   -6.619  1.00 31.38 ? 226 HOH A O   1 
HETATM 1497 O  O   . HOH D 4 .   ? -1.452  9.391   12.267  1.00 28.81 ? 227 HOH A O   1 
HETATM 1498 O  O   . HOH D 4 .   ? 7.790   2.105   -12.997 1.00 29.09 ? 228 HOH A O   1 
HETATM 1499 O  O   . HOH D 4 .   ? -6.021  -4.916  18.905  1.00 32.79 ? 229 HOH A O   1 
HETATM 1500 O  O   . HOH D 4 .   ? -7.422  -9.869  18.197  1.00 42.77 ? 230 HOH A O   1 
HETATM 1501 O  O   . HOH D 4 .   ? -12.610 4.581   15.867  1.00 30.71 ? 231 HOH A O   1 
HETATM 1502 O  O   . HOH D 4 .   ? 14.840  -15.701 1.020   1.00 30.81 ? 232 HOH A O   1 
HETATM 1503 O  O   . HOH D 4 .   ? 7.320   -18.395 -2.051  1.00 35.44 ? 233 HOH A O   1 
HETATM 1504 O  O   . HOH D 4 .   ? -6.891  4.595   20.755  1.00 30.78 ? 234 HOH A O   1 
HETATM 1505 O  O   . HOH D 4 .   ? -3.632  -6.335  18.554  1.00 33.08 ? 235 HOH A O   1 
HETATM 1506 O  O   . HOH D 4 .   ? -4.901  -8.945  18.944  1.00 41.16 ? 236 HOH A O   1 
HETATM 1507 O  O   . HOH D 4 .   ? -0.143  17.238  -8.381  1.00 31.03 ? 237 HOH A O   1 
HETATM 1508 O  O   . HOH D 4 .   ? 0.214   17.029  -2.411  1.00 42.54 ? 238 HOH A O   1 
HETATM 1509 O  O   . HOH D 4 .   ? -5.449  -12.489 8.185   1.00 32.03 ? 239 HOH A O   1 
HETATM 1510 O  O   . HOH D 4 .   ? 1.876   -15.456 8.721   1.00 44.22 ? 240 HOH A O   1 
HETATM 1511 O  O   . HOH D 4 .   ? -14.282 10.906  -12.718 1.00 29.82 ? 241 HOH A O   1 
HETATM 1512 O  O   . HOH D 4 .   ? -7.746  2.652   22.632  1.00 31.48 ? 242 HOH A O   1 
HETATM 1513 O  O   . HOH D 4 .   ? 7.622   14.915  -1.735  1.00 31.44 ? 243 HOH A O   1 
HETATM 1514 O  O   . HOH D 4 .   ? 14.893  -21.644 6.559   1.00 31.76 ? 244 HOH A O   1 
HETATM 1515 O  O   . HOH D 4 .   ? -2.332  13.094  7.161   1.00 31.86 ? 245 HOH A O   1 
HETATM 1516 O  O   . HOH D 4 .   ? -13.024 -3.547  0.184   1.00 32.61 ? 246 HOH A O   1 
HETATM 1517 O  O   . HOH D 4 .   ? -0.434  -13.503 10.033  1.00 34.51 ? 247 HOH A O   1 
HETATM 1518 O  O   . HOH D 4 .   ? -9.886  -7.488  13.896  1.00 33.24 ? 248 HOH A O   1 
HETATM 1519 O  O   . HOH D 4 .   ? 16.194  -9.284  4.586   1.00 29.82 ? 249 HOH A O   1 
HETATM 1520 O  O   . HOH D 4 .   ? -12.209 12.071  -14.022 1.00 31.11 ? 250 HOH A O   1 
HETATM 1521 O  O   . HOH D 4 .   ? -17.295 0.250   9.267   1.00 35.64 ? 251 HOH A O   1 
HETATM 1522 O  O   . HOH D 4 .   ? 0.548   10.637  -19.791 1.00 31.81 ? 252 HOH A O   1 
HETATM 1523 O  O   . HOH D 4 .   ? 2.019   2.254   -10.987 1.00 33.47 ? 253 HOH A O   1 
HETATM 1524 O  O   . HOH D 4 .   ? -9.151  -2.123  -15.441 1.00 34.27 ? 254 HOH A O   1 
HETATM 1525 O  O   . HOH D 4 .   ? 6.561   -3.531  11.458  1.00 33.38 ? 255 HOH A O   1 
HETATM 1526 O  O   . HOH D 4 .   ? 11.375  -8.258  12.628  1.00 33.71 ? 256 HOH A O   1 
HETATM 1527 O  O   . HOH D 4 .   ? 9.008   -13.437 7.722   1.00 37.11 ? 258 HOH A O   1 
HETATM 1528 O  O   . HOH D 4 .   ? 7.783   -6.665  10.989  1.00 31.84 ? 259 HOH A O   1 
HETATM 1529 O  O   . HOH D 4 .   ? -2.091  -11.864 0.060   1.00 33.85 ? 260 HOH A O   1 
HETATM 1530 O  O   . HOH D 4 .   ? -18.328 4.187   -2.707  1.00 33.88 ? 261 HOH A O   1 
HETATM 1531 O  O   . HOH D 4 .   ? -9.343  4.551   -17.291 1.00 32.52 ? 262 HOH A O   1 
HETATM 1532 O  O   . HOH D 4 .   ? 1.634   -4.326  18.006  1.00 36.75 ? 263 HOH A O   1 
HETATM 1533 O  O   . HOH D 4 .   ? 14.981  -5.669  10.186  1.00 37.66 ? 264 HOH A O   1 
HETATM 1534 O  O   . HOH D 4 .   ? 0.610   -1.318  19.274  1.00 34.37 ? 265 HOH A O   1 
HETATM 1535 O  O   . HOH D 4 .   ? 4.199   -11.349 6.476   1.00 36.37 ? 266 HOH A O   1 
HETATM 1536 O  O   . HOH D 4 .   ? -1.965  15.658  -2.689  1.00 37.15 ? 267 HOH A O   1 
HETATM 1537 O  O   . HOH D 4 .   ? -11.408 -7.972  16.376  1.00 33.72 ? 268 HOH A O   1 
HETATM 1538 O  O   . HOH D 4 .   ? 15.360  -7.328  -5.491  1.00 34.66 ? 269 HOH A O   1 
HETATM 1539 O  O   . HOH D 4 .   ? 18.107  -4.292  -3.733  1.00 50.18 ? 270 HOH A O   1 
HETATM 1540 O  O   . HOH D 4 .   ? -7.503  6.329   14.394  1.00 36.02 ? 271 HOH A O   1 
HETATM 1541 O  O   . HOH D 4 .   ? -16.967 5.829   -4.360  1.00 36.14 ? 272 HOH A O   1 
HETATM 1542 O  O   . HOH D 4 .   ? 4.649   -12.390 14.255  1.00 35.70 ? 273 HOH A O   1 
HETATM 1543 O  O   . HOH D 4 .   ? 10.260  -14.855 6.104   1.00 37.29 ? 274 HOH A O   1 
HETATM 1544 O  O   . HOH D 4 .   ? 0.347   15.118  -16.714 1.00 39.16 ? 275 HOH A O   1 
HETATM 1545 O  O   . HOH D 4 .   ? 8.316   -10.792 -10.140 1.00 34.82 ? 276 HOH A O   1 
HETATM 1546 O  O   . HOH D 4 .   ? 15.669  -5.188  -4.004  1.00 39.13 ? 277 HOH A O   1 
HETATM 1547 O  O   . HOH D 4 .   ? 0.188   16.346  1.426   1.00 35.06 ? 278 HOH A O   1 
HETATM 1548 O  O   . HOH D 4 .   ? 3.736   -13.830 7.192   1.00 39.71 ? 279 HOH A O   1 
HETATM 1549 O  O   . HOH D 4 .   ? 0.197   16.342  -13.953 1.00 40.90 ? 280 HOH A O   1 
HETATM 1550 O  O   . HOH D 4 .   ? -8.036  10.660  7.381   1.00 39.31 ? 281 HOH A O   1 
HETATM 1551 O  O   . HOH D 4 .   ? -4.761  12.453  11.086  1.00 43.93 ? 282 HOH A O   1 
HETATM 1552 O  O   . HOH D 4 .   ? 8.269   0.857   12.786  1.00 38.38 ? 283 HOH A O   1 
HETATM 1553 O  O   . HOH D 4 .   ? 7.130   9.048   -6.060  1.00 38.27 ? 284 HOH A O   1 
HETATM 1554 O  O   . HOH D 4 .   ? -3.825  18.926  -12.984 1.00 38.07 ? 285 HOH A O   1 
HETATM 1555 O  O   . HOH D 4 .   ? -1.750  19.789  -9.577  1.00 42.11 ? 286 HOH A O   1 
HETATM 1556 O  O   . HOH D 4 .   ? -9.696  15.775  0.606   1.00 45.14 ? 287 HOH A O   1 
HETATM 1557 O  O   . HOH D 4 .   ? -12.002 -9.695  8.396   1.00 39.68 ? 288 HOH A O   1 
HETATM 1558 O  O   . HOH D 4 .   ? 11.400  4.322   5.389   1.00 42.95 ? 289 HOH A O   1 
HETATM 1559 O  O   . HOH D 4 .   ? -16.971 3.430   9.735   1.00 45.35 ? 290 HOH A O   1 
HETATM 1560 O  O   . HOH D 4 .   ? -12.499 -7.476  10.536  1.00 39.43 ? 291 HOH A O   1 
HETATM 1561 O  O   . HOH D 4 .   ? -16.482 -6.047  11.578  1.00 46.47 ? 292 HOH A O   1 
HETATM 1562 O  O   . HOH D 4 .   ? 9.530   -1.390  11.241  1.00 40.28 ? 293 HOH A O   1 
HETATM 1563 O  O   . HOH D 4 .   ? -18.172 1.095   0.156   1.00 40.11 ? 294 HOH A O   1 
HETATM 1564 O  O   . HOH D 4 .   ? -0.359  5.488   -18.243 1.00 41.64 ? 295 HOH A O   1 
HETATM 1565 O  O   . HOH D 4 .   ? -6.433  8.024   19.811  1.00 42.50 ? 296 HOH A O   1 
HETATM 1566 O  O   . HOH D 4 .   ? -4.992  2.849   -2.239  1.00 44.02 ? 297 HOH A O   1 
HETATM 1567 O  O   . HOH D 4 .   ? -14.338 5.219   9.778   1.00 43.46 ? 298 HOH A O   1 
HETATM 1568 O  O   . HOH D 4 .   ? -16.345 11.436  -0.128  1.00 40.05 ? 299 HOH A O   1 
HETATM 1569 O  O   . HOH D 4 .   ? -12.204 13.519  -10.619 1.00 41.51 ? 301 HOH A O   1 
HETATM 1570 O  O   . HOH D 4 .   ? 9.703   -13.045 -9.051  1.00 37.51 ? 302 HOH A O   1 
HETATM 1571 O  O   . HOH D 4 .   ? 10.101  -14.229 -6.777  1.00 43.69 ? 303 HOH A O   1 
HETATM 1572 O  O   . HOH D 4 .   ? -2.377  18.332  -11.226 1.00 41.70 ? 304 HOH A O   1 
HETATM 1573 O  O   . HOH D 4 .   ? 13.714  1.635   4.596   1.00 38.67 ? 305 HOH A O   1 
HETATM 1574 O  O   . HOH D 4 .   ? -13.996 -13.318 0.065   1.00 40.27 ? 306 HOH A O   1 
HETATM 1575 O  O   . HOH D 4 .   ? 7.443   5.720   -12.986 1.00 46.14 ? 307 HOH A O   1 
HETATM 1576 O  O   . HOH D 4 .   ? 17.215  -7.443  -8.095  1.00 40.46 ? 308 HOH A O   1 
HETATM 1577 O  O   . HOH D 4 .   ? -17.014 2.849   -4.046  1.00 36.21 ? 309 HOH A O   1 
HETATM 1578 O  O   . HOH D 4 .   ? 11.417  -2.283  -15.063 1.00 40.47 ? 310 HOH A O   1 
HETATM 1579 O  O   . HOH D 4 .   ? -10.313 7.066   18.140  1.00 41.53 ? 311 HOH A O   1 
HETATM 1580 O  O   . HOH D 4 .   ? 1.754   -20.670 -5.880  1.00 43.79 ? 312 HOH A O   1 
HETATM 1581 O  O   . HOH D 4 .   ? -17.967 3.871   0.480   1.00 38.86 ? 313 HOH A O   1 
HETATM 1582 O  O   . HOH D 4 .   ? -10.666 11.455  4.945   1.00 49.70 ? 314 HOH A O   1 
HETATM 1583 O  O   . HOH D 4 .   ? -6.929  12.465  9.391   1.00 38.33 ? 315 HOH A O   1 
HETATM 1584 O  O   . HOH D 4 .   ? 16.885  -6.328  -11.043 1.00 44.72 ? 316 HOH A O   1 
HETATM 1585 O  O   . HOH D 4 .   ? -13.386 -0.192  -4.665  1.00 45.03 ? 317 HOH A O   1 
HETATM 1586 O  O   . HOH D 4 .   ? 11.641  -16.710 3.090   1.00 39.93 ? 318 HOH A O   1 
HETATM 1587 O  O   . HOH D 4 .   ? 2.137   7.714   -17.217 1.00 41.72 ? 319 HOH A O   1 
HETATM 1588 O  O   . HOH D 4 .   ? -9.111  22.901  -7.193  1.00 40.34 ? 320 HOH A O   1 
HETATM 1589 O  O   . HOH D 4 .   ? 9.919   9.024   -5.119  1.00 45.90 ? 321 HOH A O   1 
HETATM 1590 O  O   . HOH D 4 .   ? -10.071 6.954   13.481  1.00 50.51 ? 322 HOH A O   1 
HETATM 1591 O  O   . HOH D 4 .   ? -15.923 5.652   -8.152  1.00 45.83 ? 323 HOH A O   1 
HETATM 1592 O  O   . HOH D 4 .   ? 5.238   -19.463 0.154   1.00 51.27 ? 324 HOH A O   1 
HETATM 1593 O  O   . HOH D 4 .   ? -17.019 -1.051  1.099   1.00 39.40 ? 325 HOH A O   1 
HETATM 1594 O  O   . HOH D 4 .   ? 14.267  4.245   -4.937  1.00 50.63 ? 326 HOH A O   1 
HETATM 1595 O  O   . HOH D 4 .   ? 5.952   -11.694 17.098  1.00 43.01 ? 327 HOH A O   1 
HETATM 1596 O  O   . HOH D 4 .   ? 7.109   -14.126 13.441  1.00 45.24 ? 328 HOH A O   1 
HETATM 1597 O  O   . HOH D 4 .   ? 17.080  -8.993  2.086   1.00 42.24 ? 329 HOH A O   1 
HETATM 1598 O  O   . HOH D 4 .   ? -10.368 9.736   12.911  1.00 47.15 ? 330 HOH A O   1 
HETATM 1599 O  O   . HOH D 4 .   ? 8.206   -11.950 18.068  1.00 41.60 ? 331 HOH A O   1 
HETATM 1600 O  O   . HOH D 4 .   ? 0.565   -13.485 12.501  1.00 46.53 ? 332 HOH A O   1 
HETATM 1601 O  O   . HOH D 4 .   ? -3.321  -10.717 -2.323  1.00 48.66 ? 333 HOH A O   1 
HETATM 1602 O  O   . HOH D 4 .   ? -9.801  -12.006 -6.610  1.00 45.95 ? 334 HOH A O   1 
HETATM 1603 O  O   . HOH D 4 .   ? 7.311   -2.723  14.267  1.00 47.05 ? 335 HOH A O   1 
HETATM 1604 O  O   . HOH D 4 .   ? -4.185  16.568  3.977   1.00 47.84 ? 336 HOH A O   1 
HETATM 1605 O  O   . HOH D 4 .   ? -14.499 6.056   12.285  1.00 44.27 ? 337 HOH A O   1 
HETATM 1606 O  O   . HOH D 4 .   ? 2.617   18.628  -5.657  1.00 47.93 ? 338 HOH A O   1 
# 
